data_1ZGU
#
_entry.id   1ZGU
#
loop_
_entity.id
_entity.type
_entity.pdbx_description
1 polymer 'Ubiquitin-conjugating enzyme E2 variant 2'
2 polymer Ubiquitin
#
loop_
_entity_poly.entity_id
_entity_poly.type
_entity_poly.pdbx_seq_one_letter_code
_entity_poly.pdbx_strand_id
1 'polypeptide(L)'
;VKVPRNFRLLEELEEGQKGVGDGTVSWGLEDDEDMTLTRWTGMIIGPPRTNYENRIYSLKVECGPKYPEAPPSVRFVTKI
NMNGINNSSGMVDARSIPVLAKWQNSYSIKVVLQELRRLMMSKENMKLPQPPEGQTYNN
;
A
2 'polypeptide(L)' MQIFVKTLTGKTITLEVEPSDTIENVKAKIQDKEGIPPDQQRLIFAGRQLEDGRTLSDYNIQKESTLHLVLRLRGG B
#
# COMPACT_ATOMS: atom_id res chain seq x y z
N VAL A 1 -7.35 -18.22 21.43
CA VAL A 1 -6.90 -17.44 20.26
C VAL A 1 -7.65 -17.86 19.01
N LYS A 2 -8.06 -16.88 18.21
CA LYS A 2 -8.78 -17.17 16.97
C LYS A 2 -7.83 -17.79 15.95
N VAL A 3 -7.88 -19.11 15.82
CA VAL A 3 -7.02 -19.84 14.90
C VAL A 3 -7.15 -19.33 13.45
N PRO A 4 -8.37 -19.22 12.89
CA PRO A 4 -8.55 -18.76 11.50
C PRO A 4 -8.11 -17.31 11.32
N ARG A 5 -8.44 -16.46 12.29
CA ARG A 5 -8.08 -15.05 12.24
C ARG A 5 -6.57 -14.89 12.18
N ASN A 6 -5.87 -15.54 13.10
CA ASN A 6 -4.41 -15.47 13.16
C ASN A 6 -3.78 -16.04 11.90
N PHE A 7 -4.25 -17.20 11.47
CA PHE A 7 -3.73 -17.86 10.28
C PHE A 7 -3.94 -16.99 9.03
N ARG A 8 -5.15 -16.48 8.87
CA ARG A 8 -5.50 -15.63 7.74
C ARG A 8 -4.66 -14.37 7.70
N LEU A 9 -4.55 -13.70 8.85
CA LEU A 9 -3.79 -12.47 8.94
C LEU A 9 -2.31 -12.69 8.62
N LEU A 10 -1.79 -13.85 9.02
CA LEU A 10 -0.40 -14.18 8.75
C LEU A 10 -0.18 -14.33 7.25
N GLU A 11 -1.19 -14.86 6.56
CA GLU A 11 -1.12 -15.05 5.12
C GLU A 11 -1.24 -13.71 4.39
N GLU A 12 -2.15 -12.86 4.87
CA GLU A 12 -2.36 -11.55 4.27
C GLU A 12 -1.13 -10.67 4.47
N LEU A 13 -0.35 -10.96 5.51
CA LEU A 13 0.88 -10.22 5.79
C LEU A 13 1.83 -10.37 4.61
N GLU A 14 1.91 -11.58 4.08
CA GLU A 14 2.76 -11.88 2.95
C GLU A 14 2.29 -11.12 1.72
N GLU A 15 0.99 -11.21 1.45
CA GLU A 15 0.40 -10.55 0.29
C GLU A 15 0.59 -9.04 0.39
N GLY A 16 0.63 -8.53 1.61
CA GLY A 16 0.82 -7.10 1.82
C GLY A 16 2.24 -6.68 1.58
N GLN A 17 3.19 -7.48 2.07
CA GLN A 17 4.60 -7.19 1.90
C GLN A 17 4.99 -7.26 0.43
N LYS A 18 4.48 -8.28 -0.26
CA LYS A 18 4.78 -8.47 -1.67
C LYS A 18 3.90 -7.58 -2.55
N GLY A 19 2.85 -7.03 -1.95
CA GLY A 19 1.93 -6.17 -2.68
C GLY A 19 1.23 -6.89 -3.81
N VAL A 20 0.73 -8.08 -3.53
CA VAL A 20 0.06 -8.90 -4.54
C VAL A 20 -1.36 -8.40 -4.77
N GLY A 21 -1.82 -8.51 -6.01
CA GLY A 21 -3.16 -8.08 -6.35
C GLY A 21 -3.16 -7.14 -7.52
N ASP A 22 -3.71 -5.96 -7.32
CA ASP A 22 -3.77 -4.93 -8.35
C ASP A 22 -2.37 -4.46 -8.72
N GLY A 23 -1.55 -4.27 -7.70
CA GLY A 23 -0.18 -3.83 -7.92
C GLY A 23 0.09 -2.45 -7.35
N THR A 24 -0.90 -1.57 -7.45
CA THR A 24 -0.76 -0.21 -6.95
C THR A 24 -1.29 -0.09 -5.52
N VAL A 25 -1.17 -1.18 -4.77
CA VAL A 25 -1.62 -1.21 -3.39
C VAL A 25 -0.65 -2.03 -2.54
N SER A 26 -0.50 -1.66 -1.29
CA SER A 26 0.39 -2.36 -0.37
C SER A 26 -0.07 -2.14 1.08
N TRP A 27 0.19 -3.10 1.94
CA TRP A 27 -0.20 -3.00 3.34
C TRP A 27 0.67 -3.90 4.20
N GLY A 28 0.51 -3.81 5.52
CA GLY A 28 1.29 -4.62 6.42
C GLY A 28 1.14 -4.17 7.87
N LEU A 29 1.84 -4.83 8.77
CA LEU A 29 1.79 -4.47 10.18
C LEU A 29 2.35 -3.08 10.38
N GLU A 30 1.61 -2.23 11.07
CA GLU A 30 2.05 -0.86 11.30
C GLU A 30 3.12 -0.80 12.39
N ASP A 31 2.83 -1.42 13.52
CA ASP A 31 3.76 -1.43 14.64
C ASP A 31 4.87 -2.47 14.41
N ASP A 32 4.51 -3.55 13.71
CA ASP A 32 5.42 -4.65 13.40
C ASP A 32 5.70 -5.53 14.62
N GLU A 33 6.03 -4.90 15.74
CA GLU A 33 6.30 -5.63 16.98
C GLU A 33 5.03 -6.26 17.52
N ASP A 34 3.90 -5.62 17.22
CA ASP A 34 2.60 -6.10 17.65
C ASP A 34 2.19 -7.30 16.80
N MET A 35 2.43 -8.50 17.30
CA MET A 35 2.11 -9.71 16.56
C MET A 35 0.68 -10.18 16.78
N THR A 36 -0.16 -9.33 17.38
CA THR A 36 -1.56 -9.69 17.58
C THR A 36 -2.32 -9.53 16.27
N LEU A 37 -1.68 -8.82 15.33
CA LEU A 37 -2.22 -8.59 14.00
C LEU A 37 -3.53 -7.80 14.06
N THR A 38 -3.61 -6.87 15.00
CA THR A 38 -4.80 -6.04 15.15
C THR A 38 -4.51 -4.59 14.75
N ARG A 39 -3.29 -4.33 14.32
CA ARG A 39 -2.90 -2.99 13.90
C ARG A 39 -2.22 -3.04 12.53
N TRP A 40 -3.02 -2.87 11.49
CA TRP A 40 -2.52 -2.93 10.13
C TRP A 40 -2.49 -1.55 9.51
N THR A 41 -1.52 -1.34 8.63
CA THR A 41 -1.39 -0.07 7.94
C THR A 41 -1.57 -0.32 6.45
N GLY A 42 -2.29 0.57 5.79
CA GLY A 42 -2.51 0.42 4.37
C GLY A 42 -2.02 1.61 3.60
N MET A 43 -1.52 1.37 2.39
CA MET A 43 -1.01 2.46 1.57
C MET A 43 -1.59 2.37 0.16
N ILE A 44 -2.22 3.45 -0.27
CA ILE A 44 -2.81 3.51 -1.59
C ILE A 44 -2.11 4.59 -2.41
N ILE A 45 -1.55 4.18 -3.53
CA ILE A 45 -0.87 5.10 -4.42
C ILE A 45 -1.87 5.73 -5.38
N GLY A 46 -2.17 7.00 -5.14
CA GLY A 46 -3.14 7.73 -5.94
C GLY A 46 -2.95 7.58 -7.45
N PRO A 47 -4.02 7.25 -8.18
CA PRO A 47 -3.97 7.08 -9.64
C PRO A 47 -3.75 8.40 -10.37
N PRO A 48 -2.82 8.42 -11.35
CA PRO A 48 -2.53 9.63 -12.13
C PRO A 48 -3.75 10.10 -12.92
N ARG A 49 -3.70 11.36 -13.36
CA ARG A 49 -4.77 12.00 -14.15
C ARG A 49 -6.02 12.27 -13.31
N THR A 50 -5.93 12.11 -12.00
CA THR A 50 -7.06 12.35 -11.11
C THR A 50 -6.67 13.38 -10.05
N ASN A 51 -7.58 13.68 -9.13
CA ASN A 51 -7.28 14.63 -8.06
C ASN A 51 -6.42 13.96 -6.99
N TYR A 52 -6.21 12.66 -7.15
CA TYR A 52 -5.40 11.89 -6.21
C TYR A 52 -4.08 11.54 -6.88
N GLU A 53 -3.79 12.19 -8.00
CA GLU A 53 -2.57 11.95 -8.76
C GLU A 53 -1.31 12.15 -7.93
N ASN A 54 -0.48 11.10 -7.88
CA ASN A 54 0.79 11.13 -7.15
C ASN A 54 0.59 11.42 -5.66
N ARG A 55 -0.56 11.02 -5.14
CA ARG A 55 -0.86 11.23 -3.74
C ARG A 55 -0.84 9.90 -2.99
N ILE A 56 0.16 9.72 -2.14
CA ILE A 56 0.30 8.51 -1.36
C ILE A 56 -0.54 8.60 -0.09
N TYR A 57 -1.70 7.97 -0.12
CA TYR A 57 -2.61 7.99 1.02
C TYR A 57 -2.33 6.83 1.96
N SER A 58 -2.39 7.11 3.25
CA SER A 58 -2.15 6.09 4.26
C SER A 58 -3.43 5.80 5.02
N LEU A 59 -3.67 4.52 5.30
CA LEU A 59 -4.87 4.09 6.02
C LEU A 59 -4.51 3.19 7.19
N LYS A 60 -5.45 3.04 8.10
CA LYS A 60 -5.28 2.19 9.27
C LYS A 60 -6.39 1.15 9.29
N VAL A 61 -6.00 -0.12 9.36
CA VAL A 61 -6.97 -1.21 9.36
C VAL A 61 -6.86 -2.04 10.63
N GLU A 62 -8.00 -2.28 11.26
CA GLU A 62 -8.06 -3.08 12.48
C GLU A 62 -9.00 -4.25 12.29
N CYS A 63 -8.43 -5.43 12.20
CA CYS A 63 -9.23 -6.64 12.02
C CYS A 63 -9.69 -7.18 13.36
N GLY A 64 -11.00 -7.22 13.56
CA GLY A 64 -11.56 -7.69 14.81
C GLY A 64 -11.48 -9.21 14.96
N PRO A 65 -11.99 -9.75 16.08
CA PRO A 65 -11.97 -11.20 16.34
C PRO A 65 -12.87 -11.97 15.39
N LYS A 66 -13.80 -11.27 14.76
CA LYS A 66 -14.73 -11.90 13.83
C LYS A 66 -14.16 -11.94 12.41
N TYR A 67 -12.95 -11.42 12.23
CA TYR A 67 -12.31 -11.42 10.92
C TYR A 67 -11.98 -12.85 10.51
N PRO A 68 -12.13 -13.21 9.22
CA PRO A 68 -12.61 -12.31 8.16
C PRO A 68 -14.11 -12.42 7.89
N GLU A 69 -14.84 -13.04 8.81
CA GLU A 69 -16.27 -13.21 8.64
C GLU A 69 -16.98 -11.86 8.70
N ALA A 70 -16.47 -10.98 9.55
CA ALA A 70 -17.04 -9.65 9.72
C ALA A 70 -16.10 -8.59 9.13
N PRO A 71 -16.65 -7.45 8.68
CA PRO A 71 -15.85 -6.36 8.10
C PRO A 71 -14.96 -5.70 9.12
N PRO A 72 -13.68 -5.48 8.78
CA PRO A 72 -12.71 -4.85 9.67
C PRO A 72 -12.90 -3.33 9.74
N SER A 73 -12.20 -2.68 10.66
CA SER A 73 -12.29 -1.24 10.80
C SER A 73 -11.24 -0.56 9.93
N VAL A 74 -11.68 0.23 8.96
CA VAL A 74 -10.79 0.93 8.06
C VAL A 74 -10.99 2.44 8.15
N ARG A 75 -9.89 3.19 8.23
CA ARG A 75 -9.95 4.63 8.31
C ARG A 75 -8.72 5.25 7.65
N PHE A 76 -8.89 6.46 7.11
CA PHE A 76 -7.80 7.18 6.47
C PHE A 76 -7.02 8.00 7.48
N VAL A 77 -5.72 8.10 7.27
CA VAL A 77 -4.87 8.89 8.15
C VAL A 77 -4.61 10.24 7.52
N THR A 78 -4.34 10.22 6.22
CA THR A 78 -4.09 11.44 5.46
C THR A 78 -5.42 12.06 5.03
N LYS A 79 -5.48 13.38 5.02
CA LYS A 79 -6.69 14.07 4.62
C LYS A 79 -7.05 13.78 3.16
N ILE A 80 -8.27 13.31 2.96
CA ILE A 80 -8.75 12.98 1.64
C ILE A 80 -10.23 13.31 1.50
N ASN A 81 -10.60 13.87 0.37
CA ASN A 81 -11.99 14.19 0.11
C ASN A 81 -12.58 13.14 -0.82
N MET A 82 -13.21 12.15 -0.22
CA MET A 82 -13.81 11.05 -0.97
C MET A 82 -15.14 10.68 -0.33
N ASN A 83 -16.13 10.39 -1.15
CA ASN A 83 -17.45 10.02 -0.66
C ASN A 83 -17.38 8.78 0.23
N GLY A 84 -17.88 8.91 1.44
CA GLY A 84 -17.87 7.80 2.38
C GLY A 84 -16.81 7.96 3.44
N ILE A 85 -15.93 8.93 3.24
CA ILE A 85 -14.85 9.19 4.19
C ILE A 85 -15.16 10.42 5.03
N ASN A 86 -15.09 10.26 6.35
CA ASN A 86 -15.36 11.34 7.28
C ASN A 86 -14.28 12.42 7.14
N ASN A 87 -14.68 13.68 7.23
CA ASN A 87 -13.76 14.81 7.07
C ASN A 87 -13.02 15.17 8.35
N SER A 88 -13.46 14.63 9.48
CA SER A 88 -12.82 14.95 10.76
C SER A 88 -11.99 13.79 11.29
N SER A 89 -12.52 12.58 11.22
CA SER A 89 -11.81 11.40 11.70
C SER A 89 -11.15 10.63 10.56
N GLY A 90 -11.72 10.76 9.36
CA GLY A 90 -11.19 10.06 8.22
C GLY A 90 -11.69 8.63 8.15
N MET A 91 -12.60 8.30 9.05
CA MET A 91 -13.19 6.96 9.10
C MET A 91 -14.03 6.69 7.87
N VAL A 92 -13.86 5.51 7.30
CA VAL A 92 -14.61 5.10 6.12
C VAL A 92 -15.93 4.47 6.53
N ASP A 93 -17.00 4.80 5.81
CA ASP A 93 -18.31 4.25 6.11
C ASP A 93 -18.53 2.92 5.40
N ALA A 94 -19.14 1.98 6.10
CA ALA A 94 -19.39 0.65 5.56
C ALA A 94 -20.43 0.63 4.44
N ARG A 95 -21.60 1.20 4.71
CA ARG A 95 -22.69 1.21 3.72
C ARG A 95 -22.37 2.08 2.50
N SER A 96 -21.29 2.83 2.56
CA SER A 96 -20.89 3.68 1.45
C SER A 96 -20.00 2.90 0.47
N ILE A 97 -19.21 1.98 1.00
CA ILE A 97 -18.32 1.18 0.19
C ILE A 97 -18.93 -0.20 -0.08
N PRO A 98 -19.12 -0.55 -1.36
CA PRO A 98 -19.71 -1.83 -1.78
C PRO A 98 -19.14 -3.05 -1.05
N VAL A 99 -17.82 -3.16 -0.99
CA VAL A 99 -17.18 -4.31 -0.34
C VAL A 99 -17.39 -4.32 1.17
N LEU A 100 -17.64 -3.17 1.77
CA LEU A 100 -17.86 -3.09 3.20
C LEU A 100 -19.31 -3.32 3.54
N ALA A 101 -20.20 -2.80 2.69
CA ALA A 101 -21.63 -2.97 2.88
C ALA A 101 -22.02 -4.43 2.66
N LYS A 102 -21.53 -5.00 1.58
CA LYS A 102 -21.79 -6.39 1.24
C LYS A 102 -20.53 -7.20 1.45
N TRP A 103 -20.01 -7.16 2.67
CA TRP A 103 -18.80 -7.88 3.02
C TRP A 103 -19.00 -9.39 3.00
N GLN A 104 -17.96 -10.10 2.60
CA GLN A 104 -17.97 -11.54 2.53
C GLN A 104 -16.69 -12.07 3.13
N ASN A 105 -16.75 -13.26 3.72
CA ASN A 105 -15.57 -13.86 4.36
C ASN A 105 -14.49 -14.20 3.34
N SER A 106 -14.84 -14.14 2.06
CA SER A 106 -13.90 -14.41 1.00
C SER A 106 -13.06 -13.18 0.67
N TYR A 107 -13.42 -12.04 1.27
CA TYR A 107 -12.70 -10.79 1.03
C TYR A 107 -11.46 -10.69 1.92
N SER A 108 -10.69 -9.63 1.73
CA SER A 108 -9.48 -9.39 2.50
C SER A 108 -9.16 -7.90 2.51
N ILE A 109 -8.12 -7.51 3.24
CA ILE A 109 -7.71 -6.11 3.30
C ILE A 109 -7.29 -5.66 1.91
N LYS A 110 -6.74 -6.60 1.15
CA LYS A 110 -6.30 -6.37 -0.20
C LYS A 110 -7.43 -5.82 -1.06
N VAL A 111 -8.56 -6.51 -1.03
CA VAL A 111 -9.73 -6.12 -1.81
C VAL A 111 -10.24 -4.74 -1.38
N VAL A 112 -10.18 -4.47 -0.09
CA VAL A 112 -10.64 -3.19 0.45
C VAL A 112 -9.84 -2.03 -0.14
N LEU A 113 -8.53 -2.13 -0.05
CA LEU A 113 -7.66 -1.07 -0.56
C LEU A 113 -7.84 -0.90 -2.07
N GLN A 114 -7.95 -2.02 -2.78
CA GLN A 114 -8.13 -1.99 -4.22
C GLN A 114 -9.46 -1.35 -4.58
N GLU A 115 -10.50 -1.65 -3.80
CA GLU A 115 -11.83 -1.09 -4.03
C GLU A 115 -11.81 0.41 -3.78
N LEU A 116 -11.15 0.82 -2.71
CA LEU A 116 -11.05 2.24 -2.38
C LEU A 116 -10.37 2.99 -3.51
N ARG A 117 -9.26 2.45 -4.01
CA ARG A 117 -8.54 3.07 -5.12
C ARG A 117 -9.40 3.10 -6.37
N ARG A 118 -10.20 2.05 -6.53
CA ARG A 118 -11.09 1.94 -7.68
C ARG A 118 -12.15 3.04 -7.62
N LEU A 119 -12.66 3.29 -6.42
CA LEU A 119 -13.67 4.32 -6.21
C LEU A 119 -13.08 5.72 -6.36
N MET A 120 -11.76 5.81 -6.22
CA MET A 120 -11.07 7.09 -6.36
C MET A 120 -11.04 7.51 -7.83
N MET A 121 -11.10 6.51 -8.71
CA MET A 121 -11.08 6.76 -10.13
C MET A 121 -12.49 7.08 -10.64
N SER A 122 -13.48 6.92 -9.76
CA SER A 122 -14.86 7.19 -10.12
C SER A 122 -15.08 8.69 -10.29
N LYS A 123 -15.96 9.04 -11.21
CA LYS A 123 -16.26 10.44 -11.53
C LYS A 123 -16.68 11.24 -10.30
N GLU A 124 -17.41 10.60 -9.41
CA GLU A 124 -17.92 11.25 -8.19
C GLU A 124 -16.81 11.60 -7.19
N ASN A 125 -15.63 11.02 -7.36
CA ASN A 125 -14.54 11.26 -6.42
C ASN A 125 -13.32 11.90 -7.10
N MET A 126 -13.06 11.49 -8.34
CA MET A 126 -11.91 11.99 -9.09
C MET A 126 -11.91 13.51 -9.26
N LYS A 127 -13.07 14.13 -9.15
CA LYS A 127 -13.16 15.58 -9.32
C LYS A 127 -13.47 16.28 -8.00
N LEU A 128 -13.12 15.65 -6.89
CA LEU A 128 -13.35 16.24 -5.58
C LEU A 128 -12.11 17.02 -5.14
N PRO A 129 -12.29 18.32 -4.83
CA PRO A 129 -11.17 19.18 -4.37
C PRO A 129 -10.51 18.62 -3.11
N GLN A 130 -9.24 18.33 -3.21
CA GLN A 130 -8.49 17.77 -2.09
C GLN A 130 -7.75 18.86 -1.31
N PRO A 131 -7.74 18.75 0.02
CA PRO A 131 -7.06 19.72 0.89
C PRO A 131 -5.54 19.59 0.77
N PRO A 132 -4.77 20.56 1.33
CA PRO A 132 -3.31 20.56 1.28
C PRO A 132 -2.68 19.19 1.56
N GLU A 133 -1.92 18.70 0.59
CA GLU A 133 -1.26 17.40 0.71
C GLU A 133 -0.29 17.39 1.88
N GLY A 134 -0.44 16.41 2.75
CA GLY A 134 0.43 16.31 3.91
C GLY A 134 -0.34 16.40 5.21
N GLN A 135 -1.54 16.97 5.15
CA GLN A 135 -2.37 17.11 6.33
C GLN A 135 -2.94 15.75 6.75
N THR A 136 -2.86 15.47 8.04
CA THR A 136 -3.35 14.22 8.57
C THR A 136 -4.51 14.47 9.52
N TYR A 137 -5.35 13.46 9.72
CA TYR A 137 -6.50 13.58 10.61
C TYR A 137 -6.06 13.52 12.07
N ASN A 138 -4.80 13.18 12.29
CA ASN A 138 -4.24 13.11 13.62
C ASN A 138 -2.75 13.45 13.55
N ASN A 139 -2.24 14.09 14.60
CA ASN A 139 -0.84 14.49 14.66
C ASN A 139 -0.52 15.46 13.53
N MET B 1 21.62 -12.06 -3.02
CA MET B 1 20.24 -12.63 -3.04
C MET B 1 19.46 -12.11 -4.23
N GLN B 2 18.51 -12.90 -4.68
CA GLN B 2 17.67 -12.54 -5.82
C GLN B 2 16.37 -11.90 -5.34
N ILE B 3 16.10 -10.70 -5.82
CA ILE B 3 14.87 -10.01 -5.46
C ILE B 3 14.05 -9.75 -6.72
N PHE B 4 12.74 -9.60 -6.56
CA PHE B 4 11.86 -9.36 -7.69
C PHE B 4 11.37 -7.92 -7.71
N VAL B 5 11.87 -7.14 -8.64
CA VAL B 5 11.45 -5.75 -8.75
C VAL B 5 10.32 -5.64 -9.76
N LYS B 6 9.11 -5.49 -9.26
CA LYS B 6 7.94 -5.39 -10.13
C LYS B 6 7.48 -3.95 -10.24
N THR B 7 7.45 -3.46 -11.46
CA THR B 7 6.99 -2.10 -11.73
C THR B 7 5.48 -2.10 -11.89
N LEU B 8 4.85 -0.94 -11.73
CA LEU B 8 3.39 -0.82 -11.85
C LEU B 8 2.91 -1.24 -13.24
N THR B 9 3.84 -1.25 -14.19
CA THR B 9 3.53 -1.64 -15.55
C THR B 9 3.25 -3.14 -15.64
N GLY B 10 3.82 -3.89 -14.70
CA GLY B 10 3.61 -5.33 -14.68
C GLY B 10 4.91 -6.11 -14.74
N LYS B 11 5.86 -5.60 -15.52
CA LYS B 11 7.15 -6.26 -15.70
C LYS B 11 7.86 -6.48 -14.37
N THR B 12 8.38 -7.68 -14.17
CA THR B 12 9.10 -8.03 -12.97
C THR B 12 10.53 -8.43 -13.33
N ILE B 13 11.50 -7.68 -12.83
CA ILE B 13 12.89 -7.97 -13.12
C ILE B 13 13.57 -8.56 -11.89
N THR B 14 14.56 -9.39 -12.13
CA THR B 14 15.30 -10.03 -11.06
C THR B 14 16.59 -9.25 -10.79
N LEU B 15 16.84 -8.94 -9.53
CA LEU B 15 18.03 -8.21 -9.17
C LEU B 15 18.86 -9.00 -8.16
N GLU B 16 20.13 -9.17 -8.47
CA GLU B 16 21.05 -9.91 -7.61
C GLU B 16 21.85 -8.92 -6.75
N VAL B 17 21.36 -8.66 -5.54
CA VAL B 17 22.02 -7.72 -4.65
C VAL B 17 22.13 -8.30 -3.24
N GLU B 18 22.90 -7.63 -2.40
CA GLU B 18 23.08 -8.05 -1.02
C GLU B 18 22.37 -7.08 -0.08
N PRO B 19 21.94 -7.53 1.11
CA PRO B 19 21.25 -6.69 2.09
C PRO B 19 22.01 -5.40 2.44
N SER B 20 23.33 -5.48 2.39
CA SER B 20 24.18 -4.33 2.72
C SER B 20 24.20 -3.26 1.62
N ASP B 21 23.56 -3.56 0.50
CA ASP B 21 23.51 -2.61 -0.61
C ASP B 21 22.47 -1.53 -0.35
N THR B 22 22.75 -0.32 -0.79
CA THR B 22 21.84 0.80 -0.61
C THR B 22 20.85 0.89 -1.77
N ILE B 23 19.68 1.42 -1.48
CA ILE B 23 18.64 1.59 -2.51
C ILE B 23 19.15 2.48 -3.63
N GLU B 24 19.99 3.45 -3.28
CA GLU B 24 20.57 4.37 -4.25
C GLU B 24 21.38 3.59 -5.28
N ASN B 25 22.01 2.50 -4.83
CA ASN B 25 22.80 1.65 -5.71
C ASN B 25 21.88 0.72 -6.48
N VAL B 26 20.85 0.24 -5.80
CA VAL B 26 19.86 -0.64 -6.39
C VAL B 26 19.24 0.03 -7.61
N LYS B 27 18.89 1.31 -7.45
CA LYS B 27 18.30 2.09 -8.53
C LYS B 27 19.25 2.16 -9.73
N ALA B 28 20.53 2.36 -9.45
CA ALA B 28 21.54 2.45 -10.49
C ALA B 28 21.66 1.15 -11.26
N LYS B 29 21.51 0.04 -10.56
CA LYS B 29 21.58 -1.26 -11.18
C LYS B 29 20.37 -1.47 -12.10
N ILE B 30 19.23 -0.97 -11.66
CA ILE B 30 18.01 -1.06 -12.45
C ILE B 30 18.15 -0.16 -13.68
N GLN B 31 18.81 0.97 -13.49
CA GLN B 31 19.04 1.93 -14.56
C GLN B 31 19.98 1.34 -15.62
N ASP B 32 20.88 0.47 -15.17
CA ASP B 32 21.84 -0.16 -16.06
C ASP B 32 21.21 -1.26 -16.92
N LYS B 33 20.40 -2.11 -16.30
CA LYS B 33 19.79 -3.20 -17.05
C LYS B 33 18.45 -2.82 -17.70
N GLU B 34 17.65 -2.00 -17.04
CA GLU B 34 16.36 -1.60 -17.58
C GLU B 34 16.43 -0.25 -18.30
N GLY B 35 17.20 0.66 -17.75
CA GLY B 35 17.33 1.98 -18.36
C GLY B 35 16.39 3.00 -17.74
N ILE B 36 15.89 2.69 -16.55
CA ILE B 36 14.98 3.58 -15.85
C ILE B 36 15.76 4.52 -14.93
N PRO B 37 15.69 5.84 -15.19
CA PRO B 37 16.38 6.85 -14.38
C PRO B 37 16.02 6.75 -12.89
N PRO B 38 17.04 6.62 -12.02
CA PRO B 38 16.85 6.49 -10.56
C PRO B 38 16.04 7.64 -9.97
N ASP B 39 16.12 8.80 -10.60
CA ASP B 39 15.39 9.99 -10.13
C ASP B 39 13.89 9.75 -10.11
N GLN B 40 13.38 8.97 -11.04
CA GLN B 40 11.95 8.70 -11.11
C GLN B 40 11.62 7.34 -10.53
N GLN B 41 12.52 6.81 -9.72
CA GLN B 41 12.30 5.50 -9.10
C GLN B 41 11.85 5.67 -7.65
N ARG B 42 10.73 5.05 -7.31
CA ARG B 42 10.20 5.09 -5.96
C ARG B 42 9.77 3.69 -5.53
N LEU B 43 10.53 3.11 -4.61
CA LEU B 43 10.24 1.75 -4.14
C LEU B 43 9.25 1.74 -2.99
N ILE B 44 8.29 0.83 -3.08
CA ILE B 44 7.26 0.66 -2.06
C ILE B 44 7.34 -0.76 -1.50
N PHE B 45 7.35 -0.88 -0.18
CA PHE B 45 7.43 -2.19 0.47
C PHE B 45 6.78 -2.15 1.85
N ALA B 46 6.12 -3.25 2.22
CA ALA B 46 5.44 -3.39 3.52
C ALA B 46 4.40 -2.30 3.74
N GLY B 47 3.86 -1.76 2.66
CA GLY B 47 2.86 -0.72 2.76
C GLY B 47 3.44 0.63 3.11
N ARG B 48 4.71 0.85 2.79
CA ARG B 48 5.36 2.12 3.07
C ARG B 48 6.37 2.46 1.99
N GLN B 49 6.82 3.72 1.98
CA GLN B 49 7.78 4.18 0.99
C GLN B 49 9.20 3.99 1.51
N LEU B 50 10.10 3.57 0.63
CA LEU B 50 11.48 3.35 0.99
C LEU B 50 12.31 4.57 0.62
N GLU B 51 13.47 4.71 1.24
CA GLU B 51 14.36 5.82 0.97
C GLU B 51 15.48 5.42 0.02
N ASP B 52 16.40 6.35 -0.23
CA ASP B 52 17.52 6.11 -1.13
C ASP B 52 18.80 5.76 -0.37
N GLY B 53 19.16 6.61 0.56
CA GLY B 53 20.37 6.41 1.34
C GLY B 53 20.21 5.40 2.46
N ARG B 54 19.49 4.31 2.21
CA ARG B 54 19.29 3.27 3.19
C ARG B 54 19.59 1.92 2.55
N THR B 55 19.84 0.92 3.38
CA THR B 55 20.15 -0.41 2.88
C THR B 55 18.90 -1.28 2.82
N LEU B 56 19.00 -2.42 2.18
CA LEU B 56 17.88 -3.34 2.09
C LEU B 56 17.57 -3.90 3.47
N SER B 57 18.59 -3.99 4.31
CA SER B 57 18.44 -4.49 5.66
C SER B 57 17.69 -3.49 6.53
N ASP B 58 17.68 -2.22 6.10
CA ASP B 58 16.98 -1.16 6.84
C ASP B 58 15.48 -1.41 6.87
N TYR B 59 14.97 -2.06 5.85
CA TYR B 59 13.54 -2.35 5.78
C TYR B 59 13.30 -3.84 5.97
N ASN B 60 14.36 -4.56 6.32
CA ASN B 60 14.29 -6.02 6.53
C ASN B 60 13.86 -6.73 5.25
N ILE B 61 14.45 -6.35 4.13
CA ILE B 61 14.12 -6.97 2.86
C ILE B 61 14.97 -8.23 2.65
N GLN B 62 14.31 -9.34 2.45
CA GLN B 62 14.99 -10.61 2.25
C GLN B 62 14.98 -10.99 0.77
N LYS B 63 15.30 -12.24 0.49
CA LYS B 63 15.33 -12.74 -0.87
C LYS B 63 13.92 -13.07 -1.35
N GLU B 64 13.78 -13.20 -2.67
CA GLU B 64 12.50 -13.53 -3.31
C GLU B 64 11.40 -12.53 -2.91
N SER B 65 11.80 -11.30 -2.61
CA SER B 65 10.85 -10.29 -2.22
C SER B 65 10.41 -9.47 -3.43
N THR B 66 9.11 -9.37 -3.63
CA THR B 66 8.56 -8.63 -4.75
C THR B 66 8.39 -7.16 -4.40
N LEU B 67 9.42 -6.38 -4.68
CA LEU B 67 9.40 -4.95 -4.42
C LEU B 67 8.55 -4.25 -5.47
N HIS B 68 7.98 -3.11 -5.13
CA HIS B 68 7.15 -2.38 -6.07
C HIS B 68 7.83 -1.11 -6.52
N LEU B 69 8.06 -1.00 -7.82
CA LEU B 69 8.69 0.16 -8.40
C LEU B 69 7.63 1.11 -8.93
N VAL B 70 7.39 2.17 -8.18
CA VAL B 70 6.40 3.17 -8.55
C VAL B 70 7.09 4.33 -9.25
N LEU B 71 6.74 4.54 -10.50
CA LEU B 71 7.32 5.62 -11.29
C LEU B 71 6.96 6.98 -10.71
N ARG B 72 7.99 7.73 -10.36
CA ARG B 72 7.81 9.06 -9.82
C ARG B 72 7.87 10.08 -10.95
N LEU B 73 6.71 10.38 -11.51
CA LEU B 73 6.61 11.32 -12.62
C LEU B 73 7.17 12.68 -12.22
N ARG B 74 8.23 13.08 -12.89
CA ARG B 74 8.87 14.35 -12.63
C ARG B 74 8.86 15.22 -13.88
N GLY B 75 7.97 16.19 -13.89
CA GLY B 75 7.85 17.07 -15.03
C GLY B 75 6.83 16.57 -16.03
N GLY B 76 5.61 17.06 -15.93
CA GLY B 76 4.57 16.63 -16.83
C GLY B 76 3.23 17.24 -16.49
N VAL A 1 -5.89 -18.13 21.52
CA VAL A 1 -5.27 -17.61 20.29
C VAL A 1 -5.91 -18.26 19.07
N LYS A 2 -6.50 -17.43 18.21
CA LYS A 2 -7.14 -17.94 17.00
C LYS A 2 -6.08 -18.37 15.99
N VAL A 3 -5.92 -19.67 15.85
CA VAL A 3 -4.93 -20.23 14.93
C VAL A 3 -5.20 -19.81 13.47
N PRO A 4 -6.42 -19.99 12.94
CA PRO A 4 -6.73 -19.60 11.55
C PRO A 4 -6.49 -18.11 11.29
N ARG A 5 -6.92 -17.29 12.24
CA ARG A 5 -6.74 -15.85 12.12
C ARG A 5 -5.26 -15.49 12.10
N ASN A 6 -4.50 -16.07 13.03
CA ASN A 6 -3.07 -15.82 13.11
C ASN A 6 -2.36 -16.24 11.84
N PHE A 7 -2.63 -17.45 11.39
CA PHE A 7 -2.03 -17.98 10.18
C PHE A 7 -2.37 -17.11 8.97
N ARG A 8 -3.64 -16.76 8.85
CA ARG A 8 -4.10 -15.92 7.75
C ARG A 8 -3.38 -14.58 7.75
N LEU A 9 -3.29 -13.95 8.92
CA LEU A 9 -2.61 -12.67 9.05
C LEU A 9 -1.14 -12.79 8.65
N LEU A 10 -0.52 -13.89 9.06
CA LEU A 10 0.88 -14.14 8.72
C LEU A 10 1.04 -14.29 7.21
N GLU A 11 0.02 -14.85 6.58
CA GLU A 11 0.01 -15.03 5.14
C GLU A 11 -0.11 -13.68 4.44
N GLU A 12 -1.08 -12.88 4.90
CA GLU A 12 -1.32 -11.54 4.34
C GLU A 12 -0.07 -10.68 4.47
N LEU A 13 0.73 -10.96 5.51
CA LEU A 13 1.96 -10.22 5.73
C LEU A 13 2.90 -10.43 4.55
N GLU A 14 3.04 -11.68 4.14
CA GLU A 14 3.89 -12.03 3.01
C GLU A 14 3.31 -11.44 1.73
N GLU A 15 1.99 -11.50 1.61
CA GLU A 15 1.29 -10.97 0.45
C GLU A 15 1.55 -9.46 0.33
N GLY A 16 1.59 -8.79 1.49
CA GLY A 16 1.84 -7.36 1.51
C GLY A 16 3.25 -7.03 1.07
N GLN A 17 4.19 -7.89 1.44
CA GLN A 17 5.59 -7.69 1.09
C GLN A 17 5.83 -8.02 -0.38
N LYS A 18 4.81 -8.59 -1.03
CA LYS A 18 4.90 -8.93 -2.44
C LYS A 18 3.98 -8.04 -3.26
N GLY A 19 3.14 -7.27 -2.57
CA GLY A 19 2.21 -6.38 -3.23
C GLY A 19 1.22 -7.12 -4.11
N VAL A 20 0.69 -8.21 -3.58
CA VAL A 20 -0.28 -9.04 -4.30
C VAL A 20 -1.54 -8.25 -4.60
N GLY A 21 -2.06 -8.42 -5.81
CA GLY A 21 -3.27 -7.73 -6.19
C GLY A 21 -3.19 -7.14 -7.58
N ASP A 22 -3.81 -5.98 -7.75
CA ASP A 22 -3.83 -5.29 -9.03
C ASP A 22 -2.42 -4.92 -9.50
N GLY A 23 -1.55 -4.62 -8.55
CA GLY A 23 -0.18 -4.27 -8.88
C GLY A 23 0.27 -2.95 -8.27
N THR A 24 -0.68 -2.17 -7.80
CA THR A 24 -0.37 -0.87 -7.20
C THR A 24 -0.52 -0.91 -5.67
N VAL A 25 -1.57 -1.55 -5.21
CA VAL A 25 -1.85 -1.64 -3.77
C VAL A 25 -0.73 -2.34 -3.01
N SER A 26 -0.47 -1.87 -1.79
CA SER A 26 0.56 -2.41 -0.93
C SER A 26 0.15 -2.25 0.53
N TRP A 27 0.53 -3.19 1.39
CA TRP A 27 0.19 -3.12 2.79
C TRP A 27 1.21 -3.88 3.64
N GLY A 28 1.11 -3.74 4.95
CA GLY A 28 2.01 -4.40 5.87
C GLY A 28 1.61 -4.16 7.31
N LEU A 29 2.44 -4.58 8.24
CA LEU A 29 2.15 -4.40 9.67
C LEU A 29 2.51 -2.99 10.10
N GLU A 30 1.71 -2.43 11.01
CA GLU A 30 1.97 -1.07 11.50
C GLU A 30 3.11 -1.05 12.51
N ASP A 31 2.82 -1.45 13.74
CA ASP A 31 3.84 -1.45 14.78
C ASP A 31 4.76 -2.65 14.63
N ASP A 32 4.20 -3.78 14.21
CA ASP A 32 4.97 -5.01 13.99
C ASP A 32 5.50 -5.58 15.32
N GLU A 33 5.07 -4.98 16.42
CA GLU A 33 5.51 -5.42 17.75
C GLU A 33 4.48 -6.32 18.39
N ASP A 34 3.21 -5.98 18.22
CA ASP A 34 2.14 -6.76 18.80
C ASP A 34 1.93 -8.03 17.97
N MET A 35 2.09 -9.17 18.63
CA MET A 35 1.96 -10.47 17.97
C MET A 35 0.50 -10.82 17.62
N THR A 36 -0.44 -9.95 17.95
CA THR A 36 -1.84 -10.21 17.63
C THR A 36 -2.10 -9.91 16.16
N LEU A 37 -1.18 -9.15 15.55
CA LEU A 37 -1.26 -8.77 14.14
C LEU A 37 -2.60 -8.13 13.80
N THR A 38 -3.04 -7.21 14.65
CA THR A 38 -4.31 -6.53 14.44
C THR A 38 -4.11 -5.18 13.75
N ARG A 39 -2.95 -4.56 13.96
CA ARG A 39 -2.66 -3.27 13.36
C ARG A 39 -1.97 -3.40 12.01
N TRP A 40 -2.70 -3.07 10.95
CA TRP A 40 -2.17 -3.15 9.60
C TRP A 40 -2.11 -1.77 8.95
N THR A 41 -1.09 -1.57 8.14
CA THR A 41 -0.89 -0.32 7.43
C THR A 41 -1.16 -0.50 5.94
N GLY A 42 -2.12 0.25 5.43
CA GLY A 42 -2.45 0.17 4.03
C GLY A 42 -1.98 1.40 3.29
N MET A 43 -1.44 1.24 2.09
CA MET A 43 -0.97 2.37 1.33
C MET A 43 -1.54 2.34 -0.08
N ILE A 44 -2.13 3.45 -0.48
CA ILE A 44 -2.72 3.57 -1.81
C ILE A 44 -2.14 4.76 -2.55
N ILE A 45 -1.52 4.48 -3.69
CA ILE A 45 -0.97 5.53 -4.53
C ILE A 45 -2.08 6.10 -5.39
N GLY A 46 -2.36 7.38 -5.22
CA GLY A 46 -3.41 8.05 -5.97
C GLY A 46 -3.32 7.80 -7.47
N PRO A 47 -4.42 7.32 -8.08
CA PRO A 47 -4.47 7.04 -9.51
C PRO A 47 -4.12 8.26 -10.37
N PRO A 48 -3.30 8.07 -11.41
CA PRO A 48 -2.89 9.15 -12.31
C PRO A 48 -4.08 9.83 -12.98
N ARG A 49 -3.85 11.07 -13.45
CA ARG A 49 -4.87 11.88 -14.13
C ARG A 49 -5.92 12.44 -13.16
N THR A 50 -6.26 11.68 -12.14
CA THR A 50 -7.25 12.13 -11.16
C THR A 50 -6.63 13.19 -10.25
N ASN A 51 -7.43 13.75 -9.35
CA ASN A 51 -6.92 14.75 -8.42
C ASN A 51 -6.09 14.09 -7.32
N TYR A 52 -6.03 12.77 -7.34
CA TYR A 52 -5.27 12.01 -6.37
C TYR A 52 -3.92 11.60 -6.95
N GLU A 53 -3.65 12.04 -8.18
CA GLU A 53 -2.40 11.69 -8.87
C GLU A 53 -1.16 12.00 -8.03
N ASN A 54 -0.29 10.98 -7.91
CA ASN A 54 0.97 11.09 -7.17
C ASN A 54 0.73 11.37 -5.69
N ARG A 55 -0.45 11.02 -5.20
CA ARG A 55 -0.75 11.23 -3.79
C ARG A 55 -0.67 9.91 -3.04
N ILE A 56 0.35 9.77 -2.21
CA ILE A 56 0.54 8.57 -1.44
C ILE A 56 -0.27 8.65 -0.15
N TYR A 57 -1.39 7.95 -0.13
CA TYR A 57 -2.28 7.96 1.03
C TYR A 57 -2.01 6.78 1.95
N SER A 58 -2.04 7.06 3.24
CA SER A 58 -1.83 6.03 4.26
C SER A 58 -3.15 5.69 4.94
N LEU A 59 -3.37 4.41 5.18
CA LEU A 59 -4.60 3.94 5.82
C LEU A 59 -4.28 2.99 6.97
N LYS A 60 -5.20 2.92 7.92
CA LYS A 60 -5.06 2.04 9.06
C LYS A 60 -6.16 0.99 9.01
N VAL A 61 -5.76 -0.28 9.07
CA VAL A 61 -6.71 -1.37 9.02
C VAL A 61 -6.61 -2.22 10.29
N GLU A 62 -7.72 -2.38 10.98
CA GLU A 62 -7.76 -3.17 12.20
C GLU A 62 -8.66 -4.38 12.00
N CYS A 63 -8.03 -5.54 11.83
CA CYS A 63 -8.76 -6.79 11.64
C CYS A 63 -9.15 -7.38 12.99
N GLY A 64 -10.44 -7.37 13.27
CA GLY A 64 -10.92 -7.89 14.53
C GLY A 64 -10.91 -9.41 14.58
N PRO A 65 -11.38 -9.99 15.70
CA PRO A 65 -11.41 -11.45 15.87
C PRO A 65 -12.49 -12.11 15.00
N LYS A 66 -13.40 -11.30 14.48
CA LYS A 66 -14.48 -11.80 13.65
C LYS A 66 -14.05 -11.86 12.19
N TYR A 67 -12.82 -11.43 11.91
CA TYR A 67 -12.29 -11.46 10.55
C TYR A 67 -12.08 -12.91 10.11
N PRO A 68 -12.39 -13.25 8.84
CA PRO A 68 -12.92 -12.32 7.85
C PRO A 68 -14.43 -12.38 7.70
N GLU A 69 -15.12 -12.88 8.72
CA GLU A 69 -16.58 -12.98 8.70
C GLU A 69 -17.18 -11.57 8.77
N ALA A 70 -16.55 -10.73 9.56
CA ALA A 70 -17.00 -9.35 9.73
C ALA A 70 -15.98 -8.38 9.12
N PRO A 71 -16.46 -7.28 8.54
CA PRO A 71 -15.60 -6.28 7.92
C PRO A 71 -14.67 -5.58 8.92
N PRO A 72 -13.38 -5.48 8.61
CA PRO A 72 -12.39 -4.83 9.47
C PRO A 72 -12.55 -3.31 9.49
N SER A 73 -11.99 -2.68 10.51
CA SER A 73 -12.06 -1.23 10.64
C SER A 73 -11.00 -0.56 9.78
N VAL A 74 -11.43 0.21 8.79
CA VAL A 74 -10.51 0.90 7.89
C VAL A 74 -10.71 2.41 7.98
N ARG A 75 -9.60 3.13 8.15
CA ARG A 75 -9.65 4.59 8.24
C ARG A 75 -8.43 5.22 7.56
N PHE A 76 -8.61 6.41 7.02
CA PHE A 76 -7.54 7.13 6.35
C PHE A 76 -6.72 7.94 7.34
N VAL A 77 -5.43 8.00 7.12
CA VAL A 77 -4.54 8.76 7.98
C VAL A 77 -4.30 10.16 7.41
N THR A 78 -3.95 10.19 6.13
CA THR A 78 -3.70 11.45 5.43
C THR A 78 -5.02 12.08 5.02
N LYS A 79 -5.05 13.41 4.95
CA LYS A 79 -6.27 14.13 4.58
C LYS A 79 -6.63 13.86 3.13
N ILE A 80 -7.84 13.36 2.93
CA ILE A 80 -8.34 13.05 1.60
C ILE A 80 -9.83 13.34 1.51
N ASN A 81 -10.24 13.96 0.42
CA ASN A 81 -11.64 14.29 0.21
C ASN A 81 -12.24 13.28 -0.76
N MET A 82 -12.88 12.27 -0.21
CA MET A 82 -13.50 11.21 -1.00
C MET A 82 -14.85 10.84 -0.42
N ASN A 83 -15.82 10.61 -1.28
CA ASN A 83 -17.19 10.25 -0.85
C ASN A 83 -17.19 9.02 0.04
N GLY A 84 -17.49 9.20 1.31
CA GLY A 84 -17.53 8.08 2.23
C GLY A 84 -16.47 8.16 3.30
N ILE A 85 -15.53 9.08 3.14
CA ILE A 85 -14.45 9.24 4.09
C ILE A 85 -14.71 10.48 4.96
N ASN A 86 -14.68 10.30 6.27
CA ASN A 86 -14.90 11.40 7.21
C ASN A 86 -13.79 12.45 7.07
N ASN A 87 -14.17 13.72 7.10
CA ASN A 87 -13.21 14.81 6.94
C ASN A 87 -12.55 15.23 8.26
N SER A 88 -12.98 14.62 9.35
CA SER A 88 -12.43 14.96 10.66
C SER A 88 -11.61 13.81 11.24
N SER A 89 -12.22 12.63 11.33
CA SER A 89 -11.55 11.47 11.88
C SER A 89 -10.82 10.70 10.78
N GLY A 90 -11.35 10.76 9.57
CA GLY A 90 -10.74 10.05 8.45
C GLY A 90 -11.29 8.65 8.32
N MET A 91 -12.26 8.33 9.15
CA MET A 91 -12.88 7.00 9.14
C MET A 91 -13.66 6.79 7.84
N VAL A 92 -13.66 5.56 7.36
CA VAL A 92 -14.37 5.22 6.13
C VAL A 92 -15.73 4.61 6.45
N ASP A 93 -16.77 5.17 5.88
CA ASP A 93 -18.13 4.67 6.10
C ASP A 93 -18.34 3.36 5.35
N ALA A 94 -18.69 2.33 6.09
CA ALA A 94 -18.91 1.00 5.54
C ALA A 94 -20.09 0.96 4.56
N ARG A 95 -21.12 1.77 4.80
CA ARG A 95 -22.29 1.76 3.93
C ARG A 95 -22.07 2.61 2.67
N SER A 96 -20.90 3.23 2.58
CA SER A 96 -20.56 4.04 1.41
C SER A 96 -19.67 3.24 0.47
N ILE A 97 -19.11 2.15 0.98
CA ILE A 97 -18.22 1.29 0.21
C ILE A 97 -18.91 -0.05 -0.05
N PRO A 98 -19.11 -0.40 -1.33
CA PRO A 98 -19.78 -1.65 -1.74
C PRO A 98 -19.23 -2.91 -1.04
N VAL A 99 -17.92 -3.08 -1.04
CA VAL A 99 -17.31 -4.26 -0.44
C VAL A 99 -17.44 -4.27 1.09
N LEU A 100 -17.76 -3.13 1.69
CA LEU A 100 -17.92 -3.06 3.13
C LEU A 100 -19.38 -3.21 3.51
N ALA A 101 -20.26 -2.59 2.74
CA ALA A 101 -21.69 -2.67 2.98
C ALA A 101 -22.15 -4.10 2.84
N LYS A 102 -21.75 -4.72 1.75
CA LYS A 102 -22.08 -6.11 1.49
C LYS A 102 -20.82 -6.95 1.59
N TRP A 103 -20.19 -6.88 2.74
CA TRP A 103 -18.95 -7.61 3.00
C TRP A 103 -19.16 -9.12 2.90
N GLN A 104 -18.15 -9.79 2.37
CA GLN A 104 -18.18 -11.24 2.21
C GLN A 104 -16.90 -11.81 2.81
N ASN A 105 -16.99 -13.01 3.37
CA ASN A 105 -15.82 -13.66 3.98
C ASN A 105 -14.77 -14.01 2.94
N SER A 106 -15.13 -13.86 1.66
CA SER A 106 -14.22 -14.15 0.57
C SER A 106 -13.34 -12.94 0.25
N TYR A 107 -13.62 -11.82 0.90
CA TYR A 107 -12.85 -10.60 0.69
C TYR A 107 -11.68 -10.53 1.65
N SER A 108 -10.81 -9.55 1.43
CA SER A 108 -9.64 -9.37 2.26
C SER A 108 -9.27 -7.89 2.33
N ILE A 109 -8.23 -7.56 3.08
CA ILE A 109 -7.78 -6.18 3.22
C ILE A 109 -7.41 -5.61 1.85
N LYS A 110 -6.76 -6.46 1.05
CA LYS A 110 -6.35 -6.09 -0.30
C LYS A 110 -7.53 -5.67 -1.15
N VAL A 111 -8.64 -6.41 -1.03
CA VAL A 111 -9.85 -6.11 -1.80
C VAL A 111 -10.38 -4.73 -1.44
N VAL A 112 -10.37 -4.42 -0.16
CA VAL A 112 -10.86 -3.12 0.33
C VAL A 112 -10.02 -1.99 -0.24
N LEU A 113 -8.70 -2.15 -0.17
CA LEU A 113 -7.78 -1.15 -0.68
C LEU A 113 -7.98 -0.92 -2.17
N GLN A 114 -8.16 -2.02 -2.91
CA GLN A 114 -8.37 -1.95 -4.35
C GLN A 114 -9.70 -1.26 -4.66
N GLU A 115 -10.71 -1.56 -3.85
CA GLU A 115 -12.03 -0.96 -4.03
C GLU A 115 -11.96 0.54 -3.82
N LEU A 116 -11.25 0.95 -2.78
CA LEU A 116 -11.09 2.36 -2.48
C LEU A 116 -10.42 3.08 -3.63
N ARG A 117 -9.36 2.47 -4.19
CA ARG A 117 -8.65 3.06 -5.30
C ARG A 117 -9.54 3.11 -6.54
N ARG A 118 -10.42 2.12 -6.67
CA ARG A 118 -11.35 2.06 -7.79
C ARG A 118 -12.36 3.19 -7.67
N LEU A 119 -12.79 3.45 -6.45
CA LEU A 119 -13.75 4.51 -6.16
C LEU A 119 -13.10 5.89 -6.30
N MET A 120 -11.77 5.92 -6.22
CA MET A 120 -11.03 7.18 -6.36
C MET A 120 -11.08 7.65 -7.80
N MET A 121 -11.29 6.70 -8.71
CA MET A 121 -11.38 7.00 -10.13
C MET A 121 -12.82 7.29 -10.52
N SER A 122 -13.71 7.29 -9.54
CA SER A 122 -15.12 7.55 -9.78
C SER A 122 -15.31 9.02 -10.16
N LYS A 123 -16.25 9.27 -11.06
CA LYS A 123 -16.52 10.63 -11.54
C LYS A 123 -16.79 11.60 -10.38
N GLU A 124 -17.52 11.13 -9.37
CA GLU A 124 -17.86 11.96 -8.23
C GLU A 124 -16.75 12.01 -7.17
N ASN A 125 -15.56 11.56 -7.53
CA ASN A 125 -14.44 11.55 -6.58
C ASN A 125 -13.15 12.07 -7.23
N MET A 126 -12.88 11.59 -8.44
CA MET A 126 -11.66 11.95 -9.18
C MET A 126 -11.48 13.45 -9.36
N LYS A 127 -12.56 14.22 -9.28
CA LYS A 127 -12.47 15.67 -9.45
C LYS A 127 -12.77 16.42 -8.16
N LEU A 128 -12.79 15.71 -7.04
CA LEU A 128 -13.08 16.34 -5.76
C LEU A 128 -11.87 17.13 -5.27
N PRO A 129 -12.06 18.41 -4.89
CA PRO A 129 -10.98 19.26 -4.40
C PRO A 129 -10.30 18.63 -3.18
N GLN A 130 -9.01 18.34 -3.33
CA GLN A 130 -8.26 17.70 -2.27
C GLN A 130 -7.63 18.73 -1.33
N PRO A 131 -7.41 18.36 -0.06
CA PRO A 131 -6.78 19.24 0.93
C PRO A 131 -5.28 19.26 0.73
N PRO A 132 -4.56 20.22 1.36
CA PRO A 132 -3.10 20.32 1.25
C PRO A 132 -2.40 18.98 1.49
N GLU A 133 -1.67 18.51 0.48
CA GLU A 133 -0.97 17.23 0.57
C GLU A 133 0.03 17.25 1.71
N GLY A 134 0.04 16.19 2.49
CA GLY A 134 0.95 16.09 3.61
C GLY A 134 0.20 16.18 4.92
N GLN A 135 -0.95 16.86 4.90
CA GLN A 135 -1.76 17.01 6.10
C GLN A 135 -2.38 15.69 6.50
N THR A 136 -2.43 15.44 7.79
CA THR A 136 -3.00 14.21 8.31
C THR A 136 -4.17 14.54 9.23
N TYR A 137 -5.01 13.55 9.51
CA TYR A 137 -6.16 13.76 10.39
C TYR A 137 -5.71 13.70 11.85
N ASN A 138 -4.50 13.20 12.06
CA ASN A 138 -3.94 13.08 13.38
C ASN A 138 -2.49 13.52 13.36
N ASN A 139 -2.05 14.18 14.44
CA ASN A 139 -0.68 14.66 14.57
C ASN A 139 -0.35 15.62 13.44
N MET B 1 20.94 -12.01 -2.07
CA MET B 1 19.61 -12.66 -2.17
C MET B 1 18.88 -12.16 -3.41
N GLN B 2 17.92 -12.93 -3.88
CA GLN B 2 17.15 -12.59 -5.07
C GLN B 2 15.81 -11.96 -4.69
N ILE B 3 15.53 -10.81 -5.27
CA ILE B 3 14.28 -10.13 -5.03
C ILE B 3 13.58 -9.88 -6.37
N PHE B 4 12.30 -9.53 -6.31
CA PHE B 4 11.53 -9.28 -7.51
C PHE B 4 11.04 -7.84 -7.56
N VAL B 5 11.47 -7.10 -8.56
CA VAL B 5 11.05 -5.71 -8.73
C VAL B 5 9.95 -5.66 -9.77
N LYS B 6 8.73 -5.42 -9.33
CA LYS B 6 7.59 -5.38 -10.22
C LYS B 6 7.04 -3.96 -10.36
N THR B 7 6.86 -3.53 -11.58
CA THR B 7 6.31 -2.21 -11.86
C THR B 7 4.79 -2.28 -11.81
N LEU B 8 4.14 -1.12 -11.77
CA LEU B 8 2.69 -1.08 -11.73
C LEU B 8 2.11 -1.61 -13.04
N THR B 9 2.89 -1.49 -14.10
CA THR B 9 2.47 -1.95 -15.41
C THR B 9 2.46 -3.48 -15.47
N GLY B 10 3.35 -4.11 -14.71
CA GLY B 10 3.39 -5.56 -14.71
C GLY B 10 4.79 -6.12 -14.92
N LYS B 11 5.67 -5.33 -15.52
CA LYS B 11 7.04 -5.77 -15.78
C LYS B 11 7.75 -6.13 -14.48
N THR B 12 8.22 -7.36 -14.40
CA THR B 12 8.92 -7.84 -13.22
C THR B 12 10.37 -8.19 -13.57
N ILE B 13 11.31 -7.68 -12.80
CA ILE B 13 12.72 -7.95 -13.02
C ILE B 13 13.36 -8.54 -11.77
N THR B 14 14.26 -9.48 -11.97
CA THR B 14 14.96 -10.11 -10.86
C THR B 14 16.20 -9.30 -10.49
N LEU B 15 16.47 -9.18 -9.21
CA LEU B 15 17.63 -8.44 -8.75
C LEU B 15 18.36 -9.19 -7.64
N GLU B 16 19.68 -9.20 -7.72
CA GLU B 16 20.50 -9.87 -6.72
C GLU B 16 21.19 -8.83 -5.84
N VAL B 17 20.61 -8.57 -4.68
CA VAL B 17 21.16 -7.59 -3.76
C VAL B 17 21.26 -8.16 -2.35
N GLU B 18 21.90 -7.40 -1.48
CA GLU B 18 22.06 -7.80 -0.09
C GLU B 18 21.14 -6.98 0.80
N PRO B 19 20.71 -7.52 1.94
CA PRO B 19 19.82 -6.80 2.86
C PRO B 19 20.46 -5.52 3.41
N SER B 20 21.79 -5.46 3.32
CA SER B 20 22.53 -4.31 3.79
C SER B 20 22.77 -3.29 2.68
N ASP B 21 22.18 -3.54 1.51
CA ASP B 21 22.32 -2.63 0.39
C ASP B 21 21.38 -1.46 0.54
N THR B 22 21.81 -0.31 0.03
CA THR B 22 21.01 0.90 0.11
C THR B 22 20.01 0.97 -1.04
N ILE B 23 18.91 1.67 -0.82
CA ILE B 23 17.89 1.82 -1.86
C ILE B 23 18.50 2.48 -3.10
N GLU B 24 19.44 3.39 -2.87
CA GLU B 24 20.11 4.09 -3.96
C GLU B 24 20.89 3.09 -4.83
N ASN B 25 21.53 2.12 -4.18
CA ASN B 25 22.30 1.09 -4.89
C ASN B 25 21.35 0.23 -5.71
N VAL B 26 20.22 -0.13 -5.11
CA VAL B 26 19.21 -0.94 -5.77
C VAL B 26 18.74 -0.25 -7.05
N LYS B 27 18.48 1.05 -6.95
CA LYS B 27 18.03 1.85 -8.08
C LYS B 27 19.09 1.86 -9.19
N ALA B 28 20.35 1.97 -8.79
CA ALA B 28 21.46 1.99 -9.73
C ALA B 28 21.53 0.68 -10.51
N LYS B 29 21.25 -0.42 -9.83
CA LYS B 29 21.26 -1.74 -10.46
C LYS B 29 20.14 -1.83 -11.48
N ILE B 30 18.98 -1.26 -11.14
CA ILE B 30 17.84 -1.26 -12.04
C ILE B 30 18.14 -0.39 -13.26
N GLN B 31 18.83 0.72 -13.05
CA GLN B 31 19.19 1.62 -14.13
C GLN B 31 20.22 0.96 -15.05
N ASP B 32 20.90 -0.06 -14.55
CA ASP B 32 21.91 -0.76 -15.33
C ASP B 32 21.28 -1.77 -16.29
N LYS B 33 20.28 -2.50 -15.81
CA LYS B 33 19.64 -3.52 -16.65
C LYS B 33 18.39 -2.98 -17.36
N GLU B 34 17.68 -2.06 -16.72
CA GLU B 34 16.47 -1.51 -17.30
C GLU B 34 16.72 -0.14 -17.92
N GLY B 35 17.53 0.67 -17.26
CA GLY B 35 17.84 2.00 -17.78
C GLY B 35 16.89 3.06 -17.26
N ILE B 36 16.20 2.77 -16.17
CA ILE B 36 15.26 3.71 -15.59
C ILE B 36 15.97 4.60 -14.58
N PRO B 37 16.00 5.92 -14.83
CA PRO B 37 16.65 6.89 -13.92
C PRO B 37 16.10 6.79 -12.49
N PRO B 38 17.00 6.58 -11.51
CA PRO B 38 16.65 6.46 -10.08
C PRO B 38 15.74 7.58 -9.59
N ASP B 39 15.89 8.76 -10.19
CA ASP B 39 15.09 9.92 -9.81
C ASP B 39 13.59 9.65 -9.93
N GLN B 40 13.18 8.97 -10.99
CA GLN B 40 11.77 8.68 -11.23
C GLN B 40 11.36 7.34 -10.64
N GLN B 41 12.30 6.68 -9.97
CA GLN B 41 12.02 5.38 -9.37
C GLN B 41 11.36 5.54 -8.00
N ARG B 42 10.05 5.43 -7.97
CA ARG B 42 9.32 5.53 -6.71
C ARG B 42 9.04 4.12 -6.20
N LEU B 43 9.89 3.65 -5.31
CA LEU B 43 9.77 2.30 -4.77
C LEU B 43 8.89 2.26 -3.52
N ILE B 44 7.90 1.38 -3.56
CA ILE B 44 6.97 1.19 -2.44
C ILE B 44 7.08 -0.25 -1.93
N PHE B 45 7.09 -0.42 -0.61
CA PHE B 45 7.17 -1.74 -0.02
C PHE B 45 6.51 -1.76 1.35
N ALA B 46 5.76 -2.84 1.62
CA ALA B 46 5.07 -3.03 2.90
C ALA B 46 4.17 -1.85 3.27
N GLY B 47 3.64 -1.18 2.25
CA GLY B 47 2.76 -0.05 2.48
C GLY B 47 3.51 1.19 2.95
N ARG B 48 4.79 1.24 2.64
CA ARG B 48 5.62 2.39 3.02
C ARG B 48 6.52 2.79 1.87
N GLN B 49 6.88 4.07 1.83
CA GLN B 49 7.75 4.58 0.78
C GLN B 49 9.20 4.36 1.17
N LEU B 50 9.99 3.82 0.24
CA LEU B 50 11.39 3.55 0.52
C LEU B 50 12.27 4.78 0.28
N GLU B 51 12.98 5.18 1.32
CA GLU B 51 13.89 6.33 1.25
C GLU B 51 15.18 5.92 0.54
N ASP B 52 15.68 6.78 -0.33
CA ASP B 52 16.90 6.51 -1.10
C ASP B 52 18.12 6.30 -0.21
N GLY B 53 18.13 6.95 0.95
CA GLY B 53 19.26 6.84 1.85
C GLY B 53 19.08 5.75 2.89
N ARG B 54 18.09 4.89 2.71
CA ARG B 54 17.84 3.81 3.65
C ARG B 54 18.34 2.48 3.10
N THR B 55 18.37 1.48 3.96
CA THR B 55 18.81 0.15 3.57
C THR B 55 17.63 -0.82 3.58
N LEU B 56 17.81 -1.99 2.98
CA LEU B 56 16.73 -2.99 2.90
C LEU B 56 16.33 -3.49 4.29
N SER B 57 17.29 -3.57 5.20
CA SER B 57 17.03 -4.04 6.55
C SER B 57 16.18 -3.05 7.34
N ASP B 58 16.23 -1.76 6.94
CA ASP B 58 15.48 -0.71 7.62
C ASP B 58 13.98 -0.95 7.50
N TYR B 59 13.57 -1.54 6.39
CA TYR B 59 12.16 -1.82 6.14
C TYR B 59 11.84 -3.30 6.31
N ASN B 60 12.81 -4.05 6.82
CA ASN B 60 12.65 -5.49 7.04
C ASN B 60 12.33 -6.21 5.73
N ILE B 61 13.10 -5.91 4.70
CA ILE B 61 12.91 -6.53 3.40
C ILE B 61 13.65 -7.86 3.33
N GLN B 62 12.90 -8.94 3.12
CA GLN B 62 13.48 -10.27 3.04
C GLN B 62 13.69 -10.69 1.59
N LYS B 63 14.13 -11.91 1.39
CA LYS B 63 14.36 -12.44 0.06
C LYS B 63 13.02 -12.82 -0.58
N GLU B 64 13.01 -12.91 -1.91
CA GLU B 64 11.82 -13.28 -2.67
C GLU B 64 10.70 -12.23 -2.53
N SER B 65 11.04 -11.07 -1.98
CA SER B 65 10.06 -10.01 -1.80
C SER B 65 9.80 -9.32 -3.13
N THR B 66 8.60 -8.81 -3.32
CA THR B 66 8.25 -8.15 -4.56
C THR B 66 8.01 -6.66 -4.34
N LEU B 67 8.98 -5.86 -4.73
CA LEU B 67 8.89 -4.41 -4.59
C LEU B 67 7.96 -3.84 -5.65
N HIS B 68 7.40 -2.68 -5.38
CA HIS B 68 6.50 -2.03 -6.32
C HIS B 68 7.15 -0.77 -6.86
N LEU B 69 7.51 -0.80 -8.13
CA LEU B 69 8.15 0.34 -8.77
C LEU B 69 7.11 1.24 -9.42
N VAL B 70 6.84 2.36 -8.78
CA VAL B 70 5.88 3.33 -9.29
C VAL B 70 6.58 4.27 -10.24
N LEU B 71 6.10 4.31 -11.48
CA LEU B 71 6.68 5.17 -12.50
C LEU B 71 6.13 6.59 -12.39
N ARG B 72 6.94 7.48 -11.82
CA ARG B 72 6.53 8.87 -11.66
C ARG B 72 6.97 9.68 -12.88
N LEU B 73 6.07 10.53 -13.36
CA LEU B 73 6.36 11.38 -14.52
C LEU B 73 7.36 12.48 -14.16
N ARG B 74 7.88 13.14 -15.18
CA ARG B 74 8.83 14.21 -14.99
C ARG B 74 8.97 15.04 -16.27
N GLY B 75 8.26 16.16 -16.31
CA GLY B 75 8.32 17.03 -17.47
C GLY B 75 7.33 16.61 -18.54
N GLY B 76 6.36 17.47 -18.80
CA GLY B 76 5.36 17.18 -19.81
C GLY B 76 4.05 17.84 -19.48
N VAL A 1 -5.65 -17.72 21.49
CA VAL A 1 -5.34 -17.01 20.23
C VAL A 1 -5.94 -17.73 19.05
N LYS A 2 -6.60 -16.98 18.17
CA LYS A 2 -7.22 -17.56 17.00
C LYS A 2 -6.15 -17.94 15.98
N VAL A 3 -5.78 -19.22 15.98
CA VAL A 3 -4.75 -19.72 15.07
C VAL A 3 -5.09 -19.45 13.60
N PRO A 4 -6.30 -19.82 13.11
CA PRO A 4 -6.68 -19.58 11.71
C PRO A 4 -6.62 -18.10 11.34
N ARG A 5 -6.93 -17.24 12.30
CA ARG A 5 -6.92 -15.79 12.08
C ARG A 5 -5.49 -15.27 12.06
N ASN A 6 -4.70 -15.67 13.06
CA ASN A 6 -3.31 -15.22 13.18
C ASN A 6 -2.47 -15.75 12.02
N PHE A 7 -2.67 -17.00 11.65
CA PHE A 7 -1.92 -17.60 10.55
C PHE A 7 -2.24 -16.87 9.26
N ARG A 8 -3.53 -16.55 9.06
CA ARG A 8 -3.97 -15.83 7.88
C ARG A 8 -3.26 -14.49 7.79
N LEU A 9 -3.22 -13.78 8.92
CA LEU A 9 -2.57 -12.49 8.98
C LEU A 9 -1.08 -12.60 8.65
N LEU A 10 -0.46 -13.68 9.13
CA LEU A 10 0.95 -13.91 8.86
C LEU A 10 1.17 -14.14 7.36
N GLU A 11 0.17 -14.74 6.73
CA GLU A 11 0.24 -15.00 5.29
C GLU A 11 0.00 -13.71 4.52
N GLU A 12 -0.95 -12.90 4.99
CA GLU A 12 -1.26 -11.62 4.35
C GLU A 12 -0.02 -10.75 4.28
N LEU A 13 0.77 -10.77 5.35
CA LEU A 13 2.01 -10.02 5.41
C LEU A 13 2.97 -10.51 4.34
N GLU A 14 3.05 -11.83 4.20
CA GLU A 14 3.91 -12.43 3.20
C GLU A 14 3.43 -12.07 1.80
N GLU A 15 2.12 -11.99 1.62
CA GLU A 15 1.54 -11.61 0.33
C GLU A 15 2.04 -10.23 -0.08
N GLY A 16 2.08 -9.32 0.88
CA GLY A 16 2.55 -7.98 0.61
C GLY A 16 4.04 -7.96 0.33
N GLN A 17 4.78 -8.83 1.03
CA GLN A 17 6.22 -8.93 0.85
C GLN A 17 6.56 -9.55 -0.52
N LYS A 18 5.70 -10.44 -0.98
CA LYS A 18 5.90 -11.10 -2.27
C LYS A 18 5.27 -10.28 -3.39
N GLY A 19 4.69 -9.13 -3.03
CA GLY A 19 4.07 -8.27 -4.01
C GLY A 19 2.93 -8.94 -4.75
N VAL A 20 2.03 -9.56 -4.01
CA VAL A 20 0.88 -10.24 -4.61
C VAL A 20 -0.38 -9.37 -4.49
N GLY A 21 -0.84 -8.85 -5.62
CA GLY A 21 -2.02 -8.02 -5.62
C GLY A 21 -2.19 -7.25 -6.90
N ASP A 22 -3.02 -6.22 -6.87
CA ASP A 22 -3.28 -5.39 -8.03
C ASP A 22 -1.99 -4.81 -8.60
N GLY A 23 -1.15 -4.26 -7.72
CA GLY A 23 0.11 -3.70 -8.16
C GLY A 23 0.41 -2.39 -7.44
N THR A 24 -0.59 -1.56 -7.28
CA THR A 24 -0.40 -0.27 -6.62
C THR A 24 -0.64 -0.41 -5.12
N VAL A 25 -1.68 -1.13 -4.76
CA VAL A 25 -2.03 -1.33 -3.36
C VAL A 25 -0.92 -2.06 -2.63
N SER A 26 -0.55 -1.53 -1.47
CA SER A 26 0.51 -2.12 -0.67
C SER A 26 0.13 -2.07 0.81
N TRP A 27 0.41 -3.16 1.51
CA TRP A 27 0.10 -3.25 2.93
C TRP A 27 1.26 -3.94 3.67
N GLY A 28 1.31 -3.74 4.99
CA GLY A 28 2.35 -4.34 5.79
C GLY A 28 2.24 -3.93 7.24
N LEU A 29 3.37 -3.98 7.96
CA LEU A 29 3.39 -3.63 9.37
C LEU A 29 4.21 -2.37 9.59
N GLU A 30 3.96 -1.70 10.70
CA GLU A 30 4.67 -0.47 11.04
C GLU A 30 5.60 -0.68 12.23
N ASP A 31 5.01 -0.97 13.39
CA ASP A 31 5.79 -1.18 14.61
C ASP A 31 6.49 -2.54 14.60
N ASP A 32 5.87 -3.52 13.93
CA ASP A 32 6.39 -4.89 13.81
C ASP A 32 6.71 -5.55 15.16
N GLU A 33 6.30 -4.93 16.26
CA GLU A 33 6.57 -5.45 17.58
C GLU A 33 5.39 -6.26 18.10
N ASP A 34 4.20 -5.87 17.67
CA ASP A 34 2.98 -6.55 18.08
C ASP A 34 2.82 -7.85 17.31
N MET A 35 2.21 -8.86 17.94
CA MET A 35 2.01 -10.15 17.30
C MET A 35 0.53 -10.48 17.12
N THR A 36 -0.35 -9.62 17.60
CA THR A 36 -1.79 -9.86 17.45
C THR A 36 -2.20 -9.56 16.02
N LEU A 37 -1.43 -8.66 15.38
CA LEU A 37 -1.64 -8.26 13.99
C LEU A 37 -3.05 -7.70 13.78
N THR A 38 -3.52 -6.93 14.74
CA THR A 38 -4.84 -6.31 14.65
C THR A 38 -4.77 -5.02 13.83
N ARG A 39 -3.61 -4.36 13.86
CA ARG A 39 -3.41 -3.12 13.13
C ARG A 39 -2.58 -3.38 11.89
N TRP A 40 -3.04 -2.87 10.76
CA TRP A 40 -2.32 -3.05 9.51
C TRP A 40 -2.02 -1.72 8.83
N THR A 41 -0.83 -1.63 8.27
CA THR A 41 -0.39 -0.43 7.58
C THR A 41 -0.71 -0.51 6.10
N GLY A 42 -1.57 0.37 5.63
CA GLY A 42 -1.93 0.38 4.23
C GLY A 42 -1.49 1.66 3.55
N MET A 43 -1.10 1.54 2.29
CA MET A 43 -0.69 2.70 1.52
C MET A 43 -1.25 2.63 0.11
N ILE A 44 -1.91 3.70 -0.31
CA ILE A 44 -2.49 3.75 -1.64
C ILE A 44 -1.80 4.81 -2.48
N ILE A 45 -1.39 4.42 -3.68
CA ILE A 45 -0.74 5.33 -4.60
C ILE A 45 -1.79 6.10 -5.39
N GLY A 46 -1.79 7.42 -5.23
CA GLY A 46 -2.75 8.27 -5.91
C GLY A 46 -2.87 7.96 -7.39
N PRO A 47 -4.07 7.54 -7.83
CA PRO A 47 -4.33 7.20 -9.24
C PRO A 47 -4.06 8.36 -10.18
N PRO A 48 -3.24 8.14 -11.22
CA PRO A 48 -2.90 9.18 -12.19
C PRO A 48 -4.13 9.65 -12.96
N ARG A 49 -4.05 10.87 -13.49
CA ARG A 49 -5.12 11.48 -14.28
C ARG A 49 -6.35 11.80 -13.42
N THR A 50 -6.15 11.91 -12.11
CA THR A 50 -7.24 12.23 -11.19
C THR A 50 -6.79 13.33 -10.22
N ASN A 51 -7.69 13.75 -9.34
CA ASN A 51 -7.36 14.78 -8.36
C ASN A 51 -6.56 14.20 -7.19
N TYR A 52 -6.36 12.88 -7.22
CA TYR A 52 -5.60 12.20 -6.18
C TYR A 52 -4.21 11.82 -6.71
N GLU A 53 -3.93 12.29 -7.92
CA GLU A 53 -2.67 11.99 -8.60
C GLU A 53 -1.44 12.47 -7.83
N ASN A 54 -0.41 11.61 -7.84
CA ASN A 54 0.88 11.89 -7.21
C ASN A 54 0.78 12.08 -5.69
N ARG A 55 -0.31 11.58 -5.10
CA ARG A 55 -0.49 11.70 -3.67
C ARG A 55 -0.27 10.36 -2.98
N ILE A 56 0.30 10.40 -1.78
CA ILE A 56 0.55 9.19 -1.02
C ILE A 56 -0.41 9.12 0.16
N TYR A 57 -1.39 8.22 0.05
CA TYR A 57 -2.39 8.07 1.10
C TYR A 57 -2.03 6.97 2.08
N SER A 58 -2.14 7.30 3.36
CA SER A 58 -1.85 6.36 4.43
C SER A 58 -3.15 5.87 5.07
N LEU A 59 -3.29 4.56 5.18
CA LEU A 59 -4.49 3.98 5.75
C LEU A 59 -4.15 3.12 6.96
N LYS A 60 -5.07 3.09 7.91
CA LYS A 60 -4.92 2.29 9.12
C LYS A 60 -6.13 1.39 9.25
N VAL A 61 -5.93 0.11 8.99
CA VAL A 61 -7.01 -0.87 9.05
C VAL A 61 -6.89 -1.73 10.31
N GLU A 62 -7.98 -1.87 11.04
CA GLU A 62 -8.00 -2.69 12.23
C GLU A 62 -8.85 -3.93 12.01
N CYS A 63 -8.21 -5.09 12.10
CA CYS A 63 -8.89 -6.36 11.90
C CYS A 63 -9.12 -7.03 13.25
N GLY A 64 -10.33 -6.92 13.77
CA GLY A 64 -10.65 -7.51 15.06
C GLY A 64 -10.80 -9.02 15.02
N PRO A 65 -11.31 -9.62 16.10
CA PRO A 65 -11.50 -11.07 16.21
C PRO A 65 -12.61 -11.60 15.30
N LYS A 66 -13.41 -10.69 14.75
CA LYS A 66 -14.51 -11.09 13.88
C LYS A 66 -14.05 -11.12 12.42
N TYR A 67 -12.84 -10.63 12.17
CA TYR A 67 -12.27 -10.62 10.83
C TYR A 67 -11.86 -12.03 10.43
N PRO A 68 -12.07 -12.44 9.16
CA PRO A 68 -12.68 -11.62 8.13
C PRO A 68 -14.18 -11.89 7.96
N GLU A 69 -14.80 -12.50 8.96
CA GLU A 69 -16.23 -12.81 8.90
C GLU A 69 -17.05 -11.52 8.91
N ALA A 70 -16.56 -10.53 9.64
CA ALA A 70 -17.21 -9.24 9.74
C ALA A 70 -16.30 -8.16 9.15
N PRO A 71 -16.87 -7.02 8.72
CA PRO A 71 -16.10 -5.92 8.13
C PRO A 71 -15.14 -5.27 9.14
N PRO A 72 -13.87 -5.10 8.76
CA PRO A 72 -12.87 -4.48 9.63
C PRO A 72 -13.04 -2.95 9.68
N SER A 73 -12.32 -2.31 10.59
CA SER A 73 -12.40 -0.86 10.72
C SER A 73 -11.38 -0.19 9.80
N VAL A 74 -11.88 0.55 8.81
CA VAL A 74 -11.02 1.23 7.86
C VAL A 74 -11.11 2.75 8.03
N ARG A 75 -9.97 3.40 8.08
CA ARG A 75 -9.91 4.85 8.23
C ARG A 75 -8.65 5.41 7.57
N PHE A 76 -8.74 6.65 7.10
CA PHE A 76 -7.61 7.29 6.43
C PHE A 76 -6.85 8.17 7.41
N VAL A 77 -5.54 8.24 7.23
CA VAL A 77 -4.70 9.07 8.09
C VAL A 77 -4.48 10.42 7.43
N THR A 78 -4.33 10.40 6.12
CA THR A 78 -4.12 11.62 5.36
C THR A 78 -5.47 12.21 4.96
N LYS A 79 -5.56 13.53 4.94
CA LYS A 79 -6.81 14.20 4.59
C LYS A 79 -7.18 13.94 3.14
N ILE A 80 -8.35 13.33 2.95
CA ILE A 80 -8.84 12.98 1.62
C ILE A 80 -10.30 13.37 1.48
N ASN A 81 -10.63 14.06 0.40
CA ASN A 81 -11.99 14.46 0.14
C ASN A 81 -12.61 13.51 -0.87
N MET A 82 -13.13 12.41 -0.35
CA MET A 82 -13.75 11.38 -1.19
C MET A 82 -15.07 10.95 -0.57
N ASN A 83 -16.06 10.70 -1.42
CA ASN A 83 -17.39 10.30 -0.96
C ASN A 83 -17.33 9.02 -0.13
N GLY A 84 -17.64 9.13 1.15
CA GLY A 84 -17.62 7.98 2.03
C GLY A 84 -16.69 8.18 3.20
N ILE A 85 -15.69 9.03 3.02
CA ILE A 85 -14.72 9.32 4.07
C ILE A 85 -15.11 10.58 4.84
N ASN A 86 -15.13 10.47 6.16
CA ASN A 86 -15.47 11.59 7.02
C ASN A 86 -14.39 12.66 6.93
N ASN A 87 -14.80 13.92 6.89
CA ASN A 87 -13.86 15.03 6.75
C ASN A 87 -13.23 15.44 8.09
N SER A 88 -13.79 14.97 9.19
CA SER A 88 -13.27 15.33 10.50
C SER A 88 -12.39 14.22 11.08
N SER A 89 -12.94 13.02 11.19
CA SER A 89 -12.20 11.89 11.75
C SER A 89 -11.39 11.17 10.69
N GLY A 90 -11.94 11.07 9.49
CA GLY A 90 -11.25 10.39 8.41
C GLY A 90 -11.67 8.94 8.29
N MET A 91 -12.74 8.59 9.01
CA MET A 91 -13.25 7.22 8.98
C MET A 91 -14.04 6.98 7.70
N VAL A 92 -14.03 5.74 7.22
CA VAL A 92 -14.73 5.39 5.99
C VAL A 92 -16.08 4.74 6.30
N ASP A 93 -17.14 5.26 5.67
CA ASP A 93 -18.48 4.73 5.85
C ASP A 93 -18.62 3.39 5.11
N ALA A 94 -18.85 2.33 5.88
CA ALA A 94 -18.98 0.98 5.32
C ALA A 94 -20.12 0.90 4.31
N ARG A 95 -21.21 1.60 4.57
CA ARG A 95 -22.38 1.58 3.69
C ARG A 95 -22.09 2.22 2.34
N SER A 96 -21.14 3.14 2.32
CA SER A 96 -20.77 3.83 1.09
C SER A 96 -19.79 3.00 0.25
N ILE A 97 -19.15 2.03 0.88
CA ILE A 97 -18.19 1.19 0.18
C ILE A 97 -18.83 -0.17 -0.15
N PRO A 98 -18.89 -0.51 -1.44
CA PRO A 98 -19.49 -1.76 -1.92
C PRO A 98 -19.00 -3.02 -1.19
N VAL A 99 -17.68 -3.18 -1.11
CA VAL A 99 -17.10 -4.36 -0.45
C VAL A 99 -17.32 -4.37 1.06
N LEU A 100 -17.68 -3.23 1.63
CA LEU A 100 -17.91 -3.16 3.07
C LEU A 100 -19.39 -3.35 3.37
N ALA A 101 -20.24 -2.73 2.56
CA ALA A 101 -21.67 -2.86 2.72
C ALA A 101 -22.10 -4.28 2.38
N LYS A 102 -21.49 -4.82 1.34
CA LYS A 102 -21.77 -6.18 0.90
C LYS A 102 -20.57 -7.06 1.21
N TRP A 103 -20.06 -6.89 2.43
CA TRP A 103 -18.90 -7.62 2.90
C TRP A 103 -19.11 -9.14 2.90
N GLN A 104 -18.07 -9.85 2.52
CA GLN A 104 -18.07 -11.29 2.47
C GLN A 104 -16.80 -11.78 3.17
N ASN A 105 -16.87 -12.91 3.85
CA ASN A 105 -15.71 -13.44 4.58
C ASN A 105 -14.61 -13.91 3.63
N SER A 106 -14.86 -13.82 2.33
CA SER A 106 -13.89 -14.20 1.32
C SER A 106 -13.02 -13.00 0.96
N TYR A 107 -13.36 -11.85 1.51
CA TYR A 107 -12.61 -10.62 1.25
C TYR A 107 -11.53 -10.41 2.31
N SER A 108 -10.63 -9.48 2.03
CA SER A 108 -9.54 -9.19 2.94
C SER A 108 -9.13 -7.72 2.81
N ILE A 109 -8.08 -7.33 3.53
CA ILE A 109 -7.57 -5.97 3.50
C ILE A 109 -7.19 -5.56 2.08
N LYS A 110 -6.58 -6.49 1.35
CA LYS A 110 -6.16 -6.25 -0.02
C LYS A 110 -7.32 -5.81 -0.89
N VAL A 111 -8.44 -6.51 -0.76
CA VAL A 111 -9.64 -6.21 -1.54
C VAL A 111 -10.16 -4.81 -1.22
N VAL A 112 -10.17 -4.47 0.07
CA VAL A 112 -10.64 -3.17 0.52
C VAL A 112 -9.82 -2.04 -0.11
N LEU A 113 -8.50 -2.18 -0.04
CA LEU A 113 -7.59 -1.17 -0.59
C LEU A 113 -7.80 -1.02 -2.10
N GLN A 114 -7.99 -2.13 -2.79
CA GLN A 114 -8.20 -2.12 -4.23
C GLN A 114 -9.52 -1.46 -4.59
N GLU A 115 -10.57 -1.77 -3.83
CA GLU A 115 -11.88 -1.19 -4.07
C GLU A 115 -11.87 0.30 -3.82
N LEU A 116 -11.23 0.71 -2.73
CA LEU A 116 -11.13 2.13 -2.37
C LEU A 116 -10.46 2.92 -3.50
N ARG A 117 -9.38 2.36 -4.05
CA ARG A 117 -8.66 3.03 -5.13
C ARG A 117 -9.53 3.10 -6.39
N ARG A 118 -10.36 2.09 -6.60
CA ARG A 118 -11.25 2.06 -7.75
C ARG A 118 -12.25 3.20 -7.65
N LEU A 119 -12.75 3.42 -6.44
CA LEU A 119 -13.73 4.47 -6.18
C LEU A 119 -13.07 5.85 -6.28
N MET A 120 -11.76 5.89 -6.19
CA MET A 120 -11.02 7.14 -6.30
C MET A 120 -10.97 7.59 -7.76
N MET A 121 -11.15 6.63 -8.65
CA MET A 121 -11.14 6.90 -10.08
C MET A 121 -12.56 7.09 -10.59
N SER A 122 -13.51 7.11 -9.67
CA SER A 122 -14.90 7.30 -10.01
C SER A 122 -15.13 8.77 -10.36
N LYS A 123 -15.99 9.01 -11.35
CA LYS A 123 -16.30 10.36 -11.81
C LYS A 123 -16.65 11.32 -10.67
N GLU A 124 -17.38 10.82 -9.69
CA GLU A 124 -17.82 11.65 -8.56
C GLU A 124 -16.69 11.99 -7.58
N ASN A 125 -15.60 11.25 -7.63
CA ASN A 125 -14.49 11.49 -6.69
C ASN A 125 -13.24 12.01 -7.39
N MET A 126 -12.97 11.50 -8.57
CA MET A 126 -11.78 11.86 -9.34
C MET A 126 -11.63 13.38 -9.57
N LYS A 127 -12.71 14.13 -9.45
CA LYS A 127 -12.65 15.58 -9.67
C LYS A 127 -13.01 16.36 -8.41
N LEU A 128 -12.94 15.71 -7.25
CA LEU A 128 -13.25 16.39 -6.00
C LEU A 128 -12.07 17.23 -5.54
N PRO A 129 -12.32 18.47 -5.08
CA PRO A 129 -11.27 19.36 -4.60
C PRO A 129 -10.57 18.79 -3.37
N GLN A 130 -9.32 18.37 -3.55
CA GLN A 130 -8.54 17.79 -2.46
C GLN A 130 -7.85 18.88 -1.65
N PRO A 131 -7.68 18.64 -0.34
CA PRO A 131 -7.02 19.60 0.54
C PRO A 131 -5.50 19.59 0.32
N PRO A 132 -4.77 20.58 0.88
CA PRO A 132 -3.32 20.68 0.74
C PRO A 132 -2.60 19.35 0.97
N GLU A 133 -1.75 18.99 0.03
CA GLU A 133 -1.01 17.74 0.08
C GLU A 133 -0.14 17.68 1.34
N GLY A 134 -0.22 16.58 2.06
CA GLY A 134 0.58 16.41 3.25
C GLY A 134 -0.19 16.73 4.54
N GLN A 135 -1.49 16.86 4.43
CA GLN A 135 -2.31 17.14 5.61
C GLN A 135 -2.84 15.85 6.21
N THR A 136 -2.72 15.71 7.52
CA THR A 136 -3.19 14.52 8.20
C THR A 136 -4.41 14.81 9.05
N TYR A 137 -5.17 13.77 9.39
CA TYR A 137 -6.36 13.92 10.21
C TYR A 137 -5.99 13.94 11.69
N ASN A 138 -4.71 13.70 11.97
CA ASN A 138 -4.22 13.69 13.34
C ASN A 138 -2.78 14.18 13.38
N ASN A 139 -2.39 14.78 14.50
CA ASN A 139 -1.03 15.30 14.69
C ASN A 139 -0.71 16.38 13.66
N MET B 1 21.37 -12.17 -2.87
CA MET B 1 20.06 -12.85 -2.91
C MET B 1 19.23 -12.32 -4.08
N GLN B 2 18.32 -13.15 -4.57
CA GLN B 2 17.48 -12.78 -5.69
C GLN B 2 16.17 -12.16 -5.22
N ILE B 3 15.88 -10.97 -5.74
CA ILE B 3 14.64 -10.26 -5.43
C ILE B 3 13.91 -9.93 -6.72
N PHE B 4 12.68 -9.44 -6.61
CA PHE B 4 11.90 -9.11 -7.79
C PHE B 4 11.38 -7.68 -7.71
N VAL B 5 11.46 -6.97 -8.82
CA VAL B 5 10.98 -5.60 -8.89
C VAL B 5 9.80 -5.54 -9.86
N LYS B 6 8.63 -5.21 -9.34
CA LYS B 6 7.43 -5.14 -10.17
C LYS B 6 6.94 -3.71 -10.30
N THR B 7 6.73 -3.27 -11.54
CA THR B 7 6.24 -1.92 -11.79
C THR B 7 4.72 -1.88 -11.77
N LEU B 8 4.15 -0.71 -12.05
CA LEU B 8 2.70 -0.55 -12.05
C LEU B 8 2.09 -1.07 -13.34
N THR B 9 2.94 -1.46 -14.28
CA THR B 9 2.49 -2.01 -15.55
C THR B 9 2.45 -3.53 -15.49
N GLY B 10 2.94 -4.07 -14.39
CA GLY B 10 2.96 -5.51 -14.21
C GLY B 10 4.32 -6.10 -14.54
N LYS B 11 5.16 -5.30 -15.19
CA LYS B 11 6.50 -5.73 -15.56
C LYS B 11 7.30 -6.11 -14.32
N THR B 12 7.75 -7.35 -14.27
CA THR B 12 8.52 -7.84 -13.15
C THR B 12 9.92 -8.24 -13.59
N ILE B 13 10.91 -7.60 -13.00
CA ILE B 13 12.29 -7.89 -13.34
C ILE B 13 13.02 -8.52 -12.15
N THR B 14 13.93 -9.43 -12.44
CA THR B 14 14.69 -10.10 -11.41
C THR B 14 15.98 -9.33 -11.13
N LEU B 15 16.30 -9.15 -9.86
CA LEU B 15 17.50 -8.42 -9.47
C LEU B 15 18.20 -9.14 -8.34
N GLU B 16 19.53 -9.10 -8.34
CA GLU B 16 20.31 -9.75 -7.30
C GLU B 16 21.07 -8.71 -6.47
N VAL B 17 20.74 -8.66 -5.20
CA VAL B 17 21.37 -7.72 -4.28
C VAL B 17 21.55 -8.39 -2.91
N GLU B 18 22.27 -7.71 -2.03
CA GLU B 18 22.51 -8.24 -0.69
C GLU B 18 21.69 -7.46 0.33
N PRO B 19 21.34 -8.09 1.46
CA PRO B 19 20.54 -7.43 2.52
C PRO B 19 21.13 -6.12 3.01
N SER B 20 22.46 -6.04 2.99
CA SER B 20 23.17 -4.85 3.44
C SER B 20 23.22 -3.77 2.36
N ASP B 21 22.68 -4.07 1.18
CA ASP B 21 22.68 -3.12 0.09
C ASP B 21 21.72 -1.98 0.38
N THR B 22 22.10 -0.79 -0.04
CA THR B 22 21.28 0.39 0.15
C THR B 22 20.23 0.49 -0.94
N ILE B 23 19.09 1.09 -0.62
CA ILE B 23 18.01 1.26 -1.59
C ILE B 23 18.53 2.05 -2.79
N GLU B 24 19.48 2.94 -2.53
CA GLU B 24 20.08 3.76 -3.57
C GLU B 24 20.83 2.86 -4.56
N ASN B 25 21.59 1.89 -4.05
CA ASN B 25 22.35 0.98 -4.90
C ASN B 25 21.38 0.13 -5.74
N VAL B 26 20.26 -0.22 -5.14
CA VAL B 26 19.24 -1.01 -5.83
C VAL B 26 18.71 -0.22 -7.03
N LYS B 27 18.41 1.06 -6.80
CA LYS B 27 17.92 1.92 -7.87
C LYS B 27 18.94 2.03 -9.00
N ALA B 28 20.21 2.11 -8.62
CA ALA B 28 21.30 2.21 -9.58
C ALA B 28 21.34 0.97 -10.47
N LYS B 29 21.15 -0.20 -9.86
CA LYS B 29 21.15 -1.45 -10.61
C LYS B 29 19.97 -1.48 -11.58
N ILE B 30 18.81 -1.02 -11.10
CA ILE B 30 17.62 -0.97 -11.92
C ILE B 30 17.84 -0.08 -13.14
N GLN B 31 18.50 1.06 -12.93
CA GLN B 31 18.78 1.98 -14.01
C GLN B 31 19.84 1.41 -14.94
N ASP B 32 20.70 0.56 -14.38
CA ASP B 32 21.77 -0.06 -15.16
C ASP B 32 21.23 -1.10 -16.15
N LYS B 33 20.34 -1.97 -15.68
CA LYS B 33 19.79 -3.01 -16.53
C LYS B 33 18.53 -2.56 -17.29
N GLU B 34 17.69 -1.75 -16.67
CA GLU B 34 16.46 -1.28 -17.31
C GLU B 34 16.68 0.07 -17.97
N GLY B 35 17.08 1.05 -17.17
CA GLY B 35 17.32 2.39 -17.71
C GLY B 35 16.42 3.44 -17.09
N ILE B 36 15.75 3.09 -15.99
CA ILE B 36 14.87 4.03 -15.31
C ILE B 36 15.65 4.86 -14.29
N PRO B 37 15.71 6.19 -14.47
CA PRO B 37 16.42 7.08 -13.54
C PRO B 37 15.87 6.99 -12.12
N PRO B 38 16.77 6.87 -11.12
CA PRO B 38 16.39 6.76 -9.70
C PRO B 38 15.51 7.92 -9.22
N ASP B 39 15.64 9.06 -9.89
CA ASP B 39 14.86 10.26 -9.54
C ASP B 39 13.36 9.99 -9.57
N GLN B 40 12.92 9.22 -10.55
CA GLN B 40 11.50 8.91 -10.68
C GLN B 40 11.18 7.52 -10.16
N GLN B 41 12.11 6.95 -9.41
CA GLN B 41 11.94 5.61 -8.84
C GLN B 41 11.38 5.70 -7.43
N ARG B 42 10.08 5.56 -7.29
CA ARG B 42 9.45 5.58 -5.98
C ARG B 42 9.16 4.14 -5.56
N LEU B 43 10.07 3.57 -4.80
CA LEU B 43 9.92 2.19 -4.34
C LEU B 43 8.94 2.11 -3.17
N ILE B 44 7.90 1.32 -3.36
CA ILE B 44 6.88 1.14 -2.34
C ILE B 44 6.85 -0.33 -1.91
N PHE B 45 6.95 -0.57 -0.61
CA PHE B 45 6.96 -1.93 -0.08
C PHE B 45 6.56 -1.93 1.39
N ALA B 46 5.95 -3.05 1.83
CA ALA B 46 5.52 -3.23 3.22
C ALA B 46 4.47 -2.19 3.63
N GLY B 47 3.78 -1.64 2.63
CA GLY B 47 2.75 -0.65 2.90
C GLY B 47 3.32 0.71 3.25
N ARG B 48 4.59 0.91 2.95
CA ARG B 48 5.25 2.17 3.23
C ARG B 48 6.18 2.56 2.09
N GLN B 49 6.81 3.72 2.23
CA GLN B 49 7.72 4.21 1.21
C GLN B 49 9.16 3.88 1.59
N LEU B 50 9.92 3.40 0.63
CA LEU B 50 11.31 3.04 0.86
C LEU B 50 12.21 4.24 0.62
N GLU B 51 12.97 4.61 1.64
CA GLU B 51 13.87 5.74 1.56
C GLU B 51 15.20 5.33 0.93
N ASP B 52 15.85 6.26 0.25
CA ASP B 52 17.11 6.01 -0.44
C ASP B 52 18.26 5.66 0.51
N GLY B 53 18.38 6.39 1.61
CA GLY B 53 19.47 6.17 2.56
C GLY B 53 19.21 5.04 3.54
N ARG B 54 18.54 4.00 3.09
CA ARG B 54 18.24 2.86 3.95
C ARG B 54 18.70 1.57 3.28
N THR B 55 18.73 0.48 4.03
CA THR B 55 19.13 -0.81 3.51
C THR B 55 17.93 -1.74 3.39
N LEU B 56 18.12 -2.88 2.75
CA LEU B 56 17.05 -3.85 2.57
C LEU B 56 16.59 -4.42 3.91
N SER B 57 17.53 -4.54 4.84
CA SER B 57 17.24 -5.05 6.17
C SER B 57 16.41 -4.06 6.99
N ASP B 58 16.33 -2.82 6.51
CA ASP B 58 15.58 -1.78 7.23
C ASP B 58 14.08 -1.93 6.98
N TYR B 59 13.72 -2.67 5.93
CA TYR B 59 12.32 -2.87 5.60
C TYR B 59 11.98 -4.36 5.52
N ASN B 60 12.87 -5.18 6.08
CA ASN B 60 12.69 -6.63 6.08
C ASN B 60 12.59 -7.20 4.67
N ILE B 61 13.31 -6.59 3.75
CA ILE B 61 13.32 -7.03 2.37
C ILE B 61 14.29 -8.19 2.21
N GLN B 62 13.74 -9.39 2.03
CA GLN B 62 14.55 -10.58 1.88
C GLN B 62 14.47 -11.10 0.44
N LYS B 63 14.94 -12.32 0.23
CA LYS B 63 14.90 -12.93 -1.09
C LYS B 63 13.46 -13.22 -1.51
N GLU B 64 13.24 -13.27 -2.82
CA GLU B 64 11.92 -13.56 -3.40
C GLU B 64 10.91 -12.43 -3.17
N SER B 65 11.33 -11.39 -2.46
CA SER B 65 10.44 -10.26 -2.21
C SER B 65 10.25 -9.45 -3.47
N THR B 66 9.03 -9.01 -3.70
CA THR B 66 8.72 -8.23 -4.89
C THR B 66 8.33 -6.80 -4.50
N LEU B 67 9.22 -5.87 -4.81
CA LEU B 67 9.00 -4.46 -4.50
C LEU B 67 8.14 -3.81 -5.57
N HIS B 68 7.37 -2.81 -5.18
CA HIS B 68 6.52 -2.09 -6.12
C HIS B 68 7.23 -0.83 -6.59
N LEU B 69 7.73 -0.87 -7.82
CA LEU B 69 8.44 0.27 -8.39
C LEU B 69 7.45 1.23 -9.01
N VAL B 70 7.16 2.30 -8.30
CA VAL B 70 6.22 3.31 -8.77
C VAL B 70 6.94 4.39 -9.55
N LEU B 71 6.52 4.60 -10.79
CA LEU B 71 7.11 5.62 -11.63
C LEU B 71 6.55 6.98 -11.25
N ARG B 72 7.37 7.79 -10.60
CA ARG B 72 6.96 9.12 -10.19
C ARG B 72 6.83 10.02 -11.40
N LEU B 73 5.62 10.51 -11.64
CA LEU B 73 5.35 11.39 -12.77
C LEU B 73 6.17 12.67 -12.69
N ARG B 74 6.99 12.91 -13.70
CA ARG B 74 7.83 14.09 -13.76
C ARG B 74 7.81 14.68 -15.15
N GLY B 75 7.12 15.80 -15.29
CA GLY B 75 7.02 16.45 -16.59
C GLY B 75 5.71 16.16 -17.28
N GLY B 76 4.64 16.71 -16.73
CA GLY B 76 3.32 16.52 -17.31
C GLY B 76 2.40 17.64 -16.92
N VAL A 1 -5.20 -19.34 21.01
CA VAL A 1 -4.85 -18.63 19.77
C VAL A 1 -5.68 -19.16 18.61
N LYS A 2 -6.30 -18.27 17.86
CA LYS A 2 -7.11 -18.65 16.71
C LYS A 2 -6.21 -19.03 15.55
N VAL A 3 -6.03 -20.34 15.35
CA VAL A 3 -5.19 -20.85 14.27
C VAL A 3 -5.72 -20.44 12.89
N PRO A 4 -7.02 -20.65 12.58
CA PRO A 4 -7.57 -20.27 11.27
C PRO A 4 -7.36 -18.79 10.95
N ARG A 5 -7.63 -17.93 11.94
CA ARG A 5 -7.47 -16.49 11.79
C ARG A 5 -6.00 -16.15 11.59
N ASN A 6 -5.15 -16.72 12.43
CA ASN A 6 -3.71 -16.48 12.35
C ASN A 6 -3.14 -16.94 11.01
N PHE A 7 -3.55 -18.13 10.58
CA PHE A 7 -3.09 -18.69 9.31
C PHE A 7 -3.48 -17.79 8.15
N ARG A 8 -4.74 -17.33 8.16
CA ARG A 8 -5.23 -16.44 7.11
C ARG A 8 -4.39 -15.17 7.08
N LEU A 9 -4.13 -14.63 8.27
CA LEU A 9 -3.35 -13.41 8.39
C LEU A 9 -1.90 -13.63 7.94
N LEU A 10 -1.35 -14.81 8.24
CA LEU A 10 0.01 -15.14 7.84
C LEU A 10 0.12 -15.12 6.32
N GLU A 11 -0.86 -15.75 5.67
CA GLU A 11 -0.89 -15.81 4.22
C GLU A 11 -1.06 -14.41 3.62
N GLU A 12 -1.93 -13.61 4.24
CA GLU A 12 -2.17 -12.25 3.78
C GLU A 12 -0.92 -11.38 3.98
N LEU A 13 -0.17 -11.69 5.03
CA LEU A 13 1.06 -10.97 5.33
C LEU A 13 2.11 -11.29 4.27
N GLU A 14 2.22 -12.56 3.93
CA GLU A 14 3.16 -13.01 2.91
C GLU A 14 2.84 -12.35 1.57
N GLU A 15 1.56 -12.11 1.32
CA GLU A 15 1.12 -11.48 0.09
C GLU A 15 1.73 -10.08 -0.04
N GLY A 16 1.79 -9.37 1.08
CA GLY A 16 2.34 -8.03 1.08
C GLY A 16 3.83 -8.03 0.79
N GLN A 17 4.50 -9.09 1.23
CA GLN A 17 5.94 -9.22 1.01
C GLN A 17 6.22 -9.72 -0.41
N LYS A 18 5.30 -10.52 -0.94
CA LYS A 18 5.43 -11.06 -2.29
C LYS A 18 4.97 -10.04 -3.32
N GLY A 19 4.53 -8.88 -2.84
CA GLY A 19 4.07 -7.82 -3.72
C GLY A 19 2.88 -8.23 -4.55
N VAL A 20 1.97 -8.98 -3.95
CA VAL A 20 0.77 -9.46 -4.63
C VAL A 20 -0.09 -8.30 -5.14
N GLY A 21 -0.60 -8.45 -6.36
CA GLY A 21 -1.43 -7.41 -6.94
C GLY A 21 -0.78 -6.77 -8.14
N ASP A 22 -1.45 -5.77 -8.70
CA ASP A 22 -0.92 -5.05 -9.86
C ASP A 22 0.28 -4.22 -9.46
N GLY A 23 0.22 -3.65 -8.27
CA GLY A 23 1.31 -2.85 -7.77
C GLY A 23 0.87 -1.53 -7.17
N THR A 24 -0.38 -1.14 -7.44
CA THR A 24 -0.91 0.11 -6.92
C THR A 24 -1.44 -0.06 -5.50
N VAL A 25 -1.49 -1.29 -5.04
CA VAL A 25 -1.96 -1.61 -3.70
C VAL A 25 -0.87 -2.32 -2.92
N SER A 26 -0.59 -1.83 -1.71
CA SER A 26 0.44 -2.43 -0.87
C SER A 26 0.01 -2.38 0.59
N TRP A 27 0.29 -3.45 1.32
CA TRP A 27 -0.07 -3.54 2.73
C TRP A 27 0.98 -4.30 3.52
N GLY A 28 0.76 -4.44 4.82
CA GLY A 28 1.70 -5.14 5.67
C GLY A 28 1.33 -5.01 7.13
N LEU A 29 2.12 -5.62 8.02
CA LEU A 29 1.86 -5.54 9.44
C LEU A 29 2.24 -4.17 9.97
N GLU A 30 1.36 -3.58 10.79
CA GLU A 30 1.61 -2.26 11.36
C GLU A 30 2.76 -2.33 12.37
N ASP A 31 2.57 -3.12 13.42
CA ASP A 31 3.57 -3.25 14.47
C ASP A 31 4.75 -4.10 14.00
N ASP A 32 4.45 -5.18 13.27
CA ASP A 32 5.47 -6.11 12.72
C ASP A 32 6.00 -7.02 13.82
N GLU A 33 6.31 -6.44 14.99
CA GLU A 33 6.81 -7.20 16.11
C GLU A 33 5.67 -8.00 16.75
N ASP A 34 4.55 -7.33 16.95
CA ASP A 34 3.37 -7.96 17.53
C ASP A 34 2.78 -8.96 16.53
N MET A 35 2.93 -10.24 16.82
CA MET A 35 2.46 -11.31 15.94
C MET A 35 0.97 -11.60 16.08
N THR A 36 0.20 -10.65 16.57
CA THR A 36 -1.24 -10.86 16.72
C THR A 36 -1.91 -10.63 15.38
N LEU A 37 -1.24 -9.86 14.52
CA LEU A 37 -1.71 -9.53 13.18
C LEU A 37 -3.07 -8.85 13.24
N THR A 38 -3.27 -8.01 14.24
CA THR A 38 -4.51 -7.28 14.40
C THR A 38 -4.42 -5.91 13.73
N ARG A 39 -3.27 -5.26 13.85
CA ARG A 39 -3.06 -3.95 13.25
C ARG A 39 -2.28 -4.08 11.95
N TRP A 40 -2.88 -3.59 10.88
CA TRP A 40 -2.25 -3.65 9.56
C TRP A 40 -2.13 -2.26 8.96
N THR A 41 -1.12 -2.08 8.12
CA THR A 41 -0.90 -0.81 7.46
C THR A 41 -1.16 -0.96 5.96
N GLY A 42 -1.76 0.04 5.37
CA GLY A 42 -2.06 0.00 3.96
C GLY A 42 -1.67 1.28 3.27
N MET A 43 -1.22 1.17 2.03
CA MET A 43 -0.83 2.33 1.26
C MET A 43 -1.39 2.25 -0.14
N ILE A 44 -2.12 3.28 -0.54
CA ILE A 44 -2.72 3.32 -1.86
C ILE A 44 -2.04 4.37 -2.72
N ILE A 45 -1.59 3.96 -3.89
CA ILE A 45 -0.94 4.88 -4.82
C ILE A 45 -2.00 5.50 -5.72
N GLY A 46 -2.29 6.77 -5.49
CA GLY A 46 -3.30 7.49 -6.25
C GLY A 46 -3.16 7.35 -7.75
N PRO A 47 -4.29 7.14 -8.45
CA PRO A 47 -4.32 7.00 -9.92
C PRO A 47 -4.05 8.32 -10.64
N PRO A 48 -3.29 8.29 -11.74
CA PRO A 48 -2.97 9.49 -12.53
C PRO A 48 -4.20 10.06 -13.22
N ARG A 49 -4.07 11.30 -13.72
CA ARG A 49 -5.14 12.00 -14.43
C ARG A 49 -6.25 12.42 -13.47
N THR A 50 -5.96 12.37 -12.17
CA THR A 50 -6.91 12.78 -11.15
C THR A 50 -6.20 13.66 -10.14
N ASN A 51 -6.92 14.09 -9.11
CA ASN A 51 -6.32 14.93 -8.07
C ASN A 51 -5.49 14.07 -7.12
N TYR A 52 -5.55 12.76 -7.31
CA TYR A 52 -4.80 11.82 -6.48
C TYR A 52 -3.59 11.30 -7.25
N GLU A 53 -3.29 11.96 -8.37
CA GLU A 53 -2.19 11.58 -9.24
C GLU A 53 -0.88 11.39 -8.49
N ASN A 54 -0.46 10.13 -8.38
CA ASN A 54 0.79 9.75 -7.71
C ASN A 54 0.81 10.25 -6.26
N ARG A 55 -0.37 10.34 -5.67
CA ARG A 55 -0.50 10.78 -4.28
C ARG A 55 -0.46 9.58 -3.35
N ILE A 56 0.46 9.58 -2.42
CA ILE A 56 0.60 8.48 -1.48
C ILE A 56 -0.35 8.66 -0.29
N TYR A 57 -1.33 7.77 -0.20
CA TYR A 57 -2.29 7.83 0.91
C TYR A 57 -2.03 6.68 1.87
N SER A 58 -1.76 7.01 3.12
CA SER A 58 -1.50 6.01 4.15
C SER A 58 -2.77 5.68 4.91
N LEU A 59 -3.02 4.38 5.06
CA LEU A 59 -4.20 3.91 5.78
C LEU A 59 -3.80 2.94 6.88
N LYS A 60 -4.66 2.83 7.88
CA LYS A 60 -4.43 1.93 8.99
C LYS A 60 -5.68 1.09 9.20
N VAL A 61 -5.53 -0.22 9.11
CA VAL A 61 -6.66 -1.13 9.25
C VAL A 61 -6.54 -1.97 10.52
N GLU A 62 -7.60 -1.98 11.31
CA GLU A 62 -7.63 -2.76 12.53
C GLU A 62 -8.53 -3.97 12.34
N CYS A 63 -7.93 -5.13 12.20
CA CYS A 63 -8.68 -6.37 12.00
C CYS A 63 -9.01 -7.00 13.34
N GLY A 64 -10.25 -6.81 13.77
CA GLY A 64 -10.69 -7.34 15.05
C GLY A 64 -10.78 -8.86 15.08
N PRO A 65 -11.21 -9.42 16.22
CA PRO A 65 -11.35 -10.87 16.40
C PRO A 65 -12.47 -11.46 15.55
N LYS A 66 -13.25 -10.60 14.89
CA LYS A 66 -14.35 -11.04 14.05
C LYS A 66 -13.90 -11.20 12.60
N TYR A 67 -12.66 -10.79 12.31
CA TYR A 67 -12.11 -10.90 10.97
C TYR A 67 -11.92 -12.38 10.61
N PRO A 68 -12.22 -12.79 9.37
CA PRO A 68 -12.71 -11.92 8.31
C PRO A 68 -14.23 -11.98 8.13
N GLU A 69 -14.93 -12.42 9.16
CA GLU A 69 -16.38 -12.54 9.11
C GLU A 69 -17.05 -11.17 9.11
N ALA A 70 -16.53 -10.28 9.94
CA ALA A 70 -17.05 -8.93 10.05
C ALA A 70 -16.07 -7.92 9.48
N PRO A 71 -16.55 -6.76 9.01
CA PRO A 71 -15.68 -5.72 8.43
C PRO A 71 -14.78 -5.08 9.47
N PRO A 72 -13.47 -5.01 9.18
CA PRO A 72 -12.49 -4.40 10.09
C PRO A 72 -12.60 -2.87 10.08
N SER A 73 -11.87 -2.22 10.98
CA SER A 73 -11.89 -0.77 11.07
C SER A 73 -10.91 -0.16 10.09
N VAL A 74 -11.44 0.57 9.11
CA VAL A 74 -10.61 1.20 8.08
C VAL A 74 -10.68 2.73 8.20
N ARG A 75 -9.52 3.38 8.24
CA ARG A 75 -9.46 4.82 8.34
C ARG A 75 -8.26 5.37 7.56
N PHE A 76 -8.33 6.64 7.23
CA PHE A 76 -7.26 7.31 6.48
C PHE A 76 -6.40 8.16 7.40
N VAL A 77 -5.11 8.20 7.14
CA VAL A 77 -4.19 9.00 7.94
C VAL A 77 -3.99 10.36 7.28
N THR A 78 -3.80 10.34 5.96
CA THR A 78 -3.61 11.55 5.20
C THR A 78 -4.98 12.13 4.81
N LYS A 79 -5.08 13.46 4.81
CA LYS A 79 -6.33 14.12 4.48
C LYS A 79 -6.73 13.87 3.03
N ILE A 80 -7.94 13.37 2.85
CA ILE A 80 -8.47 13.07 1.53
C ILE A 80 -9.96 13.43 1.45
N ASN A 81 -10.33 14.16 0.42
CA ASN A 81 -11.72 14.57 0.25
C ASN A 81 -12.41 13.63 -0.74
N MET A 82 -12.91 12.52 -0.22
CA MET A 82 -13.59 11.53 -1.03
C MET A 82 -14.96 11.22 -0.44
N ASN A 83 -15.94 10.94 -1.30
CA ASN A 83 -17.29 10.63 -0.86
C ASN A 83 -17.31 9.36 0.00
N GLY A 84 -17.63 9.53 1.28
CA GLY A 84 -17.68 8.40 2.17
C GLY A 84 -16.68 8.50 3.30
N ILE A 85 -15.79 9.47 3.21
CA ILE A 85 -14.77 9.66 4.23
C ILE A 85 -15.02 10.94 5.03
N ASN A 86 -14.89 10.83 6.35
CA ASN A 86 -15.07 11.98 7.23
C ASN A 86 -13.85 12.88 7.15
N ASN A 87 -14.08 14.18 7.00
CA ASN A 87 -13.00 15.15 6.85
C ASN A 87 -12.40 15.59 8.19
N SER A 88 -12.92 15.08 9.29
CA SER A 88 -12.41 15.47 10.59
C SER A 88 -11.50 14.39 11.19
N SER A 89 -12.04 13.19 11.36
CA SER A 89 -11.28 12.08 11.93
C SER A 89 -10.64 11.22 10.85
N GLY A 90 -11.25 11.21 9.67
CA GLY A 90 -10.73 10.41 8.57
C GLY A 90 -11.35 9.02 8.56
N MET A 91 -12.51 8.88 9.18
CA MET A 91 -13.21 7.61 9.24
C MET A 91 -14.01 7.38 7.96
N VAL A 92 -13.98 6.15 7.47
CA VAL A 92 -14.70 5.80 6.25
C VAL A 92 -16.02 5.12 6.58
N ASP A 93 -17.10 5.62 5.98
CA ASP A 93 -18.42 5.06 6.21
C ASP A 93 -18.54 3.68 5.55
N ALA A 94 -18.81 2.67 6.38
CA ALA A 94 -18.93 1.29 5.92
C ALA A 94 -20.05 1.11 4.89
N ARG A 95 -21.20 1.73 5.14
CA ARG A 95 -22.33 1.58 4.23
C ARG A 95 -22.13 2.38 2.94
N SER A 96 -21.04 3.14 2.88
CA SER A 96 -20.73 3.92 1.68
C SER A 96 -19.76 3.15 0.79
N ILE A 97 -19.18 2.09 1.34
CA ILE A 97 -18.24 1.27 0.59
C ILE A 97 -18.85 -0.10 0.32
N PRO A 98 -19.01 -0.45 -0.96
CA PRO A 98 -19.61 -1.74 -1.37
C PRO A 98 -19.05 -2.96 -0.64
N VAL A 99 -17.73 -3.05 -0.50
CA VAL A 99 -17.12 -4.19 0.17
C VAL A 99 -17.37 -4.19 1.68
N LEU A 100 -17.61 -3.02 2.26
CA LEU A 100 -17.85 -2.92 3.69
C LEU A 100 -19.33 -3.09 3.99
N ALA A 101 -20.18 -2.51 3.14
CA ALA A 101 -21.62 -2.61 3.31
C ALA A 101 -22.08 -4.05 3.13
N LYS A 102 -21.53 -4.71 2.12
CA LYS A 102 -21.85 -6.10 1.83
C LYS A 102 -20.60 -6.94 2.03
N TRP A 103 -20.04 -6.87 3.23
CA TRP A 103 -18.82 -7.58 3.56
C TRP A 103 -19.02 -9.10 3.55
N GLN A 104 -18.01 -9.78 3.02
CA GLN A 104 -18.00 -11.22 2.94
C GLN A 104 -16.70 -11.73 3.54
N ASN A 105 -16.71 -12.92 4.13
CA ASN A 105 -15.49 -13.47 4.72
C ASN A 105 -14.48 -13.81 3.64
N SER A 106 -14.93 -13.82 2.40
CA SER A 106 -14.06 -14.10 1.26
C SER A 106 -13.26 -12.86 0.87
N TYR A 107 -13.49 -11.77 1.60
CA TYR A 107 -12.78 -10.52 1.35
C TYR A 107 -11.50 -10.46 2.19
N SER A 108 -10.80 -9.34 2.08
CA SER A 108 -9.56 -9.14 2.81
C SER A 108 -9.17 -7.68 2.75
N ILE A 109 -8.04 -7.34 3.36
CA ILE A 109 -7.54 -5.98 3.35
C ILE A 109 -7.18 -5.56 1.93
N LYS A 110 -6.69 -6.53 1.16
CA LYS A 110 -6.34 -6.31 -0.23
C LYS A 110 -7.57 -5.86 -1.02
N VAL A 111 -8.69 -6.51 -0.73
CA VAL A 111 -9.95 -6.20 -1.37
C VAL A 111 -10.40 -4.77 -1.04
N VAL A 112 -10.19 -4.37 0.21
CA VAL A 112 -10.57 -3.04 0.67
C VAL A 112 -9.79 -1.96 -0.08
N LEU A 113 -8.47 -2.13 -0.12
CA LEU A 113 -7.60 -1.16 -0.81
C LEU A 113 -7.94 -1.06 -2.29
N GLN A 114 -8.20 -2.21 -2.92
CA GLN A 114 -8.54 -2.24 -4.35
C GLN A 114 -9.86 -1.51 -4.60
N GLU A 115 -10.82 -1.72 -3.70
CA GLU A 115 -12.13 -1.11 -3.81
C GLU A 115 -12.03 0.40 -3.62
N LEU A 116 -11.32 0.81 -2.58
CA LEU A 116 -11.15 2.24 -2.28
C LEU A 116 -10.50 2.97 -3.46
N ARG A 117 -9.46 2.38 -4.04
CA ARG A 117 -8.78 2.99 -5.17
C ARG A 117 -9.72 3.12 -6.37
N ARG A 118 -10.60 2.14 -6.52
CA ARG A 118 -11.55 2.16 -7.62
C ARG A 118 -12.56 3.29 -7.42
N LEU A 119 -12.95 3.50 -6.17
CA LEU A 119 -13.89 4.55 -5.82
C LEU A 119 -13.27 5.93 -6.01
N MET A 120 -11.94 5.98 -5.97
CA MET A 120 -11.22 7.24 -6.15
C MET A 120 -11.24 7.62 -7.63
N MET A 121 -11.51 6.65 -8.48
CA MET A 121 -11.57 6.86 -9.91
C MET A 121 -12.99 7.16 -10.36
N SER A 122 -13.91 7.16 -9.40
CA SER A 122 -15.31 7.43 -9.69
C SER A 122 -15.49 8.87 -10.17
N LYS A 123 -16.46 9.08 -11.05
CA LYS A 123 -16.74 10.39 -11.62
C LYS A 123 -16.98 11.42 -10.52
N GLU A 124 -17.64 11.00 -9.46
CA GLU A 124 -17.97 11.88 -8.34
C GLU A 124 -16.86 11.96 -7.30
N ASN A 125 -15.65 11.49 -7.63
CA ASN A 125 -14.55 11.52 -6.68
C ASN A 125 -13.24 11.96 -7.33
N MET A 126 -13.02 11.54 -8.56
CA MET A 126 -11.79 11.85 -9.30
C MET A 126 -11.56 13.35 -9.52
N LYS A 127 -12.61 14.15 -9.45
CA LYS A 127 -12.46 15.59 -9.67
C LYS A 127 -12.92 16.40 -8.47
N LEU A 128 -12.77 15.86 -7.27
CA LEU A 128 -13.14 16.57 -6.06
C LEU A 128 -11.96 17.38 -5.55
N PRO A 129 -12.21 18.60 -5.02
CA PRO A 129 -11.16 19.46 -4.48
C PRO A 129 -10.43 18.78 -3.32
N GLN A 130 -9.12 18.66 -3.43
CA GLN A 130 -8.33 17.99 -2.40
C GLN A 130 -7.53 18.99 -1.58
N PRO A 131 -7.40 18.73 -0.28
CA PRO A 131 -6.63 19.60 0.61
C PRO A 131 -5.14 19.55 0.30
N PRO A 132 -4.39 20.59 0.71
CA PRO A 132 -2.94 20.68 0.47
C PRO A 132 -2.21 19.40 0.88
N GLU A 133 -1.38 18.91 -0.03
CA GLU A 133 -0.60 17.69 0.19
C GLU A 133 0.27 17.83 1.43
N GLY A 134 0.25 16.80 2.28
CA GLY A 134 1.05 16.83 3.49
C GLY A 134 0.20 16.96 4.73
N GLN A 135 -1.08 17.27 4.54
CA GLN A 135 -1.99 17.40 5.66
C GLN A 135 -2.45 16.04 6.16
N THR A 136 -2.23 15.78 7.43
CA THR A 136 -2.62 14.52 8.04
C THR A 136 -3.75 14.75 9.04
N TYR A 137 -4.63 13.76 9.19
CA TYR A 137 -5.73 13.87 10.14
C TYR A 137 -5.17 13.89 11.55
N ASN A 138 -4.14 13.08 11.77
CA ASN A 138 -3.49 13.00 13.06
C ASN A 138 -2.07 13.53 12.95
N ASN A 139 -1.74 14.46 13.83
CA ASN A 139 -0.42 15.10 13.86
C ASN A 139 -0.21 15.95 12.62
N MET B 1 21.27 -11.54 -1.72
CA MET B 1 19.96 -12.20 -1.90
C MET B 1 19.27 -11.66 -3.15
N GLN B 2 18.43 -12.49 -3.75
CA GLN B 2 17.72 -12.10 -4.97
C GLN B 2 16.31 -11.60 -4.64
N ILE B 3 16.04 -10.35 -4.99
CA ILE B 3 14.74 -9.77 -4.77
C ILE B 3 14.03 -9.56 -6.10
N PHE B 4 12.75 -9.26 -6.05
CA PHE B 4 11.98 -9.03 -7.27
C PHE B 4 11.44 -7.61 -7.30
N VAL B 5 11.50 -6.99 -8.47
CA VAL B 5 11.01 -5.63 -8.63
C VAL B 5 9.96 -5.60 -9.73
N LYS B 6 8.71 -5.34 -9.36
CA LYS B 6 7.62 -5.32 -10.33
C LYS B 6 7.15 -3.90 -10.59
N THR B 7 7.25 -3.47 -11.83
CA THR B 7 6.80 -2.14 -12.22
C THR B 7 5.31 -2.17 -12.54
N LEU B 8 4.66 -1.02 -12.50
CA LEU B 8 3.21 -0.94 -12.78
C LEU B 8 2.89 -1.45 -14.20
N THR B 9 3.90 -1.50 -15.04
CA THR B 9 3.75 -1.97 -16.41
C THR B 9 3.53 -3.48 -16.44
N GLY B 10 3.94 -4.16 -15.37
CA GLY B 10 3.77 -5.60 -15.29
C GLY B 10 5.10 -6.34 -15.39
N LYS B 11 6.17 -5.60 -15.62
CA LYS B 11 7.49 -6.19 -15.74
C LYS B 11 8.07 -6.49 -14.36
N THR B 12 8.44 -7.73 -14.14
CA THR B 12 9.03 -8.15 -12.87
C THR B 12 10.48 -8.57 -13.08
N ILE B 13 11.39 -7.74 -12.61
CA ILE B 13 12.81 -8.02 -12.76
C ILE B 13 13.41 -8.56 -11.46
N THR B 14 14.61 -9.11 -11.57
CA THR B 14 15.30 -9.66 -10.42
C THR B 14 16.50 -8.78 -10.07
N LEU B 15 16.84 -8.71 -8.79
CA LEU B 15 17.97 -7.90 -8.36
C LEU B 15 18.74 -8.58 -7.24
N GLU B 16 20.05 -8.68 -7.43
CA GLU B 16 20.93 -9.29 -6.43
C GLU B 16 21.50 -8.21 -5.52
N VAL B 17 20.97 -8.12 -4.31
CA VAL B 17 21.42 -7.12 -3.35
C VAL B 17 21.56 -7.72 -1.95
N GLU B 18 22.18 -6.97 -1.05
CA GLU B 18 22.37 -7.40 0.32
C GLU B 18 21.54 -6.53 1.25
N PRO B 19 21.13 -7.07 2.43
CA PRO B 19 20.31 -6.33 3.41
C PRO B 19 21.00 -5.06 3.92
N SER B 20 22.31 -4.99 3.75
CA SER B 20 23.08 -3.84 4.18
C SER B 20 23.15 -2.76 3.11
N ASP B 21 22.53 -3.03 1.97
CA ASP B 21 22.55 -2.07 0.86
C ASP B 21 21.47 -1.00 1.04
N THR B 22 21.71 0.15 0.43
CA THR B 22 20.79 1.26 0.51
C THR B 22 19.80 1.22 -0.64
N ILE B 23 18.63 1.82 -0.44
CA ILE B 23 17.60 1.85 -1.46
C ILE B 23 18.09 2.63 -2.68
N GLU B 24 18.97 3.59 -2.43
CA GLU B 24 19.56 4.40 -3.49
C GLU B 24 20.35 3.52 -4.45
N ASN B 25 21.18 2.64 -3.92
CA ASN B 25 21.99 1.75 -4.73
C ASN B 25 21.10 0.77 -5.49
N VAL B 26 19.98 0.40 -4.85
CA VAL B 26 19.02 -0.51 -5.46
C VAL B 26 18.49 0.09 -6.76
N LYS B 27 18.15 1.37 -6.70
CA LYS B 27 17.62 2.09 -7.87
C LYS B 27 18.70 2.21 -8.94
N ALA B 28 19.94 2.38 -8.50
CA ALA B 28 21.08 2.51 -9.40
C ALA B 28 21.27 1.25 -10.23
N LYS B 29 21.09 0.10 -9.59
CA LYS B 29 21.21 -1.18 -10.28
C LYS B 29 20.11 -1.32 -11.33
N ILE B 30 18.92 -0.89 -10.97
CA ILE B 30 17.77 -0.95 -11.87
C ILE B 30 18.03 -0.06 -13.09
N GLN B 31 18.66 1.09 -12.84
CA GLN B 31 18.98 2.03 -13.91
C GLN B 31 20.02 1.43 -14.86
N ASP B 32 20.92 0.64 -14.31
CA ASP B 32 21.97 0.01 -15.08
C ASP B 32 21.45 -1.07 -16.02
N LYS B 33 20.51 -1.88 -15.55
CA LYS B 33 19.97 -2.96 -16.38
C LYS B 33 18.72 -2.55 -17.17
N GLU B 34 17.76 -1.92 -16.50
CA GLU B 34 16.51 -1.54 -17.15
C GLU B 34 16.61 -0.18 -17.84
N GLY B 35 17.54 0.65 -17.38
CA GLY B 35 17.70 1.97 -17.97
C GLY B 35 16.73 2.98 -17.41
N ILE B 36 16.06 2.61 -16.32
CA ILE B 36 15.09 3.50 -15.68
C ILE B 36 15.80 4.42 -14.69
N PRO B 37 15.72 5.74 -14.88
CA PRO B 37 16.36 6.72 -14.00
C PRO B 37 15.80 6.64 -12.58
N PRO B 38 16.68 6.64 -11.55
CA PRO B 38 16.28 6.59 -10.14
C PRO B 38 15.36 7.73 -9.75
N ASP B 39 15.45 8.82 -10.49
CA ASP B 39 14.63 10.01 -10.25
C ASP B 39 13.16 9.73 -10.55
N GLN B 40 12.92 8.72 -11.37
CA GLN B 40 11.57 8.35 -11.76
C GLN B 40 11.18 7.02 -11.12
N GLN B 41 11.95 6.60 -10.13
CA GLN B 41 11.70 5.34 -9.46
C GLN B 41 11.08 5.53 -8.09
N ARG B 42 9.89 4.98 -7.90
CA ARG B 42 9.19 5.04 -6.63
C ARG B 42 8.99 3.62 -6.12
N LEU B 43 9.75 3.25 -5.11
CA LEU B 43 9.67 1.90 -4.55
C LEU B 43 8.70 1.84 -3.38
N ILE B 44 7.59 1.13 -3.58
CA ILE B 44 6.57 0.97 -2.56
C ILE B 44 6.58 -0.47 -2.05
N PHE B 45 6.67 -0.64 -0.73
CA PHE B 45 6.70 -1.96 -0.14
C PHE B 45 6.25 -1.92 1.32
N ALA B 46 5.63 -3.03 1.77
CA ALA B 46 5.15 -3.17 3.14
C ALA B 46 4.18 -2.05 3.51
N GLY B 47 3.47 -1.53 2.51
CA GLY B 47 2.52 -0.45 2.74
C GLY B 47 3.20 0.85 3.14
N ARG B 48 4.39 1.06 2.62
CA ARG B 48 5.16 2.26 2.90
C ARG B 48 6.05 2.64 1.73
N GLN B 49 6.76 3.75 1.88
CA GLN B 49 7.66 4.24 0.83
C GLN B 49 9.11 4.01 1.24
N LEU B 50 9.87 3.38 0.35
CA LEU B 50 11.27 3.10 0.63
C LEU B 50 12.12 4.33 0.35
N GLU B 51 12.67 4.93 1.39
CA GLU B 51 13.52 6.11 1.25
C GLU B 51 14.88 5.72 0.67
N ASP B 52 15.33 6.49 -0.32
CA ASP B 52 16.60 6.25 -0.99
C ASP B 52 17.76 6.16 -0.01
N GLY B 53 17.77 7.04 0.97
CA GLY B 53 18.84 7.09 1.96
C GLY B 53 18.77 5.98 2.99
N ARG B 54 17.70 5.20 2.99
CA ARG B 54 17.55 4.12 3.96
C ARG B 54 18.06 2.80 3.38
N THR B 55 18.11 1.78 4.22
CA THR B 55 18.59 0.48 3.78
C THR B 55 17.43 -0.50 3.60
N LEU B 56 17.72 -1.65 3.01
CA LEU B 56 16.70 -2.66 2.78
C LEU B 56 16.22 -3.25 4.10
N SER B 57 17.11 -3.29 5.08
CA SER B 57 16.79 -3.82 6.39
C SER B 57 15.92 -2.84 7.20
N ASP B 58 15.92 -1.58 6.78
CA ASP B 58 15.14 -0.55 7.46
C ASP B 58 13.65 -0.85 7.40
N TYR B 59 13.22 -1.43 6.29
CA TYR B 59 11.81 -1.75 6.10
C TYR B 59 11.57 -3.26 6.18
N ASN B 60 12.57 -3.97 6.72
CA ASN B 60 12.50 -5.43 6.88
C ASN B 60 12.23 -6.12 5.55
N ILE B 61 12.93 -5.68 4.51
CA ILE B 61 12.78 -6.26 3.19
C ILE B 61 13.58 -7.56 3.10
N GLN B 62 12.87 -8.66 2.91
CA GLN B 62 13.49 -9.97 2.83
C GLN B 62 13.80 -10.35 1.40
N LYS B 63 14.33 -11.56 1.22
CA LYS B 63 14.67 -12.05 -0.10
C LYS B 63 13.41 -12.56 -0.79
N GLU B 64 13.47 -12.66 -2.13
CA GLU B 64 12.35 -13.13 -2.94
C GLU B 64 11.12 -12.22 -2.83
N SER B 65 11.28 -11.08 -2.17
CA SER B 65 10.20 -10.13 -2.01
C SER B 65 10.05 -9.30 -3.28
N THR B 66 8.81 -8.96 -3.62
CA THR B 66 8.55 -8.18 -4.82
C THR B 66 8.22 -6.73 -4.50
N LEU B 67 9.16 -5.85 -4.77
CA LEU B 67 8.98 -4.43 -4.54
C LEU B 67 8.09 -3.85 -5.63
N HIS B 68 7.23 -2.92 -5.27
CA HIS B 68 6.34 -2.29 -6.23
C HIS B 68 7.01 -1.03 -6.79
N LEU B 69 7.45 -1.13 -8.04
CA LEU B 69 8.13 -0.03 -8.69
C LEU B 69 7.13 0.84 -9.46
N VAL B 70 6.86 2.01 -8.92
CA VAL B 70 5.96 2.95 -9.55
C VAL B 70 6.78 3.97 -10.33
N LEU B 71 6.43 4.19 -11.58
CA LEU B 71 7.18 5.11 -12.41
C LEU B 71 6.68 6.54 -12.24
N ARG B 72 7.58 7.43 -11.88
CA ARG B 72 7.25 8.84 -11.71
C ARG B 72 7.39 9.55 -13.05
N LEU B 73 6.32 10.17 -13.48
CA LEU B 73 6.32 10.87 -14.75
C LEU B 73 6.91 12.27 -14.60
N ARG B 74 8.07 12.48 -15.22
CA ARG B 74 8.75 13.76 -15.16
C ARG B 74 8.73 14.44 -16.52
N GLY B 75 8.00 15.54 -16.62
CA GLY B 75 7.91 16.25 -17.88
C GLY B 75 6.79 15.71 -18.74
N GLY B 76 5.60 15.67 -18.17
CA GLY B 76 4.45 15.17 -18.90
C GLY B 76 3.32 16.19 -18.95
N VAL A 1 -6.87 -20.03 21.66
CA VAL A 1 -6.35 -19.23 20.53
C VAL A 1 -7.03 -19.67 19.23
N LYS A 2 -7.41 -18.70 18.41
CA LYS A 2 -8.07 -19.00 17.14
C LYS A 2 -7.04 -19.45 16.12
N VAL A 3 -6.86 -20.77 15.99
CA VAL A 3 -5.89 -21.33 15.05
C VAL A 3 -6.15 -20.88 13.60
N PRO A 4 -7.39 -21.01 13.07
CA PRO A 4 -7.69 -20.59 11.69
C PRO A 4 -7.38 -19.12 11.45
N ARG A 5 -7.68 -18.29 12.46
CA ARG A 5 -7.42 -16.86 12.37
C ARG A 5 -5.93 -16.58 12.43
N ASN A 6 -5.25 -17.23 13.37
CA ASN A 6 -3.81 -17.05 13.54
C ASN A 6 -3.05 -17.34 12.26
N PHE A 7 -3.30 -18.51 11.68
CA PHE A 7 -2.62 -18.90 10.45
C PHE A 7 -3.05 -17.99 9.30
N ARG A 8 -4.31 -17.58 9.29
CA ARG A 8 -4.82 -16.70 8.25
C ARG A 8 -4.05 -15.40 8.25
N LEU A 9 -3.82 -14.86 9.45
CA LEU A 9 -3.09 -13.61 9.59
C LEU A 9 -1.65 -13.78 9.12
N LEU A 10 -1.08 -14.95 9.40
CA LEU A 10 0.29 -15.25 8.99
C LEU A 10 0.41 -15.27 7.47
N GLU A 11 -0.63 -15.77 6.80
CA GLU A 11 -0.63 -15.82 5.34
C GLU A 11 -0.62 -14.41 4.77
N GLU A 12 -1.58 -13.59 5.20
CA GLU A 12 -1.69 -12.21 4.74
C GLU A 12 -0.42 -11.45 5.06
N LEU A 13 0.15 -11.75 6.22
CA LEU A 13 1.37 -11.11 6.69
C LEU A 13 2.55 -11.49 5.79
N GLU A 14 2.72 -12.77 5.55
CA GLU A 14 3.81 -13.24 4.73
C GLU A 14 3.67 -12.76 3.29
N GLU A 15 2.45 -12.75 2.77
CA GLU A 15 2.21 -12.29 1.41
C GLU A 15 2.68 -10.85 1.25
N GLY A 16 2.24 -9.99 2.16
CA GLY A 16 2.63 -8.59 2.13
C GLY A 16 4.11 -8.40 2.37
N GLN A 17 4.67 -9.18 3.29
CA GLN A 17 6.09 -9.10 3.62
C GLN A 17 6.94 -9.60 2.47
N LYS A 18 6.35 -10.39 1.59
CA LYS A 18 7.05 -10.91 0.43
C LYS A 18 6.84 -10.01 -0.78
N GLY A 19 6.05 -8.96 -0.59
CA GLY A 19 5.80 -8.01 -1.66
C GLY A 19 4.71 -8.44 -2.62
N VAL A 20 3.97 -9.48 -2.29
CA VAL A 20 2.91 -9.97 -3.15
C VAL A 20 1.78 -8.95 -3.24
N GLY A 21 1.51 -8.48 -4.46
CA GLY A 21 0.46 -7.50 -4.64
C GLY A 21 0.51 -6.85 -6.00
N ASP A 22 -0.46 -6.00 -6.29
CA ASP A 22 -0.54 -5.30 -7.56
C ASP A 22 0.59 -4.29 -7.70
N GLY A 23 0.69 -3.40 -6.74
CA GLY A 23 1.72 -2.38 -6.77
C GLY A 23 1.15 -1.01 -6.45
N THR A 24 -0.07 -0.77 -6.91
CA THR A 24 -0.73 0.51 -6.65
C THR A 24 -1.27 0.56 -5.24
N VAL A 25 -1.33 -0.61 -4.61
CA VAL A 25 -1.80 -0.77 -3.25
C VAL A 25 -0.95 -1.81 -2.54
N SER A 26 -0.71 -1.61 -1.25
CA SER A 26 0.09 -2.56 -0.46
C SER A 26 -0.26 -2.45 1.01
N TRP A 27 0.05 -3.49 1.77
CA TRP A 27 -0.24 -3.51 3.20
C TRP A 27 1.00 -3.96 3.99
N GLY A 28 0.96 -3.78 5.30
CA GLY A 28 2.08 -4.17 6.14
C GLY A 28 1.71 -4.14 7.61
N LEU A 29 2.70 -4.32 8.47
CA LEU A 29 2.47 -4.33 9.91
C LEU A 29 2.73 -2.94 10.51
N GLU A 30 2.07 -2.66 11.63
CA GLU A 30 2.23 -1.39 12.33
C GLU A 30 2.70 -1.62 13.76
N ASP A 31 3.53 -2.64 13.96
CA ASP A 31 4.03 -2.97 15.29
C ASP A 31 5.25 -3.88 15.23
N ASP A 32 5.10 -4.98 14.49
CA ASP A 32 6.16 -5.99 14.31
C ASP A 32 6.29 -6.89 15.54
N GLU A 33 6.31 -6.30 16.72
CA GLU A 33 6.41 -7.06 17.97
C GLU A 33 5.12 -7.79 18.26
N ASP A 34 4.00 -7.08 18.13
CA ASP A 34 2.68 -7.65 18.38
C ASP A 34 2.41 -8.83 17.45
N MET A 35 2.17 -10.00 18.05
CA MET A 35 1.92 -11.20 17.28
C MET A 35 0.42 -11.43 17.06
N THR A 36 -0.41 -10.55 17.59
CA THR A 36 -1.85 -10.69 17.41
C THR A 36 -2.26 -10.17 16.05
N LEU A 37 -1.42 -9.28 15.51
CA LEU A 37 -1.63 -8.68 14.19
C LEU A 37 -3.02 -8.08 14.07
N THR A 38 -3.28 -7.02 14.82
CA THR A 38 -4.57 -6.37 14.80
C THR A 38 -4.54 -5.08 13.97
N ARG A 39 -3.46 -4.32 14.10
CA ARG A 39 -3.33 -3.07 13.37
C ARG A 39 -2.47 -3.27 12.12
N TRP A 40 -3.09 -3.12 10.96
CA TRP A 40 -2.39 -3.29 9.70
C TRP A 40 -2.22 -1.95 9.00
N THR A 41 -1.08 -1.79 8.34
CA THR A 41 -0.78 -0.58 7.62
C THR A 41 -1.24 -0.68 6.17
N GLY A 42 -1.94 0.35 5.71
CA GLY A 42 -2.41 0.36 4.34
C GLY A 42 -1.91 1.58 3.61
N MET A 43 -1.65 1.46 2.33
CA MET A 43 -1.18 2.58 1.55
C MET A 43 -1.74 2.53 0.14
N ILE A 44 -2.30 3.64 -0.30
CA ILE A 44 -2.88 3.73 -1.63
C ILE A 44 -2.19 4.82 -2.43
N ILE A 45 -1.68 4.45 -3.59
CA ILE A 45 -1.00 5.41 -4.45
C ILE A 45 -2.01 6.02 -5.41
N GLY A 46 -2.23 7.33 -5.27
CA GLY A 46 -3.18 8.05 -6.10
C GLY A 46 -3.09 7.74 -7.59
N PRO A 47 -4.21 7.34 -8.20
CA PRO A 47 -4.27 7.02 -9.63
C PRO A 47 -4.01 8.23 -10.52
N PRO A 48 -3.23 8.06 -11.60
CA PRO A 48 -2.91 9.15 -12.53
C PRO A 48 -4.16 9.68 -13.24
N ARG A 49 -4.04 10.90 -13.77
CA ARG A 49 -5.11 11.56 -14.50
C ARG A 49 -6.28 11.93 -13.60
N THR A 50 -6.04 11.97 -12.28
CA THR A 50 -7.07 12.32 -11.33
C THR A 50 -6.55 13.34 -10.33
N ASN A 51 -7.40 13.79 -9.43
CA ASN A 51 -7.00 14.75 -8.41
C ASN A 51 -6.14 14.07 -7.34
N TYR A 52 -6.14 12.75 -7.36
CA TYR A 52 -5.36 11.97 -6.41
C TYR A 52 -4.01 11.58 -7.00
N GLU A 53 -3.79 11.96 -8.26
CA GLU A 53 -2.55 11.62 -8.97
C GLU A 53 -1.30 12.08 -8.21
N ASN A 54 -0.35 11.16 -8.10
CA ASN A 54 0.95 11.41 -7.45
C ASN A 54 0.78 11.71 -5.97
N ARG A 55 -0.32 11.27 -5.38
CA ARG A 55 -0.57 11.50 -3.96
C ARG A 55 -0.51 10.19 -3.18
N ILE A 56 0.33 10.15 -2.17
CA ILE A 56 0.47 8.96 -1.34
C ILE A 56 -0.46 9.06 -0.13
N TYR A 57 -1.49 8.24 -0.13
CA TYR A 57 -2.46 8.24 0.95
C TYR A 57 -2.20 7.09 1.92
N SER A 58 -1.97 7.44 3.17
CA SER A 58 -1.71 6.45 4.20
C SER A 58 -3.02 6.04 4.87
N LEU A 59 -3.21 4.74 5.05
CA LEU A 59 -4.42 4.21 5.66
C LEU A 59 -4.10 3.30 6.83
N LYS A 60 -5.08 3.10 7.68
CA LYS A 60 -4.95 2.23 8.83
C LYS A 60 -6.13 1.29 8.88
N VAL A 61 -5.87 -0.01 8.87
CA VAL A 61 -6.93 -1.00 8.91
C VAL A 61 -6.80 -1.89 10.13
N GLU A 62 -7.84 -1.93 10.94
CA GLU A 62 -7.86 -2.74 12.13
C GLU A 62 -8.89 -3.85 11.99
N CYS A 63 -8.43 -5.09 12.12
CA CYS A 63 -9.30 -6.24 12.01
C CYS A 63 -9.89 -6.60 13.37
N GLY A 64 -11.17 -6.95 13.38
CA GLY A 64 -11.83 -7.31 14.61
C GLY A 64 -11.70 -8.80 14.91
N PRO A 65 -12.24 -9.24 16.05
CA PRO A 65 -12.16 -10.65 16.47
C PRO A 65 -13.07 -11.57 15.65
N LYS A 66 -13.88 -10.98 14.78
CA LYS A 66 -14.79 -11.77 13.95
C LYS A 66 -14.34 -11.74 12.50
N TYR A 67 -13.10 -11.33 12.27
CA TYR A 67 -12.54 -11.26 10.93
C TYR A 67 -12.23 -12.69 10.45
N PRO A 68 -12.46 -12.99 9.16
CA PRO A 68 -12.97 -12.05 8.16
C PRO A 68 -14.48 -12.16 7.94
N GLU A 69 -15.21 -12.63 8.93
CA GLU A 69 -16.66 -12.75 8.82
C GLU A 69 -17.31 -11.38 8.95
N ALA A 70 -16.66 -10.50 9.71
CA ALA A 70 -17.15 -9.15 9.91
C ALA A 70 -16.24 -8.15 9.23
N PRO A 71 -16.79 -7.01 8.76
CA PRO A 71 -16.01 -5.97 8.08
C PRO A 71 -15.00 -5.30 9.02
N PRO A 72 -13.76 -5.12 8.54
CA PRO A 72 -12.69 -4.48 9.33
C PRO A 72 -12.85 -2.97 9.38
N SER A 73 -12.21 -2.35 10.37
CA SER A 73 -12.27 -0.91 10.52
C SER A 73 -11.21 -0.23 9.66
N VAL A 74 -11.65 0.55 8.69
CA VAL A 74 -10.73 1.25 7.79
C VAL A 74 -10.84 2.75 7.96
N ARG A 75 -9.69 3.43 7.95
CA ARG A 75 -9.65 4.87 8.09
C ARG A 75 -8.44 5.45 7.38
N PHE A 76 -8.53 6.70 6.98
CA PHE A 76 -7.44 7.37 6.28
C PHE A 76 -6.66 8.25 7.25
N VAL A 77 -5.34 8.30 7.07
CA VAL A 77 -4.49 9.12 7.92
C VAL A 77 -4.29 10.50 7.28
N THR A 78 -3.96 10.49 6.00
CA THR A 78 -3.76 11.72 5.26
C THR A 78 -5.11 12.34 4.89
N LYS A 79 -5.16 13.67 4.88
CA LYS A 79 -6.40 14.37 4.55
C LYS A 79 -6.77 14.14 3.09
N ILE A 80 -7.93 13.53 2.89
CA ILE A 80 -8.42 13.22 1.56
C ILE A 80 -9.90 13.57 1.43
N ASN A 81 -10.27 14.17 0.32
CA ASN A 81 -11.66 14.53 0.09
C ASN A 81 -12.26 13.52 -0.86
N MET A 82 -12.87 12.49 -0.29
CA MET A 82 -13.48 11.43 -1.06
C MET A 82 -14.88 11.14 -0.55
N ASN A 83 -15.82 10.92 -1.45
CA ASN A 83 -17.21 10.63 -1.10
C ASN A 83 -17.30 9.33 -0.31
N GLY A 84 -17.43 9.45 1.00
CA GLY A 84 -17.53 8.29 1.86
C GLY A 84 -16.56 8.35 3.03
N ILE A 85 -15.67 9.34 3.00
CA ILE A 85 -14.69 9.50 4.07
C ILE A 85 -14.94 10.80 4.83
N ASN A 86 -14.93 10.69 6.16
CA ASN A 86 -15.16 11.85 7.02
C ASN A 86 -14.01 12.86 6.89
N ASN A 87 -14.35 14.14 6.88
CA ASN A 87 -13.35 15.21 6.72
C ASN A 87 -12.69 15.61 8.04
N SER A 88 -13.13 15.04 9.15
CA SER A 88 -12.55 15.38 10.44
C SER A 88 -11.70 14.25 11.00
N SER A 89 -12.28 13.06 11.10
CA SER A 89 -11.58 11.90 11.63
C SER A 89 -10.89 11.11 10.51
N GLY A 90 -11.48 11.15 9.33
CA GLY A 90 -10.92 10.42 8.21
C GLY A 90 -11.42 9.00 8.15
N MET A 91 -12.47 8.73 8.92
CA MET A 91 -13.06 7.39 8.97
C MET A 91 -13.87 7.14 7.70
N VAL A 92 -13.85 5.90 7.24
CA VAL A 92 -14.58 5.52 6.04
C VAL A 92 -15.94 4.92 6.39
N ASP A 93 -16.98 5.37 5.69
CA ASP A 93 -18.33 4.87 5.93
C ASP A 93 -18.47 3.50 5.27
N ALA A 94 -18.86 2.51 6.07
CA ALA A 94 -19.03 1.14 5.60
C ALA A 94 -20.09 1.00 4.51
N ARG A 95 -21.23 1.67 4.69
CA ARG A 95 -22.32 1.55 3.72
C ARG A 95 -22.03 2.36 2.45
N SER A 96 -20.98 3.17 2.48
CA SER A 96 -20.61 3.97 1.33
C SER A 96 -19.65 3.20 0.43
N ILE A 97 -19.05 2.15 0.98
CA ILE A 97 -18.11 1.32 0.23
C ILE A 97 -18.72 -0.06 -0.03
N PRO A 98 -18.90 -0.41 -1.31
CA PRO A 98 -19.50 -1.69 -1.72
C PRO A 98 -18.92 -2.92 -1.01
N VAL A 99 -17.60 -2.99 -0.89
CA VAL A 99 -16.96 -4.15 -0.26
C VAL A 99 -17.19 -4.18 1.26
N LEU A 100 -17.59 -3.07 1.83
CA LEU A 100 -17.85 -3.02 3.26
C LEU A 100 -19.34 -3.20 3.54
N ALA A 101 -20.16 -2.51 2.76
CA ALA A 101 -21.60 -2.62 2.88
C ALA A 101 -22.04 -4.04 2.58
N LYS A 102 -21.42 -4.62 1.56
CA LYS A 102 -21.70 -5.99 1.16
C LYS A 102 -20.46 -6.84 1.39
N TRP A 103 -19.90 -6.72 2.59
CA TRP A 103 -18.69 -7.45 2.96
C TRP A 103 -18.87 -8.95 2.84
N GLN A 104 -17.88 -9.59 2.26
CA GLN A 104 -17.87 -11.03 2.08
C GLN A 104 -16.72 -11.62 2.89
N ASN A 105 -16.93 -12.79 3.48
CA ASN A 105 -15.89 -13.43 4.28
C ASN A 105 -14.79 -13.99 3.39
N SER A 106 -14.96 -13.82 2.08
CA SER A 106 -13.99 -14.26 1.10
C SER A 106 -13.11 -13.09 0.66
N TYR A 107 -13.27 -11.96 1.33
CA TYR A 107 -12.52 -10.76 1.03
C TYR A 107 -11.36 -10.59 2.01
N SER A 108 -10.57 -9.54 1.81
CA SER A 108 -9.44 -9.25 2.67
C SER A 108 -9.12 -7.76 2.63
N ILE A 109 -8.08 -7.36 3.36
CA ILE A 109 -7.66 -5.96 3.42
C ILE A 109 -7.27 -5.47 2.04
N LYS A 110 -6.59 -6.33 1.28
CA LYS A 110 -6.16 -5.99 -0.08
C LYS A 110 -7.35 -5.64 -0.95
N VAL A 111 -8.43 -6.40 -0.80
CA VAL A 111 -9.64 -6.18 -1.57
C VAL A 111 -10.21 -4.79 -1.29
N VAL A 112 -10.25 -4.43 -0.02
CA VAL A 112 -10.77 -3.13 0.39
C VAL A 112 -9.92 -2.01 -0.18
N LEU A 113 -8.60 -2.16 -0.06
CA LEU A 113 -7.65 -1.16 -0.57
C LEU A 113 -7.84 -0.97 -2.07
N GLN A 114 -8.00 -2.08 -2.78
CA GLN A 114 -8.20 -2.04 -4.23
C GLN A 114 -9.51 -1.34 -4.58
N GLU A 115 -10.54 -1.64 -3.80
CA GLU A 115 -11.86 -1.05 -4.02
C GLU A 115 -11.83 0.45 -3.76
N LEU A 116 -11.16 0.84 -2.69
CA LEU A 116 -11.05 2.25 -2.34
C LEU A 116 -10.37 3.03 -3.47
N ARG A 117 -9.28 2.48 -4.00
CA ARG A 117 -8.57 3.12 -5.08
C ARG A 117 -9.42 3.14 -6.36
N ARG A 118 -10.26 2.12 -6.50
CA ARG A 118 -11.14 2.03 -7.66
C ARG A 118 -12.16 3.15 -7.61
N LEU A 119 -12.69 3.40 -6.42
CA LEU A 119 -13.69 4.45 -6.23
C LEU A 119 -13.05 5.83 -6.32
N MET A 120 -11.71 5.87 -6.32
CA MET A 120 -10.99 7.12 -6.43
C MET A 120 -10.96 7.57 -7.88
N MET A 121 -11.19 6.61 -8.79
CA MET A 121 -11.19 6.90 -10.21
C MET A 121 -12.62 7.14 -10.68
N SER A 122 -13.55 7.07 -9.74
CA SER A 122 -14.96 7.29 -10.04
C SER A 122 -15.21 8.76 -10.37
N LYS A 123 -16.17 9.00 -11.25
CA LYS A 123 -16.51 10.34 -11.71
C LYS A 123 -16.84 11.28 -10.54
N GLU A 124 -17.44 10.74 -9.50
CA GLU A 124 -17.84 11.53 -8.33
C GLU A 124 -16.70 11.71 -7.32
N ASN A 125 -15.49 11.29 -7.67
CA ASN A 125 -14.36 11.41 -6.75
C ASN A 125 -13.09 11.91 -7.44
N MET A 126 -12.84 11.40 -8.64
CA MET A 126 -11.64 11.73 -9.40
C MET A 126 -11.42 13.24 -9.59
N LYS A 127 -12.48 14.03 -9.55
CA LYS A 127 -12.35 15.47 -9.74
C LYS A 127 -12.72 16.26 -8.48
N LEU A 128 -12.75 15.58 -7.34
CA LEU A 128 -13.08 16.24 -6.09
C LEU A 128 -11.88 17.03 -5.57
N PRO A 129 -12.09 18.31 -5.23
CA PRO A 129 -11.02 19.17 -4.71
C PRO A 129 -10.34 18.54 -3.50
N GLN A 130 -9.03 18.39 -3.57
CA GLN A 130 -8.26 17.78 -2.50
C GLN A 130 -7.60 18.83 -1.63
N PRO A 131 -7.55 18.60 -0.31
CA PRO A 131 -6.92 19.53 0.63
C PRO A 131 -5.40 19.49 0.51
N PRO A 132 -4.68 20.48 1.06
CA PRO A 132 -3.22 20.55 1.02
C PRO A 132 -2.55 19.21 1.31
N GLU A 133 -1.81 18.72 0.33
CA GLU A 133 -1.11 17.44 0.45
C GLU A 133 -0.11 17.46 1.60
N GLY A 134 -0.06 16.37 2.34
CA GLY A 134 0.86 16.26 3.45
C GLY A 134 0.15 16.39 4.79
N GLN A 135 -0.99 17.06 4.78
CA GLN A 135 -1.77 17.25 5.98
C GLN A 135 -2.48 15.95 6.38
N THR A 136 -2.41 15.61 7.65
CA THR A 136 -3.02 14.40 8.15
C THR A 136 -4.17 14.73 9.10
N TYR A 137 -5.04 13.76 9.32
CA TYR A 137 -6.16 13.94 10.24
C TYR A 137 -5.71 13.80 11.68
N ASN A 138 -4.48 13.36 11.85
CA ASN A 138 -3.90 13.19 13.18
C ASN A 138 -2.40 13.48 13.12
N ASN A 139 -1.89 14.14 14.15
CA ASN A 139 -0.48 14.49 14.25
C ASN A 139 -0.05 15.34 13.06
N MET B 1 21.57 -11.62 -2.70
CA MET B 1 20.30 -12.37 -2.68
C MET B 1 19.42 -11.94 -3.84
N GLN B 2 18.60 -12.86 -4.33
CA GLN B 2 17.71 -12.59 -5.44
C GLN B 2 16.39 -11.98 -4.98
N ILE B 3 16.09 -10.80 -5.50
CA ILE B 3 14.86 -10.10 -5.18
C ILE B 3 14.09 -9.86 -6.46
N PHE B 4 12.86 -9.39 -6.35
CA PHE B 4 12.05 -9.12 -7.53
C PHE B 4 11.46 -7.73 -7.47
N VAL B 5 11.57 -7.00 -8.56
CA VAL B 5 11.02 -5.65 -8.63
C VAL B 5 9.85 -5.63 -9.60
N LYS B 6 8.66 -5.34 -9.08
CA LYS B 6 7.46 -5.30 -9.89
C LYS B 6 7.00 -3.86 -10.09
N THR B 7 7.01 -3.40 -11.33
CA THR B 7 6.60 -2.05 -11.65
C THR B 7 5.07 -1.98 -11.74
N LEU B 8 4.54 -0.78 -11.90
CA LEU B 8 3.10 -0.58 -12.02
C LEU B 8 2.59 -1.18 -13.33
N THR B 9 3.52 -1.52 -14.22
CA THR B 9 3.19 -2.11 -15.50
C THR B 9 2.97 -3.62 -15.36
N GLY B 10 3.26 -4.14 -14.17
CA GLY B 10 3.12 -5.56 -13.92
C GLY B 10 4.35 -6.33 -14.33
N LYS B 11 5.38 -5.60 -14.71
CA LYS B 11 6.63 -6.21 -15.14
C LYS B 11 7.52 -6.48 -13.94
N THR B 12 7.69 -7.76 -13.63
CA THR B 12 8.52 -8.16 -12.51
C THR B 12 9.91 -8.51 -13.01
N ILE B 13 10.91 -7.75 -12.58
CA ILE B 13 12.28 -8.00 -12.98
C ILE B 13 13.07 -8.63 -11.84
N THR B 14 14.09 -9.41 -12.19
CA THR B 14 14.92 -10.05 -11.18
C THR B 14 16.15 -9.19 -10.91
N LEU B 15 16.54 -9.10 -9.65
CA LEU B 15 17.71 -8.31 -9.27
C LEU B 15 18.46 -8.98 -8.13
N GLU B 16 19.78 -8.88 -8.15
CA GLU B 16 20.61 -9.46 -7.12
C GLU B 16 21.27 -8.37 -6.30
N VAL B 17 20.89 -8.26 -5.04
CA VAL B 17 21.45 -7.26 -4.13
C VAL B 17 21.70 -7.86 -2.76
N GLU B 18 22.48 -7.17 -1.95
CA GLU B 18 22.79 -7.64 -0.61
C GLU B 18 21.93 -6.89 0.41
N PRO B 19 21.61 -7.50 1.55
CA PRO B 19 20.80 -6.87 2.60
C PRO B 19 21.37 -5.52 3.07
N SER B 20 22.68 -5.36 2.93
CA SER B 20 23.37 -4.15 3.34
C SER B 20 23.41 -3.12 2.21
N ASP B 21 22.72 -3.39 1.11
CA ASP B 21 22.70 -2.48 -0.02
C ASP B 21 21.72 -1.34 0.21
N THR B 22 22.12 -0.14 -0.19
CA THR B 22 21.28 1.03 -0.04
C THR B 22 20.23 1.08 -1.16
N ILE B 23 19.06 1.63 -0.85
CA ILE B 23 17.98 1.75 -1.83
C ILE B 23 18.47 2.50 -3.08
N GLU B 24 19.35 3.46 -2.84
CA GLU B 24 19.93 4.27 -3.90
C GLU B 24 20.62 3.39 -4.95
N ASN B 25 21.39 2.40 -4.51
CA ASN B 25 22.10 1.51 -5.43
C ASN B 25 21.11 0.64 -6.18
N VAL B 26 20.05 0.24 -5.50
CA VAL B 26 19.01 -0.58 -6.11
C VAL B 26 18.46 0.11 -7.36
N LYS B 27 18.22 1.42 -7.22
CA LYS B 27 17.72 2.24 -8.32
C LYS B 27 18.71 2.26 -9.47
N ALA B 28 19.99 2.40 -9.14
CA ALA B 28 21.05 2.43 -10.12
C ALA B 28 21.12 1.12 -10.91
N LYS B 29 20.95 0.01 -10.21
CA LYS B 29 20.97 -1.30 -10.84
C LYS B 29 19.79 -1.47 -11.77
N ILE B 30 18.64 -0.95 -11.36
CA ILE B 30 17.43 -1.02 -12.17
C ILE B 30 17.62 -0.19 -13.44
N GLN B 31 18.26 0.96 -13.29
CA GLN B 31 18.51 1.84 -14.41
C GLN B 31 19.49 1.21 -15.40
N ASP B 32 20.40 0.42 -14.88
CA ASP B 32 21.41 -0.24 -15.71
C ASP B 32 20.79 -1.28 -16.64
N LYS B 33 19.76 -1.96 -16.17
CA LYS B 33 19.13 -3.00 -16.98
C LYS B 33 17.84 -2.52 -17.67
N GLU B 34 16.95 -1.89 -16.92
CA GLU B 34 15.69 -1.42 -17.49
C GLU B 34 15.85 -0.08 -18.19
N GLY B 35 16.65 0.80 -17.61
CA GLY B 35 16.87 2.11 -18.21
C GLY B 35 15.93 3.15 -17.67
N ILE B 36 15.64 3.10 -16.38
CA ILE B 36 14.74 4.04 -15.74
C ILE B 36 15.53 4.94 -14.77
N PRO B 37 15.48 6.27 -14.97
CA PRO B 37 16.19 7.23 -14.10
C PRO B 37 15.81 7.05 -12.63
N PRO B 38 16.82 7.00 -11.73
CA PRO B 38 16.59 6.84 -10.27
C PRO B 38 15.69 7.93 -9.71
N ASP B 39 15.79 9.12 -10.30
CA ASP B 39 14.98 10.26 -9.88
C ASP B 39 13.49 9.98 -10.10
N GLN B 40 13.19 9.22 -11.13
CA GLN B 40 11.81 8.88 -11.44
C GLN B 40 11.43 7.53 -10.84
N GLN B 41 12.27 7.05 -9.93
CA GLN B 41 12.04 5.77 -9.28
C GLN B 41 11.55 5.97 -7.85
N ARG B 42 10.32 5.59 -7.59
CA ARG B 42 9.74 5.69 -6.26
C ARG B 42 9.37 4.30 -5.79
N LEU B 43 10.23 3.68 -5.01
CA LEU B 43 10.01 2.34 -4.51
C LEU B 43 9.05 2.31 -3.33
N ILE B 44 8.05 1.45 -3.44
CA ILE B 44 7.04 1.29 -2.40
C ILE B 44 7.00 -0.16 -1.95
N PHE B 45 7.05 -0.38 -0.64
CA PHE B 45 7.03 -1.74 -0.10
C PHE B 45 6.43 -1.76 1.30
N ALA B 46 5.62 -2.78 1.58
CA ALA B 46 4.97 -2.97 2.88
C ALA B 46 4.12 -1.77 3.28
N GLY B 47 3.61 -1.05 2.29
CA GLY B 47 2.78 0.12 2.56
C GLY B 47 3.59 1.31 3.05
N ARG B 48 4.86 1.33 2.68
CA ARG B 48 5.75 2.42 3.07
C ARG B 48 6.69 2.76 1.93
N GLN B 49 7.12 4.01 1.88
CA GLN B 49 8.03 4.47 0.85
C GLN B 49 9.47 4.08 1.18
N LEU B 50 10.17 3.52 0.20
CA LEU B 50 11.55 3.10 0.39
C LEU B 50 12.49 4.27 0.16
N GLU B 51 12.83 4.95 1.25
CA GLU B 51 13.71 6.11 1.22
C GLU B 51 15.08 5.76 0.64
N ASP B 52 15.64 6.69 -0.12
CA ASP B 52 16.94 6.52 -0.76
C ASP B 52 18.04 6.24 0.25
N GLY B 53 18.08 7.04 1.32
CA GLY B 53 19.10 6.88 2.34
C GLY B 53 18.80 5.81 3.35
N ARG B 54 18.31 4.67 2.89
CA ARG B 54 17.98 3.55 3.77
C ARG B 54 18.47 2.25 3.15
N THR B 55 18.57 1.21 3.96
CA THR B 55 19.03 -0.08 3.47
C THR B 55 17.86 -1.06 3.38
N LEU B 56 18.13 -2.25 2.86
CA LEU B 56 17.09 -3.27 2.71
C LEU B 56 16.65 -3.79 4.07
N SER B 57 17.57 -3.80 5.02
CA SER B 57 17.30 -4.26 6.37
C SER B 57 16.29 -3.35 7.10
N ASP B 58 16.23 -2.10 6.67
CA ASP B 58 15.33 -1.12 7.28
C ASP B 58 13.87 -1.51 7.11
N TYR B 59 13.57 -2.23 6.04
CA TYR B 59 12.21 -2.64 5.75
C TYR B 59 12.08 -4.16 5.76
N ASN B 60 13.10 -4.83 6.29
CA ASN B 60 13.14 -6.29 6.37
C ASN B 60 12.94 -6.91 4.99
N ILE B 61 13.66 -6.38 4.01
CA ILE B 61 13.57 -6.89 2.65
C ILE B 61 14.51 -8.08 2.48
N GLN B 62 13.93 -9.26 2.40
CA GLN B 62 14.70 -10.49 2.23
C GLN B 62 14.64 -10.94 0.77
N LYS B 63 15.05 -12.17 0.50
CA LYS B 63 15.03 -12.70 -0.86
C LYS B 63 13.59 -12.96 -1.31
N GLU B 64 13.37 -12.93 -2.62
CA GLU B 64 12.06 -13.17 -3.23
C GLU B 64 11.08 -12.02 -3.00
N SER B 65 11.46 -11.06 -2.15
CA SER B 65 10.60 -9.91 -1.87
C SER B 65 10.33 -9.11 -3.14
N THR B 66 9.05 -8.93 -3.44
CA THR B 66 8.64 -8.19 -4.62
C THR B 66 8.50 -6.71 -4.32
N LEU B 67 9.56 -5.96 -4.56
CA LEU B 67 9.54 -4.52 -4.35
C LEU B 67 8.73 -3.88 -5.46
N HIS B 68 7.91 -2.89 -5.14
CA HIS B 68 7.09 -2.27 -6.15
C HIS B 68 7.67 -0.94 -6.58
N LEU B 69 8.06 -0.87 -7.85
CA LEU B 69 8.65 0.34 -8.40
C LEU B 69 7.58 1.23 -9.01
N VAL B 70 7.27 2.30 -8.33
CA VAL B 70 6.27 3.25 -8.79
C VAL B 70 6.95 4.43 -9.45
N LEU B 71 6.59 4.70 -10.69
CA LEU B 71 7.18 5.80 -11.44
C LEU B 71 6.87 7.13 -10.78
N ARG B 72 7.91 7.92 -10.52
CA ARG B 72 7.74 9.22 -9.91
C ARG B 72 7.39 10.21 -11.01
N LEU B 73 6.09 10.44 -11.18
CA LEU B 73 5.57 11.33 -12.19
C LEU B 73 6.11 12.76 -12.01
N ARG B 74 6.99 13.16 -12.92
CA ARG B 74 7.58 14.48 -12.90
C ARG B 74 7.24 15.22 -14.17
N GLY B 75 6.42 16.26 -14.06
CA GLY B 75 6.03 17.02 -15.22
C GLY B 75 4.63 16.69 -15.67
N GLY B 76 3.65 17.26 -15.00
CA GLY B 76 2.26 17.02 -15.35
C GLY B 76 1.40 18.21 -15.00
N VAL A 1 -7.38 -20.86 19.76
CA VAL A 1 -6.92 -19.95 18.68
C VAL A 1 -7.47 -20.40 17.34
N LYS A 2 -8.09 -19.48 16.61
CA LYS A 2 -8.65 -19.80 15.30
C LYS A 2 -7.53 -20.05 14.29
N VAL A 3 -7.31 -21.30 13.97
CA VAL A 3 -6.28 -21.69 13.03
C VAL A 3 -6.48 -21.07 11.65
N PRO A 4 -7.71 -21.15 11.05
CA PRO A 4 -7.97 -20.57 9.73
C PRO A 4 -7.67 -19.07 9.70
N ARG A 5 -8.00 -18.39 10.79
CA ARG A 5 -7.76 -16.95 10.89
C ARG A 5 -6.26 -16.67 10.97
N ASN A 6 -5.56 -17.43 11.80
CA ASN A 6 -4.13 -17.27 11.96
C ASN A 6 -3.42 -17.55 10.63
N PHE A 7 -3.84 -18.63 9.98
CA PHE A 7 -3.28 -19.03 8.70
C PHE A 7 -3.48 -17.91 7.68
N ARG A 8 -4.67 -17.31 7.71
CA ARG A 8 -5.01 -16.22 6.81
C ARG A 8 -4.03 -15.06 6.96
N LEU A 9 -3.80 -14.66 8.20
CA LEU A 9 -2.89 -13.56 8.50
C LEU A 9 -1.47 -13.86 8.02
N LEU A 10 -1.07 -15.13 8.13
CA LEU A 10 0.26 -15.55 7.70
C LEU A 10 0.39 -15.48 6.19
N GLU A 11 -0.73 -15.65 5.49
CA GLU A 11 -0.73 -15.59 4.03
C GLU A 11 -0.76 -14.14 3.55
N GLU A 12 -1.69 -13.36 4.10
CA GLU A 12 -1.84 -11.96 3.72
C GLU A 12 -0.56 -11.18 4.01
N LEU A 13 0.23 -11.67 4.96
CA LEU A 13 1.49 -11.03 5.33
C LEU A 13 2.44 -11.01 4.14
N GLU A 14 2.66 -12.16 3.52
CA GLU A 14 3.55 -12.25 2.37
C GLU A 14 2.94 -11.56 1.16
N GLU A 15 1.61 -11.54 1.10
CA GLU A 15 0.90 -10.90 0.01
C GLU A 15 1.21 -9.41 -0.02
N GLY A 16 1.20 -8.79 1.15
CA GLY A 16 1.49 -7.37 1.25
C GLY A 16 2.95 -7.05 1.03
N GLN A 17 3.83 -7.91 1.53
CA GLN A 17 5.27 -7.70 1.39
C GLN A 17 5.74 -7.93 -0.04
N LYS A 18 4.86 -8.42 -0.89
CA LYS A 18 5.20 -8.65 -2.28
C LYS A 18 4.27 -7.88 -3.20
N GLY A 19 3.37 -7.11 -2.59
CA GLY A 19 2.41 -6.32 -3.35
C GLY A 19 1.56 -7.19 -4.25
N VAL A 20 1.11 -8.33 -3.73
CA VAL A 20 0.29 -9.26 -4.48
C VAL A 20 -1.15 -8.78 -4.58
N GLY A 21 -1.51 -8.21 -5.72
CA GLY A 21 -2.86 -7.73 -5.93
C GLY A 21 -3.04 -7.18 -7.32
N ASP A 22 -3.63 -5.98 -7.41
CA ASP A 22 -3.87 -5.35 -8.70
C ASP A 22 -2.56 -4.84 -9.29
N GLY A 23 -1.58 -4.63 -8.44
CA GLY A 23 -0.29 -4.17 -8.88
C GLY A 23 0.09 -2.81 -8.33
N THR A 24 -0.88 -2.11 -7.74
CA THR A 24 -0.63 -0.79 -7.18
C THR A 24 -0.79 -0.77 -5.66
N VAL A 25 -1.84 -1.42 -5.16
CA VAL A 25 -2.10 -1.45 -3.73
C VAL A 25 -1.01 -2.19 -2.97
N SER A 26 -0.61 -1.64 -1.83
CA SER A 26 0.41 -2.24 -1.00
C SER A 26 0.06 -2.08 0.47
N TRP A 27 0.28 -3.13 1.26
CA TRP A 27 0.00 -3.12 2.68
C TRP A 27 0.93 -4.09 3.40
N GLY A 28 0.93 -4.06 4.72
CA GLY A 28 1.79 -4.95 5.46
C GLY A 28 1.77 -4.69 6.95
N LEU A 29 2.52 -5.50 7.69
CA LEU A 29 2.60 -5.36 9.14
C LEU A 29 3.59 -4.26 9.52
N GLU A 30 3.10 -3.31 10.29
CA GLU A 30 3.94 -2.20 10.74
C GLU A 30 4.59 -2.51 12.07
N ASP A 31 3.86 -3.26 12.90
CA ASP A 31 4.33 -3.63 14.23
C ASP A 31 5.59 -4.48 14.16
N ASP A 32 5.51 -5.61 13.46
CA ASP A 32 6.64 -6.54 13.30
C ASP A 32 6.91 -7.31 14.60
N GLU A 33 7.00 -6.59 15.70
CA GLU A 33 7.24 -7.20 17.01
C GLU A 33 5.96 -7.83 17.54
N ASP A 34 4.86 -7.60 16.84
CA ASP A 34 3.57 -8.13 17.24
C ASP A 34 3.22 -9.33 16.37
N MET A 35 3.05 -10.48 17.00
CA MET A 35 2.73 -11.72 16.28
C MET A 35 1.24 -11.95 16.16
N THR A 36 0.42 -10.98 16.57
CA THR A 36 -1.03 -11.13 16.47
C THR A 36 -1.52 -10.69 15.09
N LEU A 37 -0.73 -9.85 14.43
CA LEU A 37 -1.08 -9.33 13.10
C LEU A 37 -2.45 -8.66 13.14
N THR A 38 -2.56 -7.62 13.95
CA THR A 38 -3.82 -6.91 14.11
C THR A 38 -3.81 -5.56 13.40
N ARG A 39 -2.73 -4.81 13.58
CA ARG A 39 -2.61 -3.49 12.95
C ARG A 39 -1.86 -3.58 11.64
N TRP A 40 -2.57 -3.38 10.55
CA TRP A 40 -1.97 -3.44 9.23
C TRP A 40 -1.87 -2.04 8.62
N THR A 41 -0.76 -1.76 7.98
CA THR A 41 -0.53 -0.49 7.34
C THR A 41 -0.80 -0.59 5.85
N GLY A 42 -1.73 0.23 5.36
CA GLY A 42 -2.06 0.20 3.95
C GLY A 42 -1.70 1.50 3.28
N MET A 43 -1.22 1.42 2.05
CA MET A 43 -0.85 2.61 1.30
C MET A 43 -1.45 2.57 -0.10
N ILE A 44 -2.17 3.61 -0.46
CA ILE A 44 -2.80 3.68 -1.76
C ILE A 44 -2.21 4.83 -2.57
N ILE A 45 -1.68 4.50 -3.73
CA ILE A 45 -1.12 5.51 -4.61
C ILE A 45 -2.22 6.06 -5.51
N GLY A 46 -2.34 7.37 -5.55
CA GLY A 46 -3.36 8.01 -6.36
C GLY A 46 -3.30 7.64 -7.83
N PRO A 47 -4.43 7.22 -8.42
CA PRO A 47 -4.49 6.85 -9.83
C PRO A 47 -4.17 8.02 -10.76
N PRO A 48 -3.49 7.76 -11.88
CA PRO A 48 -3.12 8.81 -12.84
C PRO A 48 -4.35 9.44 -13.51
N ARG A 49 -4.19 10.69 -13.93
CA ARG A 49 -5.24 11.45 -14.61
C ARG A 49 -6.40 11.80 -13.66
N THR A 50 -6.11 11.85 -12.37
CA THR A 50 -7.12 12.19 -11.38
C THR A 50 -6.58 13.29 -10.47
N ASN A 51 -7.37 13.67 -9.47
CA ASN A 51 -6.96 14.70 -8.52
C ASN A 51 -6.00 14.11 -7.50
N TYR A 52 -5.72 12.81 -7.64
CA TYR A 52 -4.81 12.12 -6.73
C TYR A 52 -3.54 11.69 -7.45
N GLU A 53 -3.28 12.27 -8.61
CA GLU A 53 -2.10 11.92 -9.39
C GLU A 53 -0.81 12.14 -8.60
N ASN A 54 -0.06 11.05 -8.41
CA ASN A 54 1.22 11.06 -7.69
C ASN A 54 1.02 11.30 -6.19
N ARG A 55 -0.21 11.15 -5.71
CA ARG A 55 -0.49 11.33 -4.31
C ARG A 55 -0.37 10.00 -3.58
N ILE A 56 0.08 10.04 -2.35
CA ILE A 56 0.24 8.85 -1.54
C ILE A 56 -0.63 8.92 -0.30
N TYR A 57 -1.66 8.11 -0.25
CA TYR A 57 -2.58 8.12 0.89
C TYR A 57 -2.29 6.94 1.81
N SER A 58 -2.19 7.24 3.10
CA SER A 58 -1.92 6.23 4.11
C SER A 58 -3.22 5.79 4.78
N LEU A 59 -3.37 4.50 4.96
CA LEU A 59 -4.57 3.94 5.58
C LEU A 59 -4.21 3.01 6.73
N LYS A 60 -5.08 2.94 7.71
CA LYS A 60 -4.89 2.08 8.86
C LYS A 60 -6.00 1.03 8.89
N VAL A 61 -5.63 -0.22 8.72
CA VAL A 61 -6.59 -1.31 8.74
C VAL A 61 -6.39 -2.18 9.96
N GLU A 62 -7.41 -2.21 10.82
CA GLU A 62 -7.35 -3.00 12.03
C GLU A 62 -8.29 -4.20 11.93
N CYS A 63 -7.71 -5.39 11.91
CA CYS A 63 -8.48 -6.61 11.81
C CYS A 63 -9.05 -7.02 13.16
N GLY A 64 -10.36 -6.82 13.31
CA GLY A 64 -11.02 -7.17 14.56
C GLY A 64 -11.05 -8.66 14.82
N PRO A 65 -11.45 -9.08 16.03
CA PRO A 65 -11.49 -10.50 16.43
C PRO A 65 -12.42 -11.34 15.56
N LYS A 66 -13.42 -10.69 14.95
CA LYS A 66 -14.37 -11.39 14.10
C LYS A 66 -13.90 -11.42 12.64
N TYR A 67 -12.68 -10.96 12.40
CA TYR A 67 -12.12 -10.96 11.05
C TYR A 67 -11.81 -12.40 10.64
N PRO A 68 -12.06 -12.78 9.37
CA PRO A 68 -12.62 -11.92 8.34
C PRO A 68 -14.12 -12.09 8.16
N GLU A 69 -14.79 -12.61 9.17
CA GLU A 69 -16.23 -12.82 9.11
C GLU A 69 -16.96 -11.48 9.18
N ALA A 70 -16.33 -10.51 9.83
CA ALA A 70 -16.89 -9.17 9.96
C ALA A 70 -15.93 -8.14 9.36
N PRO A 71 -16.45 -6.99 8.92
CA PRO A 71 -15.62 -5.93 8.32
C PRO A 71 -14.67 -5.30 9.33
N PRO A 72 -13.39 -5.15 8.96
CA PRO A 72 -12.37 -4.56 9.82
C PRO A 72 -12.48 -3.04 9.90
N SER A 73 -11.72 -2.44 10.80
CA SER A 73 -11.73 -0.99 10.97
C SER A 73 -10.78 -0.33 9.98
N VAL A 74 -11.34 0.44 9.06
CA VAL A 74 -10.54 1.12 8.05
C VAL A 74 -10.69 2.64 8.16
N ARG A 75 -9.58 3.35 8.13
CA ARG A 75 -9.59 4.80 8.22
C ARG A 75 -8.39 5.39 7.51
N PHE A 76 -8.52 6.63 7.05
CA PHE A 76 -7.44 7.32 6.35
C PHE A 76 -6.62 8.17 7.33
N VAL A 77 -5.34 8.29 7.06
CA VAL A 77 -4.46 9.09 7.89
C VAL A 77 -4.29 10.48 7.28
N THR A 78 -4.12 10.50 5.97
CA THR A 78 -3.96 11.74 5.23
C THR A 78 -5.33 12.34 4.90
N LYS A 79 -5.43 13.67 4.93
CA LYS A 79 -6.68 14.35 4.65
C LYS A 79 -7.06 14.19 3.17
N ILE A 80 -8.19 13.54 2.94
CA ILE A 80 -8.67 13.30 1.59
C ILE A 80 -10.16 13.57 1.47
N ASN A 81 -10.53 14.35 0.46
CA ASN A 81 -11.93 14.67 0.23
C ASN A 81 -12.54 13.61 -0.67
N MET A 82 -13.11 12.59 -0.06
CA MET A 82 -13.71 11.49 -0.80
C MET A 82 -15.13 11.22 -0.29
N ASN A 83 -16.01 10.80 -1.18
CA ASN A 83 -17.39 10.50 -0.83
C ASN A 83 -17.48 9.24 0.03
N GLY A 84 -17.70 9.42 1.33
CA GLY A 84 -17.81 8.29 2.23
C GLY A 84 -16.76 8.32 3.31
N ILE A 85 -15.86 9.28 3.24
CA ILE A 85 -14.79 9.41 4.23
C ILE A 85 -15.00 10.68 5.06
N ASN A 86 -15.05 10.52 6.37
CA ASN A 86 -15.24 11.63 7.28
C ASN A 86 -14.04 12.59 7.21
N ASN A 87 -14.32 13.88 7.02
CA ASN A 87 -13.27 14.89 6.88
C ASN A 87 -12.67 15.30 8.23
N SER A 88 -13.23 14.82 9.33
CA SER A 88 -12.72 15.17 10.64
C SER A 88 -11.81 14.09 11.21
N SER A 89 -12.33 12.87 11.33
CA SER A 89 -11.56 11.76 11.88
C SER A 89 -10.89 10.95 10.78
N GLY A 90 -11.44 10.99 9.58
CA GLY A 90 -10.87 10.24 8.47
C GLY A 90 -11.41 8.83 8.43
N MET A 91 -12.50 8.58 9.14
CA MET A 91 -13.10 7.27 9.18
C MET A 91 -13.87 6.97 7.91
N VAL A 92 -13.78 5.73 7.45
CA VAL A 92 -14.46 5.31 6.23
C VAL A 92 -15.82 4.71 6.56
N ASP A 93 -16.87 5.24 5.95
CA ASP A 93 -18.22 4.75 6.18
C ASP A 93 -18.43 3.43 5.47
N ALA A 94 -18.70 2.39 6.24
CA ALA A 94 -18.89 1.04 5.72
C ALA A 94 -20.09 0.96 4.77
N ARG A 95 -21.17 1.68 5.07
CA ARG A 95 -22.36 1.62 4.23
C ARG A 95 -22.20 2.45 2.96
N SER A 96 -21.08 3.15 2.85
CA SER A 96 -20.80 3.97 1.68
C SER A 96 -19.82 3.24 0.75
N ILE A 97 -19.34 2.09 1.21
CA ILE A 97 -18.41 1.29 0.43
C ILE A 97 -19.02 -0.09 0.18
N PRO A 98 -19.26 -0.43 -1.08
CA PRO A 98 -19.87 -1.72 -1.47
C PRO A 98 -19.26 -2.94 -0.78
N VAL A 99 -17.93 -3.06 -0.81
CA VAL A 99 -17.25 -4.21 -0.20
C VAL A 99 -17.36 -4.22 1.32
N LEU A 100 -17.68 -3.08 1.92
CA LEU A 100 -17.81 -3.01 3.37
C LEU A 100 -19.26 -3.20 3.78
N ALA A 101 -20.17 -2.69 2.97
CA ALA A 101 -21.60 -2.81 3.22
C ALA A 101 -22.03 -4.26 3.01
N LYS A 102 -21.52 -4.87 1.95
CA LYS A 102 -21.82 -6.25 1.62
C LYS A 102 -20.58 -7.10 1.82
N TRP A 103 -19.92 -6.88 2.96
CA TRP A 103 -18.70 -7.60 3.31
C TRP A 103 -18.93 -9.11 3.35
N GLN A 104 -17.98 -9.84 2.80
CA GLN A 104 -18.03 -11.29 2.77
C GLN A 104 -16.79 -11.85 3.47
N ASN A 105 -16.90 -13.06 4.00
CA ASN A 105 -15.78 -13.69 4.69
C ASN A 105 -14.64 -13.98 3.71
N SER A 106 -14.95 -13.92 2.42
CA SER A 106 -13.98 -14.16 1.38
C SER A 106 -13.19 -12.89 1.04
N TYR A 107 -13.47 -11.81 1.78
CA TYR A 107 -12.79 -10.55 1.55
C TYR A 107 -11.56 -10.45 2.44
N SER A 108 -10.73 -9.44 2.17
CA SER A 108 -9.51 -9.23 2.92
C SER A 108 -9.12 -7.76 2.89
N ILE A 109 -7.97 -7.45 3.48
CA ILE A 109 -7.46 -6.08 3.53
C ILE A 109 -7.26 -5.54 2.11
N LYS A 110 -6.68 -6.38 1.26
CA LYS A 110 -6.40 -6.02 -0.12
C LYS A 110 -7.67 -5.69 -0.89
N VAL A 111 -8.73 -6.46 -0.63
CA VAL A 111 -10.01 -6.25 -1.30
C VAL A 111 -10.53 -4.84 -1.06
N VAL A 112 -10.42 -4.37 0.18
CA VAL A 112 -10.87 -3.04 0.54
C VAL A 112 -10.03 -1.97 -0.14
N LEU A 113 -8.71 -2.13 -0.07
CA LEU A 113 -7.77 -1.18 -0.67
C LEU A 113 -8.02 -1.04 -2.18
N GLN A 114 -8.21 -2.17 -2.85
CA GLN A 114 -8.45 -2.16 -4.29
C GLN A 114 -9.75 -1.44 -4.62
N GLU A 115 -10.77 -1.68 -3.79
CA GLU A 115 -12.08 -1.06 -3.98
C GLU A 115 -11.99 0.44 -3.78
N LEU A 116 -11.30 0.85 -2.72
CA LEU A 116 -11.14 2.26 -2.40
C LEU A 116 -10.46 3.01 -3.54
N ARG A 117 -9.39 2.44 -4.08
CA ARG A 117 -8.67 3.06 -5.19
C ARG A 117 -9.56 3.12 -6.43
N ARG A 118 -10.44 2.14 -6.57
CA ARG A 118 -11.35 2.09 -7.70
C ARG A 118 -12.36 3.23 -7.60
N LEU A 119 -12.85 3.46 -6.39
CA LEU A 119 -13.81 4.53 -6.14
C LEU A 119 -13.15 5.89 -6.30
N MET A 120 -11.82 5.93 -6.22
CA MET A 120 -11.08 7.16 -6.39
C MET A 120 -11.07 7.57 -7.85
N MET A 121 -11.22 6.59 -8.73
CA MET A 121 -11.25 6.84 -10.16
C MET A 121 -12.65 7.22 -10.61
N SER A 122 -13.61 7.04 -9.70
CA SER A 122 -14.99 7.37 -9.98
C SER A 122 -15.16 8.88 -10.16
N LYS A 123 -15.97 9.28 -11.12
CA LYS A 123 -16.21 10.69 -11.43
C LYS A 123 -16.64 11.47 -10.18
N GLU A 124 -17.30 10.78 -9.27
CA GLU A 124 -17.80 11.38 -8.04
C GLU A 124 -16.67 11.73 -7.05
N ASN A 125 -15.47 11.23 -7.31
CA ASN A 125 -14.34 11.49 -6.41
C ASN A 125 -13.12 12.02 -7.16
N MET A 126 -12.90 11.50 -8.37
CA MET A 126 -11.76 11.87 -9.19
C MET A 126 -11.68 13.38 -9.45
N LYS A 127 -12.80 14.07 -9.42
CA LYS A 127 -12.83 15.50 -9.67
C LYS A 127 -13.19 16.29 -8.41
N LEU A 128 -12.81 15.76 -7.26
CA LEU A 128 -13.07 16.43 -5.99
C LEU A 128 -11.83 17.18 -5.52
N PRO A 129 -11.96 18.49 -5.24
CA PRO A 129 -10.84 19.31 -4.76
C PRO A 129 -10.22 18.70 -3.50
N GLN A 130 -8.91 18.55 -3.50
CA GLN A 130 -8.22 17.95 -2.37
C GLN A 130 -7.43 18.98 -1.58
N PRO A 131 -7.38 18.83 -0.25
CA PRO A 131 -6.65 19.73 0.64
C PRO A 131 -5.14 19.62 0.42
N PRO A 132 -4.36 20.58 0.96
CA PRO A 132 -2.90 20.59 0.83
C PRO A 132 -2.27 19.20 1.00
N GLU A 133 -1.46 18.82 0.02
CA GLU A 133 -0.81 17.53 0.01
C GLU A 133 0.15 17.37 1.20
N GLY A 134 -0.10 16.35 2.00
CA GLY A 134 0.75 16.10 3.16
C GLY A 134 0.02 16.31 4.47
N GLN A 135 -1.18 16.87 4.40
CA GLN A 135 -1.98 17.11 5.59
C GLN A 135 -2.55 15.81 6.13
N THR A 136 -2.43 15.62 7.44
CA THR A 136 -2.93 14.41 8.08
C THR A 136 -4.02 14.77 9.10
N TYR A 137 -4.90 13.81 9.38
CA TYR A 137 -5.98 14.03 10.34
C TYR A 137 -5.44 14.07 11.76
N ASN A 138 -4.22 13.58 11.92
CA ASN A 138 -3.55 13.56 13.22
C ASN A 138 -2.09 13.91 13.03
N ASN A 139 -1.43 14.29 14.13
CA ASN A 139 -0.01 14.65 14.11
C ASN A 139 0.21 15.85 13.19
N MET B 1 21.36 -11.40 -1.76
CA MET B 1 20.07 -12.13 -1.79
C MET B 1 19.28 -11.73 -3.03
N GLN B 2 18.38 -12.60 -3.46
CA GLN B 2 17.58 -12.35 -4.64
C GLN B 2 16.21 -11.77 -4.28
N ILE B 3 15.86 -10.68 -4.94
CA ILE B 3 14.57 -10.03 -4.72
C ILE B 3 13.92 -9.77 -6.07
N PHE B 4 12.63 -9.44 -6.07
CA PHE B 4 11.92 -9.19 -7.30
C PHE B 4 11.32 -7.79 -7.29
N VAL B 5 11.38 -7.12 -8.43
CA VAL B 5 10.84 -5.77 -8.55
C VAL B 5 9.70 -5.76 -9.56
N LYS B 6 8.51 -5.42 -9.10
CA LYS B 6 7.33 -5.40 -9.97
C LYS B 6 6.86 -3.97 -10.20
N THR B 7 6.78 -3.58 -11.46
CA THR B 7 6.35 -2.24 -11.83
C THR B 7 4.82 -2.12 -11.79
N LEU B 8 4.31 -0.95 -12.16
CA LEU B 8 2.88 -0.72 -12.17
C LEU B 8 2.27 -1.32 -13.43
N THR B 9 3.11 -1.54 -14.43
CA THR B 9 2.68 -2.12 -15.68
C THR B 9 2.44 -3.62 -15.50
N GLY B 10 3.29 -4.25 -14.71
CA GLY B 10 3.19 -5.67 -14.47
C GLY B 10 4.54 -6.35 -14.52
N LYS B 11 5.43 -5.79 -15.32
CA LYS B 11 6.77 -6.32 -15.50
C LYS B 11 7.47 -6.55 -14.17
N THR B 12 8.08 -7.72 -14.04
CA THR B 12 8.79 -8.10 -12.83
C THR B 12 10.24 -8.46 -13.17
N ILE B 13 11.19 -7.79 -12.55
CA ILE B 13 12.60 -8.03 -12.80
C ILE B 13 13.28 -8.65 -11.58
N THR B 14 14.36 -9.36 -11.84
CA THR B 14 15.12 -10.00 -10.78
C THR B 14 16.27 -9.12 -10.35
N LEU B 15 16.45 -8.93 -9.06
CA LEU B 15 17.53 -8.09 -8.56
C LEU B 15 18.30 -8.81 -7.47
N GLU B 16 19.62 -8.70 -7.52
CA GLU B 16 20.48 -9.34 -6.54
C GLU B 16 21.18 -8.27 -5.71
N VAL B 17 20.74 -8.12 -4.47
CA VAL B 17 21.31 -7.14 -3.56
C VAL B 17 21.46 -7.73 -2.17
N GLU B 18 22.24 -7.07 -1.33
CA GLU B 18 22.44 -7.52 0.04
C GLU B 18 21.53 -6.73 0.97
N PRO B 19 21.16 -7.28 2.14
CA PRO B 19 20.30 -6.59 3.10
C PRO B 19 20.90 -5.26 3.58
N SER B 20 22.22 -5.18 3.49
CA SER B 20 22.95 -3.99 3.91
C SER B 20 23.02 -2.96 2.77
N ASP B 21 22.41 -3.27 1.64
CA ASP B 21 22.43 -2.38 0.49
C ASP B 21 21.48 -1.20 0.69
N THR B 22 21.82 -0.08 0.09
CA THR B 22 21.02 1.12 0.18
C THR B 22 20.03 1.17 -0.97
N ILE B 23 18.87 1.78 -0.74
CA ILE B 23 17.84 1.90 -1.76
C ILE B 23 18.40 2.64 -2.98
N GLU B 24 19.33 3.56 -2.74
CA GLU B 24 19.96 4.32 -3.81
C GLU B 24 20.70 3.37 -4.76
N ASN B 25 21.42 2.41 -4.18
CA ASN B 25 22.18 1.45 -4.98
C ASN B 25 21.23 0.47 -5.67
N VAL B 26 20.11 0.18 -4.99
CA VAL B 26 19.10 -0.72 -5.54
C VAL B 26 18.56 -0.15 -6.85
N LYS B 27 18.27 1.15 -6.84
CA LYS B 27 17.76 1.84 -8.01
C LYS B 27 18.82 1.85 -9.12
N ALA B 28 20.08 1.93 -8.70
CA ALA B 28 21.20 1.94 -9.64
C ALA B 28 21.22 0.65 -10.45
N LYS B 29 20.96 -0.47 -9.77
CA LYS B 29 20.94 -1.77 -10.42
C LYS B 29 19.77 -1.87 -11.38
N ILE B 30 18.65 -1.25 -11.01
CA ILE B 30 17.46 -1.26 -11.87
C ILE B 30 17.74 -0.47 -13.15
N GLN B 31 18.35 0.69 -12.99
CA GLN B 31 18.70 1.53 -14.14
C GLN B 31 19.70 0.82 -15.04
N ASP B 32 20.56 0.03 -14.42
CA ASP B 32 21.60 -0.70 -15.13
C ASP B 32 21.04 -1.75 -16.08
N LYS B 33 19.81 -2.21 -15.83
CA LYS B 33 19.20 -3.23 -16.68
C LYS B 33 17.91 -2.75 -17.37
N GLU B 34 17.09 -2.00 -16.65
CA GLU B 34 15.83 -1.52 -17.22
C GLU B 34 16.02 -0.22 -17.98
N GLY B 35 17.00 0.58 -17.58
CA GLY B 35 17.24 1.85 -18.26
C GLY B 35 16.41 2.98 -17.71
N ILE B 36 15.77 2.76 -16.58
CA ILE B 36 14.94 3.77 -15.94
C ILE B 36 15.75 4.56 -14.93
N PRO B 37 15.85 5.89 -15.09
CA PRO B 37 16.60 6.75 -14.17
C PRO B 37 16.05 6.70 -12.75
N PRO B 38 16.94 6.56 -11.74
CA PRO B 38 16.56 6.51 -10.33
C PRO B 38 15.79 7.75 -9.88
N ASP B 39 15.92 8.82 -10.67
CA ASP B 39 15.25 10.08 -10.40
C ASP B 39 13.74 9.92 -10.24
N GLN B 40 13.15 9.13 -11.13
CA GLN B 40 11.70 8.90 -11.10
C GLN B 40 11.37 7.53 -10.52
N GLN B 41 12.34 6.90 -9.88
CA GLN B 41 12.13 5.60 -9.29
C GLN B 41 11.67 5.73 -7.84
N ARG B 42 10.56 5.08 -7.51
CA ARG B 42 10.03 5.10 -6.15
C ARG B 42 9.58 3.69 -5.78
N LEU B 43 10.29 3.07 -4.85
CA LEU B 43 9.98 1.71 -4.43
C LEU B 43 9.07 1.70 -3.21
N ILE B 44 8.03 0.91 -3.29
CA ILE B 44 7.06 0.76 -2.20
C ILE B 44 7.08 -0.68 -1.69
N PHE B 45 7.18 -0.85 -0.38
CA PHE B 45 7.22 -2.18 0.22
C PHE B 45 6.39 -2.23 1.50
N ALA B 46 5.46 -3.18 1.55
CA ALA B 46 4.60 -3.38 2.72
C ALA B 46 3.83 -2.13 3.11
N GLY B 47 3.52 -1.29 2.12
CA GLY B 47 2.78 -0.07 2.37
C GLY B 47 3.66 1.07 2.85
N ARG B 48 4.97 0.86 2.80
CA ARG B 48 5.92 1.87 3.22
C ARG B 48 6.82 2.27 2.06
N GLN B 49 7.17 3.55 2.01
CA GLN B 49 8.03 4.06 0.96
C GLN B 49 9.50 3.88 1.34
N LEU B 50 10.30 3.41 0.40
CA LEU B 50 11.71 3.19 0.66
C LEU B 50 12.54 4.42 0.30
N GLU B 51 13.16 5.03 1.31
CA GLU B 51 13.98 6.22 1.10
C GLU B 51 15.33 5.84 0.51
N ASP B 52 15.81 6.66 -0.42
CA ASP B 52 17.08 6.43 -1.12
C ASP B 52 18.26 6.23 -0.17
N GLY B 53 18.34 7.09 0.84
CA GLY B 53 19.45 7.01 1.78
C GLY B 53 19.32 5.89 2.80
N ARG B 54 18.18 5.21 2.82
CA ARG B 54 17.96 4.14 3.77
C ARG B 54 18.37 2.80 3.18
N THR B 55 18.46 1.79 4.04
CA THR B 55 18.85 0.46 3.62
C THR B 55 17.64 -0.47 3.56
N LEU B 56 17.85 -1.69 3.08
CA LEU B 56 16.79 -2.66 2.98
C LEU B 56 16.33 -3.10 4.37
N SER B 57 17.27 -3.23 5.27
CA SER B 57 16.99 -3.66 6.64
C SER B 57 16.18 -2.60 7.40
N ASP B 58 16.27 -1.35 6.94
CA ASP B 58 15.54 -0.25 7.58
C ASP B 58 14.04 -0.43 7.48
N TYR B 59 13.59 -1.16 6.48
CA TYR B 59 12.17 -1.38 6.28
C TYR B 59 11.83 -2.86 6.43
N ASN B 60 12.76 -3.62 7.01
CA ASN B 60 12.57 -5.05 7.22
C ASN B 60 12.37 -5.79 5.90
N ILE B 61 13.11 -5.38 4.87
CA ILE B 61 13.01 -6.02 3.57
C ILE B 61 13.79 -7.32 3.57
N GLN B 62 13.09 -8.41 3.30
CA GLN B 62 13.70 -9.73 3.26
C GLN B 62 13.86 -10.20 1.83
N LYS B 63 14.51 -11.33 1.64
CA LYS B 63 14.71 -11.90 0.32
C LYS B 63 13.41 -12.53 -0.17
N GLU B 64 13.32 -12.76 -1.48
CA GLU B 64 12.13 -13.35 -2.10
C GLU B 64 10.95 -12.38 -2.10
N SER B 65 11.18 -11.17 -1.61
CA SER B 65 10.13 -10.16 -1.56
C SER B 65 10.00 -9.47 -2.91
N THR B 66 8.85 -8.87 -3.16
CA THR B 66 8.60 -8.18 -4.41
C THR B 66 8.30 -6.70 -4.17
N LEU B 67 9.29 -5.87 -4.45
CA LEU B 67 9.16 -4.43 -4.29
C LEU B 67 8.39 -3.85 -5.47
N HIS B 68 7.52 -2.89 -5.20
CA HIS B 68 6.74 -2.27 -6.26
C HIS B 68 7.39 -0.99 -6.72
N LEU B 69 7.72 -0.92 -8.00
CA LEU B 69 8.34 0.27 -8.56
C LEU B 69 7.28 1.25 -9.05
N VAL B 70 6.91 2.16 -8.18
CA VAL B 70 5.91 3.17 -8.49
C VAL B 70 6.60 4.43 -9.00
N LEU B 71 6.73 4.54 -10.31
CA LEU B 71 7.39 5.69 -10.93
C LEU B 71 6.77 7.00 -10.46
N ARG B 72 7.61 7.98 -10.23
CA ARG B 72 7.19 9.29 -9.78
C ARG B 72 6.78 10.15 -10.97
N LEU B 73 5.54 10.63 -10.93
CA LEU B 73 5.02 11.46 -12.01
C LEU B 73 5.61 12.87 -11.93
N ARG B 74 6.63 13.12 -12.72
CA ARG B 74 7.27 14.41 -12.76
C ARG B 74 6.73 15.23 -13.92
N GLY B 75 5.73 16.05 -13.64
CA GLY B 75 5.12 16.88 -14.66
C GLY B 75 3.96 16.18 -15.33
N GLY B 76 3.48 16.74 -16.42
CA GLY B 76 2.37 16.15 -17.14
C GLY B 76 1.05 16.76 -16.72
N VAL A 1 -6.94 -19.00 21.62
CA VAL A 1 -6.57 -18.10 20.52
C VAL A 1 -7.09 -18.65 19.20
N LYS A 2 -7.81 -17.82 18.45
CA LYS A 2 -8.36 -18.22 17.16
C LYS A 2 -7.26 -18.64 16.20
N VAL A 3 -7.24 -19.93 15.87
CA VAL A 3 -6.24 -20.47 14.96
C VAL A 3 -6.51 -20.05 13.51
N PRO A 4 -7.74 -20.24 12.96
CA PRO A 4 -8.06 -19.86 11.59
C PRO A 4 -7.76 -18.39 11.31
N ARG A 5 -8.07 -17.55 12.29
CA ARG A 5 -7.84 -16.12 12.18
C ARG A 5 -6.35 -15.82 12.07
N ASN A 6 -5.58 -16.38 13.01
CA ASN A 6 -4.13 -16.19 13.03
C ASN A 6 -3.51 -16.72 11.74
N PHE A 7 -4.00 -17.84 11.27
CA PHE A 7 -3.51 -18.46 10.05
C PHE A 7 -3.74 -17.51 8.86
N ARG A 8 -4.95 -16.99 8.77
CA ARG A 8 -5.31 -16.07 7.69
C ARG A 8 -4.47 -14.80 7.77
N LEU A 9 -4.31 -14.29 8.98
CA LEU A 9 -3.52 -13.07 9.19
C LEU A 9 -2.08 -13.25 8.72
N LEU A 10 -1.54 -14.44 8.93
CA LEU A 10 -0.17 -14.73 8.51
C LEU A 10 -0.08 -14.74 6.98
N GLU A 11 -1.16 -15.15 6.32
CA GLU A 11 -1.20 -15.19 4.87
C GLU A 11 -1.31 -13.78 4.32
N GLU A 12 -2.09 -12.93 5.01
CA GLU A 12 -2.27 -11.54 4.61
C GLU A 12 -0.93 -10.81 4.61
N LEU A 13 -0.04 -11.24 5.50
CA LEU A 13 1.28 -10.63 5.62
C LEU A 13 2.08 -10.90 4.35
N GLU A 14 2.09 -12.15 3.90
CA GLU A 14 2.82 -12.52 2.70
C GLU A 14 2.21 -11.83 1.48
N GLU A 15 0.89 -11.75 1.44
CA GLU A 15 0.18 -11.10 0.35
C GLU A 15 0.61 -9.63 0.25
N GLY A 16 0.82 -9.00 1.40
CA GLY A 16 1.23 -7.61 1.44
C GLY A 16 2.65 -7.42 0.95
N GLN A 17 3.54 -8.33 1.32
CA GLN A 17 4.94 -8.27 0.92
C GLN A 17 5.11 -8.62 -0.56
N LYS A 18 4.06 -9.19 -1.15
CA LYS A 18 4.08 -9.56 -2.55
C LYS A 18 3.34 -8.51 -3.38
N GLY A 19 2.29 -7.95 -2.80
CA GLY A 19 1.51 -6.93 -3.49
C GLY A 19 0.72 -7.54 -4.63
N VAL A 20 0.02 -8.63 -4.33
CA VAL A 20 -0.77 -9.32 -5.33
C VAL A 20 -2.06 -8.57 -5.64
N GLY A 21 -2.55 -8.71 -6.86
CA GLY A 21 -3.77 -8.04 -7.25
C GLY A 21 -3.53 -7.04 -8.36
N ASP A 22 -4.01 -5.83 -8.18
CA ASP A 22 -3.84 -4.76 -9.17
C ASP A 22 -2.37 -4.48 -9.40
N GLY A 23 -1.60 -4.46 -8.32
CA GLY A 23 -0.17 -4.21 -8.43
C GLY A 23 0.22 -2.80 -8.04
N THR A 24 -0.76 -1.94 -7.86
CA THR A 24 -0.50 -0.56 -7.48
C THR A 24 -0.55 -0.41 -5.96
N VAL A 25 -1.63 -0.87 -5.35
CA VAL A 25 -1.80 -0.80 -3.92
C VAL A 25 -0.97 -1.86 -3.21
N SER A 26 -0.58 -1.57 -1.98
CA SER A 26 0.21 -2.49 -1.17
C SER A 26 -0.01 -2.20 0.30
N TRP A 27 0.17 -3.21 1.13
CA TRP A 27 -0.02 -3.06 2.57
C TRP A 27 1.00 -3.89 3.33
N GLY A 28 1.08 -3.69 4.64
CA GLY A 28 2.02 -4.43 5.44
C GLY A 28 1.69 -4.35 6.92
N LEU A 29 2.42 -5.10 7.72
CA LEU A 29 2.20 -5.12 9.16
C LEU A 29 2.84 -3.92 9.83
N GLU A 30 2.03 -3.11 10.48
CA GLU A 30 2.54 -1.94 11.18
C GLU A 30 2.82 -2.33 12.63
N ASP A 31 2.41 -3.54 12.97
CA ASP A 31 2.62 -4.09 14.31
C ASP A 31 4.10 -4.35 14.53
N ASP A 32 4.76 -4.79 13.46
CA ASP A 32 6.20 -5.09 13.44
C ASP A 32 6.62 -6.13 14.48
N GLU A 33 6.78 -5.71 15.72
CA GLU A 33 7.20 -6.61 16.79
C GLU A 33 6.03 -7.37 17.38
N ASP A 34 4.84 -6.78 17.29
CA ASP A 34 3.64 -7.42 17.80
C ASP A 34 3.16 -8.48 16.82
N MET A 35 3.13 -9.73 17.25
CA MET A 35 2.73 -10.83 16.39
C MET A 35 1.25 -11.17 16.48
N THR A 36 0.44 -10.23 16.97
CA THR A 36 -1.00 -10.47 17.05
C THR A 36 -1.63 -10.17 15.70
N LEU A 37 -0.91 -9.43 14.87
CA LEU A 37 -1.36 -9.04 13.53
C LEU A 37 -2.68 -8.27 13.61
N THR A 38 -2.65 -7.16 14.34
CA THR A 38 -3.85 -6.35 14.51
C THR A 38 -3.70 -5.00 13.82
N ARG A 39 -2.51 -4.43 13.87
CA ARG A 39 -2.27 -3.12 13.26
C ARG A 39 -1.63 -3.29 11.88
N TRP A 40 -2.42 -3.06 10.86
CA TRP A 40 -1.95 -3.18 9.48
C TRP A 40 -1.92 -1.80 8.83
N THR A 41 -0.91 -1.57 8.02
CA THR A 41 -0.77 -0.31 7.32
C THR A 41 -1.08 -0.51 5.84
N GLY A 42 -1.91 0.37 5.29
CA GLY A 42 -2.26 0.27 3.89
C GLY A 42 -1.83 1.51 3.15
N MET A 43 -1.45 1.35 1.89
CA MET A 43 -1.02 2.48 1.09
C MET A 43 -1.67 2.46 -0.28
N ILE A 44 -2.25 3.58 -0.66
CA ILE A 44 -2.91 3.73 -1.95
C ILE A 44 -2.33 4.92 -2.69
N ILE A 45 -1.74 4.64 -3.85
CA ILE A 45 -1.17 5.69 -4.69
C ILE A 45 -2.27 6.33 -5.53
N GLY A 46 -2.33 7.65 -5.50
CA GLY A 46 -3.33 8.37 -6.25
C GLY A 46 -3.31 8.03 -7.72
N PRO A 47 -4.46 7.61 -8.29
CA PRO A 47 -4.57 7.24 -9.70
C PRO A 47 -4.25 8.41 -10.63
N PRO A 48 -3.57 8.15 -11.75
CA PRO A 48 -3.23 9.20 -12.72
C PRO A 48 -4.48 9.86 -13.30
N ARG A 49 -4.34 11.14 -13.68
CA ARG A 49 -5.43 11.92 -14.27
C ARG A 49 -6.50 12.33 -13.26
N THR A 50 -6.38 11.85 -12.02
CA THR A 50 -7.35 12.20 -10.99
C THR A 50 -6.79 13.29 -10.10
N ASN A 51 -7.60 13.78 -9.17
CA ASN A 51 -7.16 14.83 -8.25
C ASN A 51 -6.23 14.26 -7.18
N TYR A 52 -6.05 12.95 -7.19
CA TYR A 52 -5.17 12.29 -6.23
C TYR A 52 -3.85 11.92 -6.89
N GLU A 53 -3.70 12.32 -8.14
CA GLU A 53 -2.50 12.02 -8.92
C GLU A 53 -1.20 12.33 -8.18
N ASN A 54 -0.35 11.32 -8.05
CA ASN A 54 0.96 11.41 -7.41
C ASN A 54 0.88 11.42 -5.88
N ARG A 55 -0.31 11.47 -5.32
CA ARG A 55 -0.47 11.50 -3.88
C ARG A 55 -0.31 10.11 -3.28
N ILE A 56 0.43 10.04 -2.18
CA ILE A 56 0.64 8.78 -1.48
C ILE A 56 -0.22 8.77 -0.21
N TYR A 57 -1.35 8.08 -0.29
CA TYR A 57 -2.26 8.00 0.84
C TYR A 57 -2.05 6.75 1.66
N SER A 58 -2.06 6.91 2.97
CA SER A 58 -1.88 5.80 3.89
C SER A 58 -3.16 5.57 4.69
N LEU A 59 -3.41 4.31 5.02
CA LEU A 59 -4.59 3.95 5.77
C LEU A 59 -4.24 3.03 6.93
N LYS A 60 -5.04 3.10 7.98
CA LYS A 60 -4.86 2.26 9.16
C LYS A 60 -5.91 1.15 9.13
N VAL A 61 -5.46 -0.09 9.00
CA VAL A 61 -6.36 -1.22 8.95
C VAL A 61 -6.24 -2.07 10.20
N GLU A 62 -7.36 -2.29 10.87
CA GLU A 62 -7.39 -3.09 12.08
C GLU A 62 -8.29 -4.29 11.91
N CYS A 63 -7.70 -5.47 11.87
CA CYS A 63 -8.44 -6.72 11.71
C CYS A 63 -9.02 -7.15 13.06
N GLY A 64 -10.34 -7.19 13.15
CA GLY A 64 -10.99 -7.57 14.38
C GLY A 64 -10.92 -9.06 14.67
N PRO A 65 -11.39 -9.49 15.85
CA PRO A 65 -11.37 -10.91 16.25
C PRO A 65 -12.25 -11.78 15.37
N LYS A 66 -13.13 -11.16 14.60
CA LYS A 66 -14.03 -11.90 13.72
C LYS A 66 -13.53 -11.88 12.28
N TYR A 67 -12.28 -11.48 12.08
CA TYR A 67 -11.71 -11.44 10.74
C TYR A 67 -11.43 -12.86 10.24
N PRO A 68 -11.68 -13.16 8.94
CA PRO A 68 -12.19 -12.21 7.96
C PRO A 68 -13.70 -12.32 7.75
N GLU A 69 -14.39 -12.92 8.71
CA GLU A 69 -15.84 -13.09 8.62
C GLU A 69 -16.53 -11.73 8.70
N ALA A 70 -15.98 -10.86 9.54
CA ALA A 70 -16.52 -9.51 9.73
C ALA A 70 -15.58 -8.48 9.12
N PRO A 71 -16.13 -7.35 8.62
CA PRO A 71 -15.33 -6.29 8.00
C PRO A 71 -14.37 -5.63 8.99
N PRO A 72 -13.11 -5.42 8.58
CA PRO A 72 -12.09 -4.79 9.43
C PRO A 72 -12.24 -3.27 9.49
N SER A 73 -11.67 -2.67 10.53
CA SER A 73 -11.73 -1.23 10.72
C SER A 73 -10.69 -0.54 9.84
N VAL A 74 -11.15 0.27 8.90
CA VAL A 74 -10.27 0.99 7.99
C VAL A 74 -10.47 2.49 8.11
N ARG A 75 -9.37 3.22 8.22
CA ARG A 75 -9.43 4.67 8.33
C ARG A 75 -8.24 5.29 7.60
N PHE A 76 -8.46 6.47 7.01
CA PHE A 76 -7.41 7.17 6.28
C PHE A 76 -6.53 7.97 7.23
N VAL A 77 -5.24 8.04 6.91
CA VAL A 77 -4.30 8.79 7.72
C VAL A 77 -4.12 10.19 7.13
N THR A 78 -3.92 10.25 5.83
CA THR A 78 -3.74 11.51 5.14
C THR A 78 -5.09 12.14 4.78
N LYS A 79 -5.13 13.47 4.74
CA LYS A 79 -6.37 14.19 4.43
C LYS A 79 -6.81 13.93 2.99
N ILE A 80 -8.00 13.37 2.83
CA ILE A 80 -8.54 13.05 1.52
C ILE A 80 -10.05 13.34 1.47
N ASN A 81 -10.46 14.04 0.43
CA ASN A 81 -11.87 14.37 0.24
C ASN A 81 -12.49 13.37 -0.71
N MET A 82 -12.92 12.25 -0.16
CA MET A 82 -13.52 11.19 -0.93
C MET A 82 -14.90 10.85 -0.37
N ASN A 83 -15.87 10.64 -1.25
CA ASN A 83 -17.23 10.31 -0.83
C ASN A 83 -17.26 9.02 -0.04
N GLY A 84 -17.60 9.15 1.24
CA GLY A 84 -17.67 8.00 2.12
C GLY A 84 -16.62 8.05 3.21
N ILE A 85 -15.69 8.98 3.09
CA ILE A 85 -14.62 9.13 4.07
C ILE A 85 -14.85 10.39 4.90
N ASN A 86 -14.80 10.23 6.22
CA ASN A 86 -14.98 11.34 7.14
C ASN A 86 -13.74 12.25 7.11
N ASN A 87 -13.95 13.55 6.99
CA ASN A 87 -12.85 14.51 6.89
C ASN A 87 -12.34 14.98 8.26
N SER A 88 -12.82 14.38 9.33
CA SER A 88 -12.38 14.77 10.67
C SER A 88 -11.30 13.81 11.18
N SER A 89 -11.67 12.54 11.34
CA SER A 89 -10.73 11.53 11.82
C SER A 89 -10.22 10.66 10.68
N GLY A 90 -10.91 10.72 9.54
CA GLY A 90 -10.51 9.93 8.39
C GLY A 90 -11.17 8.57 8.36
N MET A 91 -12.19 8.39 9.19
CA MET A 91 -12.91 7.14 9.27
C MET A 91 -13.67 6.85 7.97
N VAL A 92 -13.51 5.64 7.45
CA VAL A 92 -14.19 5.24 6.22
C VAL A 92 -15.55 4.64 6.56
N ASP A 93 -16.60 5.17 5.96
CA ASP A 93 -17.94 4.68 6.20
C ASP A 93 -18.14 3.35 5.49
N ALA A 94 -18.25 2.28 6.27
CA ALA A 94 -18.40 0.94 5.72
C ALA A 94 -19.63 0.79 4.83
N ARG A 95 -20.73 1.42 5.22
CA ARG A 95 -21.98 1.34 4.44
C ARG A 95 -21.87 2.11 3.12
N SER A 96 -20.83 2.93 2.99
CA SER A 96 -20.63 3.71 1.78
C SER A 96 -19.68 3.00 0.82
N ILE A 97 -19.14 1.88 1.25
CA ILE A 97 -18.22 1.10 0.43
C ILE A 97 -18.81 -0.27 0.14
N PRO A 98 -19.00 -0.61 -1.14
CA PRO A 98 -19.60 -1.90 -1.56
C PRO A 98 -18.98 -3.13 -0.90
N VAL A 99 -17.65 -3.19 -0.88
CA VAL A 99 -16.96 -4.34 -0.29
C VAL A 99 -17.01 -4.36 1.23
N LEU A 100 -17.37 -3.23 1.84
CA LEU A 100 -17.43 -3.16 3.30
C LEU A 100 -18.87 -3.35 3.78
N ALA A 101 -19.81 -2.78 3.04
CA ALA A 101 -21.22 -2.90 3.38
C ALA A 101 -21.69 -4.32 3.16
N LYS A 102 -21.29 -4.88 2.03
CA LYS A 102 -21.64 -6.25 1.68
C LYS A 102 -20.42 -7.14 1.80
N TRP A 103 -19.65 -6.91 2.86
CA TRP A 103 -18.42 -7.64 3.12
C TRP A 103 -18.66 -9.13 3.19
N GLN A 104 -17.87 -9.86 2.41
CA GLN A 104 -17.94 -11.31 2.37
C GLN A 104 -16.69 -11.89 3.02
N ASN A 105 -16.80 -13.08 3.57
CA ASN A 105 -15.66 -13.73 4.22
C ASN A 105 -14.60 -14.10 3.19
N SER A 106 -14.94 -13.95 1.91
CA SER A 106 -14.04 -14.24 0.81
C SER A 106 -13.20 -13.01 0.47
N TYR A 107 -13.46 -11.91 1.17
CA TYR A 107 -12.73 -10.67 0.96
C TYR A 107 -11.54 -10.57 1.90
N SER A 108 -10.70 -9.58 1.67
CA SER A 108 -9.52 -9.36 2.50
C SER A 108 -9.04 -7.92 2.35
N ILE A 109 -7.96 -7.58 3.05
CA ILE A 109 -7.38 -6.23 2.99
C ILE A 109 -7.06 -5.84 1.55
N LYS A 110 -6.64 -6.84 0.77
CA LYS A 110 -6.28 -6.66 -0.63
C LYS A 110 -7.45 -6.05 -1.41
N VAL A 111 -8.62 -6.64 -1.25
CA VAL A 111 -9.82 -6.20 -1.94
C VAL A 111 -10.21 -4.77 -1.52
N VAL A 112 -10.09 -4.50 -0.23
CA VAL A 112 -10.44 -3.19 0.31
C VAL A 112 -9.65 -2.07 -0.36
N LEU A 113 -8.32 -2.22 -0.36
CA LEU A 113 -7.44 -1.21 -0.95
C LEU A 113 -7.72 -1.02 -2.44
N GLN A 114 -7.96 -2.12 -3.14
CA GLN A 114 -8.24 -2.07 -4.57
C GLN A 114 -9.57 -1.39 -4.84
N GLU A 115 -10.57 -1.70 -4.03
CA GLU A 115 -11.90 -1.11 -4.19
C GLU A 115 -11.85 0.39 -3.95
N LEU A 116 -11.14 0.79 -2.90
CA LEU A 116 -11.02 2.20 -2.56
C LEU A 116 -10.39 2.97 -3.72
N ARG A 117 -9.34 2.41 -4.31
CA ARG A 117 -8.66 3.05 -5.42
C ARG A 117 -9.57 3.10 -6.64
N ARG A 118 -10.40 2.07 -6.80
CA ARG A 118 -11.33 2.00 -7.91
C ARG A 118 -12.37 3.11 -7.78
N LEU A 119 -12.83 3.32 -6.56
CA LEU A 119 -13.82 4.36 -6.27
C LEU A 119 -13.20 5.75 -6.40
N MET A 120 -11.87 5.80 -6.41
CA MET A 120 -11.15 7.06 -6.54
C MET A 120 -11.15 7.48 -8.00
N MET A 121 -11.28 6.50 -8.88
CA MET A 121 -11.31 6.74 -10.32
C MET A 121 -12.73 7.10 -10.76
N SER A 122 -13.66 6.97 -9.83
CA SER A 122 -15.06 7.28 -10.10
C SER A 122 -15.25 8.78 -10.28
N LYS A 123 -16.15 9.15 -11.17
CA LYS A 123 -16.45 10.56 -11.48
C LYS A 123 -16.76 11.38 -10.23
N GLU A 124 -17.48 10.79 -9.30
CA GLU A 124 -17.90 11.46 -8.08
C GLU A 124 -16.74 11.68 -7.09
N ASN A 125 -15.54 11.20 -7.43
CA ASN A 125 -14.40 11.35 -6.52
C ASN A 125 -13.16 11.89 -7.23
N MET A 126 -12.90 11.38 -8.42
CA MET A 126 -11.72 11.74 -9.20
C MET A 126 -11.56 13.25 -9.40
N LYS A 127 -12.65 14.01 -9.35
CA LYS A 127 -12.56 15.45 -9.56
C LYS A 127 -13.07 16.24 -8.35
N LEU A 128 -12.74 15.77 -7.15
CA LEU A 128 -13.15 16.46 -5.94
C LEU A 128 -11.98 17.28 -5.39
N PRO A 129 -12.24 18.52 -4.95
CA PRO A 129 -11.19 19.39 -4.38
C PRO A 129 -10.52 18.74 -3.18
N GLN A 130 -9.22 18.51 -3.29
CA GLN A 130 -8.47 17.86 -2.22
C GLN A 130 -7.69 18.88 -1.38
N PRO A 131 -7.61 18.64 -0.07
CA PRO A 131 -6.88 19.51 0.86
C PRO A 131 -5.37 19.43 0.63
N PRO A 132 -4.60 20.35 1.24
CA PRO A 132 -3.14 20.39 1.10
C PRO A 132 -2.49 19.01 1.23
N GLU A 133 -1.75 18.62 0.20
CA GLU A 133 -1.07 17.33 0.17
C GLU A 133 -0.01 17.25 1.26
N GLY A 134 -0.07 16.21 2.08
CA GLY A 134 0.89 16.05 3.13
C GLY A 134 0.28 16.15 4.51
N GLN A 135 -0.87 16.82 4.61
CA GLN A 135 -1.54 16.98 5.89
C GLN A 135 -2.28 15.69 6.27
N THR A 136 -2.24 15.34 7.54
CA THR A 136 -2.87 14.13 8.02
C THR A 136 -4.00 14.42 9.00
N TYR A 137 -4.85 13.43 9.26
CA TYR A 137 -5.95 13.57 10.19
C TYR A 137 -5.47 13.36 11.63
N ASN A 138 -4.21 12.98 11.75
CA ASN A 138 -3.61 12.73 13.05
C ASN A 138 -2.20 13.33 13.11
N ASN A 139 -1.93 14.07 14.18
CA ASN A 139 -0.64 14.71 14.40
C ASN A 139 -0.28 15.67 13.25
N MET B 1 20.76 -12.10 -1.79
CA MET B 1 19.35 -12.56 -1.92
C MET B 1 18.73 -11.99 -3.19
N GLN B 2 17.65 -12.60 -3.64
CA GLN B 2 16.97 -12.16 -4.84
C GLN B 2 15.63 -11.51 -4.49
N ILE B 3 15.41 -10.31 -5.02
CA ILE B 3 14.18 -9.57 -4.80
C ILE B 3 13.42 -9.43 -6.11
N PHE B 4 12.12 -9.20 -6.02
CA PHE B 4 11.30 -9.04 -7.21
C PHE B 4 10.80 -7.60 -7.32
N VAL B 5 11.35 -6.86 -8.27
CA VAL B 5 10.92 -5.48 -8.46
C VAL B 5 9.83 -5.44 -9.54
N LYS B 6 8.61 -5.19 -9.10
CA LYS B 6 7.47 -5.15 -10.00
C LYS B 6 7.05 -3.72 -10.26
N THR B 7 6.93 -3.38 -11.52
CA THR B 7 6.51 -2.05 -11.92
C THR B 7 4.98 -1.99 -11.92
N LEU B 8 4.43 -0.81 -12.17
CA LEU B 8 2.99 -0.65 -12.21
C LEU B 8 2.44 -1.14 -13.55
N THR B 9 3.36 -1.56 -14.41
CA THR B 9 3.00 -2.06 -15.72
C THR B 9 2.89 -3.59 -15.70
N GLY B 10 3.22 -4.18 -14.56
CA GLY B 10 3.14 -5.62 -14.42
C GLY B 10 4.47 -6.31 -14.66
N LYS B 11 5.48 -5.54 -15.05
CA LYS B 11 6.80 -6.10 -15.31
C LYS B 11 7.51 -6.39 -13.99
N THR B 12 8.00 -7.61 -13.86
CA THR B 12 8.69 -8.01 -12.64
C THR B 12 10.12 -8.41 -12.93
N ILE B 13 11.05 -7.58 -12.50
CA ILE B 13 12.46 -7.84 -12.72
C ILE B 13 13.11 -8.42 -11.45
N THR B 14 14.03 -9.34 -11.64
CA THR B 14 14.72 -9.95 -10.53
C THR B 14 16.05 -9.25 -10.27
N LEU B 15 16.35 -8.99 -9.00
CA LEU B 15 17.58 -8.32 -8.63
C LEU B 15 18.27 -9.06 -7.50
N GLU B 16 19.57 -9.24 -7.62
CA GLU B 16 20.35 -9.93 -6.60
C GLU B 16 21.11 -8.91 -5.76
N VAL B 17 20.64 -8.68 -4.55
CA VAL B 17 21.27 -7.72 -3.64
C VAL B 17 21.31 -8.27 -2.22
N GLU B 18 21.93 -7.52 -1.32
CA GLU B 18 22.04 -7.90 0.08
C GLU B 18 21.26 -6.90 0.93
N PRO B 19 20.77 -7.30 2.11
CA PRO B 19 19.99 -6.42 3.00
C PRO B 19 20.74 -5.13 3.37
N SER B 20 22.06 -5.19 3.34
CA SER B 20 22.90 -4.04 3.67
C SER B 20 22.94 -3.04 2.53
N ASP B 21 22.45 -3.44 1.36
CA ASP B 21 22.45 -2.56 0.20
C ASP B 21 21.49 -1.40 0.41
N THR B 22 21.94 -0.21 0.04
CA THR B 22 21.13 0.98 0.18
C THR B 22 20.13 1.08 -0.96
N ILE B 23 18.98 1.68 -0.70
CA ILE B 23 17.95 1.84 -1.71
C ILE B 23 18.49 2.60 -2.91
N GLU B 24 19.38 3.56 -2.62
CA GLU B 24 20.01 4.36 -3.65
C GLU B 24 20.86 3.49 -4.58
N ASN B 25 21.52 2.49 -3.98
CA ASN B 25 22.35 1.58 -4.75
C ASN B 25 21.48 0.62 -5.55
N VAL B 26 20.35 0.25 -4.97
CA VAL B 26 19.40 -0.65 -5.63
C VAL B 26 18.89 -0.01 -6.92
N LYS B 27 18.53 1.27 -6.83
CA LYS B 27 18.01 2.01 -7.98
C LYS B 27 19.05 2.08 -9.09
N ALA B 28 20.32 2.19 -8.70
CA ALA B 28 21.42 2.25 -9.67
C ALA B 28 21.49 0.96 -10.47
N LYS B 29 21.24 -0.15 -9.78
CA LYS B 29 21.26 -1.47 -10.42
C LYS B 29 20.06 -1.63 -11.34
N ILE B 30 18.92 -1.08 -10.91
CA ILE B 30 17.70 -1.13 -11.72
C ILE B 30 17.93 -0.37 -13.02
N GLN B 31 18.60 0.77 -12.91
CA GLN B 31 18.91 1.60 -14.06
C GLN B 31 19.93 0.91 -14.95
N ASP B 32 20.74 0.05 -14.34
CA ASP B 32 21.79 -0.67 -15.07
C ASP B 32 21.19 -1.66 -16.06
N LYS B 33 20.12 -2.33 -15.68
CA LYS B 33 19.51 -3.32 -16.56
C LYS B 33 18.25 -2.80 -17.26
N GLU B 34 17.48 -1.94 -16.60
CA GLU B 34 16.25 -1.42 -17.19
C GLU B 34 16.43 -0.05 -17.83
N GLY B 35 17.48 0.66 -17.44
CA GLY B 35 17.73 1.98 -18.01
C GLY B 35 16.79 3.04 -17.47
N ILE B 36 16.17 2.77 -16.33
CA ILE B 36 15.25 3.71 -15.71
C ILE B 36 15.98 4.63 -14.73
N PRO B 37 15.98 5.94 -14.97
CA PRO B 37 16.65 6.91 -14.10
C PRO B 37 16.10 6.88 -12.68
N PRO B 38 16.99 6.69 -11.68
CA PRO B 38 16.61 6.64 -10.26
C PRO B 38 15.80 7.85 -9.80
N ASP B 39 15.96 8.97 -10.51
CA ASP B 39 15.23 10.20 -10.19
C ASP B 39 13.72 9.97 -10.19
N GLN B 40 13.25 9.13 -11.10
CA GLN B 40 11.84 8.82 -11.21
C GLN B 40 11.56 7.39 -10.76
N GLN B 41 12.15 7.02 -9.63
CA GLN B 41 11.97 5.68 -9.08
C GLN B 41 11.47 5.73 -7.64
N ARG B 42 10.20 5.42 -7.44
CA ARG B 42 9.64 5.41 -6.09
C ARG B 42 9.30 3.97 -5.71
N LEU B 43 10.20 3.36 -4.95
CA LEU B 43 10.03 1.97 -4.52
C LEU B 43 9.09 1.88 -3.33
N ILE B 44 7.99 1.17 -3.53
CA ILE B 44 7.00 0.98 -2.49
C ILE B 44 7.01 -0.47 -2.01
N PHE B 45 7.10 -0.65 -0.70
CA PHE B 45 7.10 -1.99 -0.12
C PHE B 45 6.40 -1.98 1.23
N ALA B 46 5.49 -2.95 1.42
CA ALA B 46 4.74 -3.09 2.67
C ALA B 46 3.93 -1.82 2.97
N GLY B 47 3.60 -1.06 1.93
CA GLY B 47 2.83 0.16 2.11
C GLY B 47 3.69 1.33 2.52
N ARG B 48 5.00 1.19 2.41
CA ARG B 48 5.92 2.25 2.78
C ARG B 48 6.85 2.60 1.63
N GLN B 49 7.27 3.86 1.59
CA GLN B 49 8.17 4.34 0.55
C GLN B 49 9.61 4.18 0.99
N LEU B 50 10.41 3.50 0.17
CA LEU B 50 11.81 3.25 0.49
C LEU B 50 12.67 4.49 0.21
N GLU B 51 13.23 5.05 1.27
CA GLU B 51 14.08 6.23 1.16
C GLU B 51 15.45 5.84 0.58
N ASP B 52 15.94 6.68 -0.33
CA ASP B 52 17.22 6.45 -1.01
C ASP B 52 18.38 6.24 -0.03
N GLY B 53 18.47 7.12 0.97
CA GLY B 53 19.55 7.03 1.93
C GLY B 53 19.35 6.00 3.02
N ARG B 54 18.53 4.98 2.75
CA ARG B 54 18.28 3.93 3.73
C ARG B 54 18.65 2.57 3.13
N THR B 55 18.65 1.54 3.96
CA THR B 55 18.97 0.19 3.52
C THR B 55 17.71 -0.67 3.46
N LEU B 56 17.84 -1.87 2.93
CA LEU B 56 16.72 -2.79 2.84
C LEU B 56 16.30 -3.24 4.24
N SER B 57 17.25 -3.26 5.16
CA SER B 57 17.01 -3.66 6.53
C SER B 57 16.18 -2.62 7.29
N ASP B 58 16.17 -1.37 6.80
CA ASP B 58 15.43 -0.30 7.46
C ASP B 58 13.93 -0.48 7.31
N TYR B 59 13.54 -1.30 6.33
CA TYR B 59 12.13 -1.56 6.09
C TYR B 59 11.84 -3.05 6.24
N ASN B 60 12.83 -3.77 6.77
CA ASN B 60 12.73 -5.21 6.99
C ASN B 60 12.39 -5.94 5.69
N ILE B 61 13.07 -5.58 4.62
CA ILE B 61 12.85 -6.21 3.32
C ILE B 61 13.58 -7.54 3.28
N GLN B 62 12.81 -8.62 3.30
CA GLN B 62 13.35 -9.96 3.28
C GLN B 62 13.62 -10.43 1.86
N LYS B 63 14.01 -11.69 1.71
CA LYS B 63 14.27 -12.25 0.40
C LYS B 63 12.96 -12.67 -0.25
N GLU B 64 12.95 -12.72 -1.58
CA GLU B 64 11.77 -13.11 -2.35
C GLU B 64 10.63 -12.09 -2.21
N SER B 65 10.92 -10.96 -1.58
CA SER B 65 9.93 -9.91 -1.42
C SER B 65 9.70 -9.18 -2.73
N THR B 66 8.49 -8.66 -2.91
CA THR B 66 8.16 -7.97 -4.14
C THR B 66 8.02 -6.46 -3.93
N LEU B 67 8.97 -5.72 -4.48
CA LEU B 67 8.96 -4.25 -4.39
C LEU B 67 8.12 -3.71 -5.53
N HIS B 68 7.41 -2.62 -5.29
CA HIS B 68 6.58 -2.04 -6.33
C HIS B 68 7.13 -0.67 -6.74
N LEU B 69 7.50 -0.53 -8.00
CA LEU B 69 8.05 0.71 -8.51
C LEU B 69 6.96 1.64 -9.03
N VAL B 70 6.81 2.78 -8.38
CA VAL B 70 5.82 3.77 -8.77
C VAL B 70 6.51 4.98 -9.39
N LEU B 71 6.00 5.43 -10.52
CA LEU B 71 6.58 6.58 -11.21
C LEU B 71 5.86 7.87 -10.82
N ARG B 72 6.36 9.00 -11.30
CA ARG B 72 5.76 10.29 -11.01
C ARG B 72 5.25 10.93 -12.30
N LEU B 73 4.04 11.49 -12.25
CA LEU B 73 3.46 12.11 -13.42
C LEU B 73 3.60 13.63 -13.35
N ARG B 74 4.11 14.21 -14.42
CA ARG B 74 4.31 15.64 -14.52
C ARG B 74 3.81 16.14 -15.87
N GLY B 75 3.15 17.30 -15.87
CA GLY B 75 2.64 17.85 -17.10
C GLY B 75 1.14 17.68 -17.22
N GLY B 76 0.42 18.11 -16.20
CA GLY B 76 -1.02 18.01 -16.20
C GLY B 76 -1.66 19.23 -15.57
N VAL A 1 -8.24 -19.92 21.52
CA VAL A 1 -7.65 -19.04 20.48
C VAL A 1 -8.12 -19.44 19.09
N LYS A 2 -8.53 -18.45 18.31
CA LYS A 2 -9.00 -18.70 16.94
C LYS A 2 -7.83 -19.05 16.03
N VAL A 3 -7.66 -20.33 15.77
CA VAL A 3 -6.58 -20.79 14.90
C VAL A 3 -6.76 -20.33 13.45
N PRO A 4 -7.94 -20.54 12.82
CA PRO A 4 -8.17 -20.14 11.43
C PRO A 4 -7.93 -18.64 11.21
N ARG A 5 -8.39 -17.82 12.16
CA ARG A 5 -8.21 -16.38 12.06
C ARG A 5 -6.73 -16.01 12.18
N ASN A 6 -6.07 -16.57 13.19
CA ASN A 6 -4.64 -16.31 13.41
C ASN A 6 -3.83 -16.75 12.20
N PHE A 7 -4.12 -17.95 11.71
CA PHE A 7 -3.44 -18.50 10.55
C PHE A 7 -3.65 -17.58 9.34
N ARG A 8 -4.86 -17.09 9.17
CA ARG A 8 -5.20 -16.21 8.08
C ARG A 8 -4.39 -14.92 8.17
N LEU A 9 -4.33 -14.35 9.36
CA LEU A 9 -3.59 -13.12 9.59
C LEU A 9 -2.10 -13.33 9.32
N LEU A 10 -1.60 -14.50 9.67
CA LEU A 10 -0.19 -14.84 9.43
C LEU A 10 0.09 -14.84 7.93
N GLU A 11 -0.88 -15.30 7.15
CA GLU A 11 -0.77 -15.36 5.70
C GLU A 11 -0.86 -13.96 5.10
N GLU A 12 -1.64 -13.09 5.74
CA GLU A 12 -1.80 -11.72 5.27
C GLU A 12 -0.44 -11.02 5.27
N LEU A 13 0.37 -11.31 6.30
CA LEU A 13 1.70 -10.73 6.41
C LEU A 13 2.63 -11.38 5.40
N GLU A 14 2.45 -12.68 5.18
CA GLU A 14 3.26 -13.42 4.24
C GLU A 14 3.19 -12.77 2.86
N GLU A 15 1.97 -12.56 2.37
CA GLU A 15 1.76 -11.93 1.07
C GLU A 15 2.33 -10.52 1.06
N GLY A 16 2.21 -9.83 2.20
CA GLY A 16 2.70 -8.47 2.31
C GLY A 16 4.21 -8.37 2.25
N GLN A 17 4.89 -9.21 3.02
CA GLN A 17 6.35 -9.20 3.06
C GLN A 17 6.93 -9.76 1.77
N LYS A 18 6.17 -10.56 1.05
CA LYS A 18 6.63 -11.11 -0.20
C LYS A 18 6.33 -10.14 -1.34
N GLY A 19 5.50 -9.15 -1.05
CA GLY A 19 5.14 -8.16 -2.04
C GLY A 19 4.28 -8.73 -3.13
N VAL A 20 3.45 -9.70 -2.78
CA VAL A 20 2.57 -10.35 -3.74
C VAL A 20 1.18 -9.74 -3.69
N GLY A 21 0.67 -9.37 -4.86
CA GLY A 21 -0.65 -8.78 -4.93
C GLY A 21 -0.83 -8.02 -6.23
N ASP A 22 -1.65 -6.98 -6.21
CA ASP A 22 -1.89 -6.17 -7.41
C ASP A 22 -0.61 -5.50 -7.88
N GLY A 23 -0.15 -4.51 -7.14
CA GLY A 23 1.05 -3.81 -7.51
C GLY A 23 0.99 -2.35 -7.10
N THR A 24 -0.19 -1.75 -7.27
CA THR A 24 -0.38 -0.36 -6.91
C THR A 24 -0.63 -0.24 -5.41
N VAL A 25 -1.57 -1.04 -4.92
CA VAL A 25 -1.91 -1.04 -3.51
C VAL A 25 -0.90 -1.86 -2.71
N SER A 26 -0.57 -1.39 -1.52
CA SER A 26 0.39 -2.08 -0.67
C SER A 26 -0.08 -2.07 0.78
N TRP A 27 0.35 -3.06 1.55
CA TRP A 27 -0.04 -3.15 2.95
C TRP A 27 1.09 -3.76 3.77
N GLY A 28 1.01 -3.61 5.08
CA GLY A 28 2.02 -4.15 5.97
C GLY A 28 1.51 -4.25 7.39
N LEU A 29 2.36 -4.70 8.29
CA LEU A 29 1.97 -4.84 9.68
C LEU A 29 2.10 -3.51 10.41
N GLU A 30 1.05 -3.11 11.12
CA GLU A 30 1.07 -1.87 11.87
C GLU A 30 1.47 -2.17 13.31
N ASP A 31 0.98 -3.29 13.83
CA ASP A 31 1.28 -3.71 15.19
C ASP A 31 2.78 -3.88 15.39
N ASP A 32 3.41 -4.62 14.46
CA ASP A 32 4.85 -4.88 14.48
C ASP A 32 5.24 -5.77 15.65
N GLU A 33 5.22 -5.20 16.85
CA GLU A 33 5.59 -5.94 18.06
C GLU A 33 4.47 -6.87 18.50
N ASP A 34 3.24 -6.40 18.41
CA ASP A 34 2.09 -7.21 18.83
C ASP A 34 1.83 -8.32 17.81
N MET A 35 1.84 -9.56 18.28
CA MET A 35 1.64 -10.71 17.41
C MET A 35 0.16 -11.05 17.23
N THR A 36 -0.74 -10.24 17.79
CA THR A 36 -2.16 -10.51 17.63
C THR A 36 -2.59 -10.22 16.21
N LEU A 37 -1.82 -9.35 15.54
CA LEU A 37 -2.07 -8.96 14.15
C LEU A 37 -3.45 -8.33 14.01
N THR A 38 -3.67 -7.26 14.76
CA THR A 38 -4.95 -6.58 14.74
C THR A 38 -4.90 -5.34 13.86
N ARG A 39 -3.81 -4.59 13.94
CA ARG A 39 -3.67 -3.38 13.14
C ARG A 39 -2.74 -3.59 11.97
N TRP A 40 -3.21 -3.24 10.79
CA TRP A 40 -2.45 -3.37 9.56
C TRP A 40 -2.39 -2.03 8.84
N THR A 41 -1.23 -1.67 8.35
CA THR A 41 -1.05 -0.42 7.64
C THR A 41 -1.32 -0.60 6.16
N GLY A 42 -2.16 0.25 5.60
CA GLY A 42 -2.46 0.17 4.19
C GLY A 42 -1.93 1.39 3.47
N MET A 43 -1.67 1.26 2.19
CA MET A 43 -1.17 2.38 1.41
C MET A 43 -1.66 2.31 -0.02
N ILE A 44 -2.21 3.42 -0.50
CA ILE A 44 -2.73 3.49 -1.85
C ILE A 44 -2.14 4.69 -2.59
N ILE A 45 -1.51 4.42 -3.73
CA ILE A 45 -0.94 5.49 -4.54
C ILE A 45 -2.00 6.05 -5.46
N GLY A 46 -2.19 7.36 -5.42
CA GLY A 46 -3.17 8.00 -6.26
C GLY A 46 -2.88 7.82 -7.74
N PRO A 47 -3.86 7.32 -8.51
CA PRO A 47 -3.70 7.10 -9.96
C PRO A 47 -3.37 8.39 -10.71
N PRO A 48 -2.53 8.31 -11.75
CA PRO A 48 -2.14 9.48 -12.55
C PRO A 48 -3.33 10.09 -13.30
N ARG A 49 -3.20 11.37 -13.63
CA ARG A 49 -4.21 12.12 -14.38
C ARG A 49 -5.50 12.29 -13.58
N THR A 50 -5.41 12.17 -12.25
CA THR A 50 -6.56 12.36 -11.39
C THR A 50 -6.23 13.41 -10.34
N ASN A 51 -7.17 13.71 -9.46
CA ASN A 51 -6.93 14.68 -8.41
C ASN A 51 -6.06 14.08 -7.30
N TYR A 52 -5.90 12.76 -7.35
CA TYR A 52 -5.08 12.05 -6.38
C TYR A 52 -3.73 11.69 -6.99
N GLU A 53 -3.46 12.22 -8.17
CA GLU A 53 -2.22 11.93 -8.90
C GLU A 53 -0.97 12.20 -8.07
N ASN A 54 -0.09 11.19 -8.04
CA ASN A 54 1.19 11.26 -7.35
C ASN A 54 1.02 11.51 -5.85
N ARG A 55 -0.06 11.01 -5.28
CA ARG A 55 -0.32 11.19 -3.86
C ARG A 55 -0.32 9.85 -3.14
N ILE A 56 0.57 9.71 -2.18
CA ILE A 56 0.68 8.50 -1.40
C ILE A 56 -0.23 8.60 -0.18
N TYR A 57 -1.34 7.88 -0.20
CA TYR A 57 -2.29 7.91 0.89
C TYR A 57 -2.12 6.71 1.81
N SER A 58 -1.95 6.99 3.10
CA SER A 58 -1.77 5.94 4.10
C SER A 58 -3.12 5.61 4.75
N LEU A 59 -3.33 4.33 5.03
CA LEU A 59 -4.57 3.86 5.64
C LEU A 59 -4.29 2.98 6.85
N LYS A 60 -5.28 2.85 7.70
CA LYS A 60 -5.18 2.02 8.89
C LYS A 60 -6.33 1.02 8.88
N VAL A 61 -5.99 -0.26 8.83
CA VAL A 61 -6.99 -1.32 8.81
C VAL A 61 -6.90 -2.16 10.08
N GLU A 62 -8.01 -2.28 10.77
CA GLU A 62 -8.04 -3.07 12.00
C GLU A 62 -8.93 -4.30 11.82
N CYS A 63 -8.30 -5.46 11.79
CA CYS A 63 -9.01 -6.71 11.64
C CYS A 63 -9.57 -7.17 12.98
N GLY A 64 -10.89 -7.11 13.12
CA GLY A 64 -11.51 -7.51 14.37
C GLY A 64 -11.45 -9.00 14.61
N PRO A 65 -11.90 -9.45 15.80
CA PRO A 65 -11.90 -10.88 16.17
C PRO A 65 -12.81 -11.72 15.27
N LYS A 66 -13.65 -11.03 14.51
CA LYS A 66 -14.58 -11.71 13.61
C LYS A 66 -13.99 -11.86 12.21
N TYR A 67 -12.81 -11.31 12.00
CA TYR A 67 -12.13 -11.39 10.70
C TYR A 67 -11.92 -12.85 10.31
N PRO A 68 -12.16 -13.23 9.04
CA PRO A 68 -12.62 -12.32 7.99
C PRO A 68 -14.12 -12.39 7.74
N GLU A 69 -14.87 -12.85 8.73
CA GLU A 69 -16.32 -12.96 8.61
C GLU A 69 -16.98 -11.59 8.61
N ALA A 70 -16.44 -10.69 9.43
CA ALA A 70 -16.97 -9.34 9.54
C ALA A 70 -15.98 -8.32 8.96
N PRO A 71 -16.50 -7.24 8.35
CA PRO A 71 -15.66 -6.19 7.75
C PRO A 71 -14.79 -5.49 8.79
N PRO A 72 -13.49 -5.36 8.50
CA PRO A 72 -12.54 -4.70 9.40
C PRO A 72 -12.71 -3.18 9.42
N SER A 73 -12.21 -2.54 10.46
CA SER A 73 -12.30 -1.10 10.58
C SER A 73 -11.27 -0.45 9.67
N VAL A 74 -11.73 0.44 8.80
CA VAL A 74 -10.83 1.11 7.86
C VAL A 74 -10.91 2.63 8.03
N ARG A 75 -9.75 3.27 8.07
CA ARG A 75 -9.68 4.72 8.19
C ARG A 75 -8.40 5.23 7.52
N PHE A 76 -8.47 6.44 7.01
CA PHE A 76 -7.34 7.06 6.33
C PHE A 76 -6.49 7.84 7.32
N VAL A 77 -5.20 7.94 7.03
CA VAL A 77 -4.29 8.69 7.88
C VAL A 77 -4.06 10.07 7.29
N THR A 78 -3.74 10.10 6.01
CA THR A 78 -3.52 11.35 5.31
C THR A 78 -4.86 11.97 4.93
N LYS A 79 -4.95 13.29 5.01
CA LYS A 79 -6.20 13.98 4.70
C LYS A 79 -6.54 13.84 3.21
N ILE A 80 -7.64 13.17 2.94
CA ILE A 80 -8.08 12.92 1.59
C ILE A 80 -9.56 13.22 1.45
N ASN A 81 -9.94 13.85 0.35
CA ASN A 81 -11.33 14.18 0.10
C ASN A 81 -11.92 13.14 -0.83
N MET A 82 -12.61 12.17 -0.25
CA MET A 82 -13.22 11.09 -1.02
C MET A 82 -14.59 10.77 -0.45
N ASN A 83 -15.58 10.61 -1.33
CA ASN A 83 -16.95 10.32 -0.94
C ASN A 83 -17.03 9.04 -0.11
N GLY A 84 -17.33 9.20 1.18
CA GLY A 84 -17.44 8.07 2.08
C GLY A 84 -16.44 8.12 3.21
N ILE A 85 -15.53 9.08 3.14
CA ILE A 85 -14.51 9.24 4.16
C ILE A 85 -14.76 10.51 4.98
N ASN A 86 -14.64 10.39 6.30
CA ASN A 86 -14.86 11.53 7.20
C ASN A 86 -13.69 12.51 7.12
N ASN A 87 -13.97 13.80 7.24
CA ASN A 87 -12.93 14.83 7.14
C ASN A 87 -12.26 15.11 8.49
N SER A 88 -12.86 14.64 9.58
CA SER A 88 -12.30 14.87 10.89
C SER A 88 -11.54 13.65 11.41
N SER A 89 -12.23 12.52 11.48
CA SER A 89 -11.63 11.29 11.97
C SER A 89 -10.89 10.57 10.85
N GLY A 90 -11.35 10.76 9.62
CA GLY A 90 -10.74 10.11 8.49
C GLY A 90 -11.22 8.68 8.34
N MET A 91 -12.21 8.33 9.14
CA MET A 91 -12.78 6.99 9.12
C MET A 91 -13.58 6.76 7.85
N VAL A 92 -13.56 5.52 7.36
CA VAL A 92 -14.29 5.17 6.16
C VAL A 92 -15.65 4.58 6.51
N ASP A 93 -16.70 5.15 5.93
CA ASP A 93 -18.06 4.69 6.17
C ASP A 93 -18.32 3.39 5.43
N ALA A 94 -18.60 2.34 6.19
CA ALA A 94 -18.83 1.01 5.63
C ALA A 94 -20.07 0.95 4.75
N ARG A 95 -21.11 1.71 5.09
CA ARG A 95 -22.35 1.68 4.32
C ARG A 95 -22.20 2.46 3.02
N SER A 96 -21.09 3.15 2.85
CA SER A 96 -20.84 3.91 1.64
C SER A 96 -19.84 3.19 0.75
N ILE A 97 -19.38 2.02 1.20
CA ILE A 97 -18.42 1.22 0.46
C ILE A 97 -19.01 -0.16 0.15
N PRO A 98 -19.18 -0.49 -1.14
CA PRO A 98 -19.76 -1.76 -1.59
C PRO A 98 -19.15 -3.01 -0.92
N VAL A 99 -17.83 -3.07 -0.85
CA VAL A 99 -17.15 -4.24 -0.26
C VAL A 99 -17.31 -4.30 1.25
N LEU A 100 -17.67 -3.18 1.88
CA LEU A 100 -17.83 -3.14 3.32
C LEU A 100 -19.31 -3.35 3.69
N ALA A 101 -20.19 -2.77 2.90
CA ALA A 101 -21.63 -2.90 3.14
C ALA A 101 -22.07 -4.33 2.86
N LYS A 102 -21.51 -4.90 1.80
CA LYS A 102 -21.81 -6.27 1.41
C LYS A 102 -20.55 -7.12 1.53
N TRP A 103 -19.92 -7.01 2.69
CA TRP A 103 -18.69 -7.75 2.97
C TRP A 103 -18.92 -9.25 2.91
N GLN A 104 -17.92 -9.97 2.44
CA GLN A 104 -17.97 -11.41 2.34
C GLN A 104 -16.73 -12.00 3.00
N ASN A 105 -16.84 -13.22 3.51
CA ASN A 105 -15.71 -13.87 4.19
C ASN A 105 -14.54 -14.10 3.23
N SER A 106 -14.82 -14.06 1.94
CA SER A 106 -13.79 -14.27 0.94
C SER A 106 -13.01 -12.98 0.65
N TYR A 107 -13.37 -11.91 1.35
CA TYR A 107 -12.70 -10.63 1.18
C TYR A 107 -11.52 -10.51 2.14
N SER A 108 -10.62 -9.59 1.84
CA SER A 108 -9.43 -9.37 2.66
C SER A 108 -8.99 -7.92 2.57
N ILE A 109 -7.92 -7.57 3.28
CA ILE A 109 -7.39 -6.21 3.29
C ILE A 109 -7.08 -5.74 1.87
N LYS A 110 -6.47 -6.63 1.09
CA LYS A 110 -6.09 -6.36 -0.29
C LYS A 110 -7.32 -5.96 -1.11
N VAL A 111 -8.44 -6.65 -0.88
CA VAL A 111 -9.68 -6.37 -1.60
C VAL A 111 -10.19 -4.97 -1.29
N VAL A 112 -10.12 -4.60 -0.01
CA VAL A 112 -10.58 -3.28 0.44
C VAL A 112 -9.77 -2.17 -0.23
N LEU A 113 -8.44 -2.32 -0.20
CA LEU A 113 -7.56 -1.33 -0.79
C LEU A 113 -7.80 -1.18 -2.29
N GLN A 114 -8.02 -2.31 -2.97
CA GLN A 114 -8.28 -2.30 -4.40
C GLN A 114 -9.59 -1.59 -4.70
N GLU A 115 -10.59 -1.79 -3.85
CA GLU A 115 -11.90 -1.17 -4.02
C GLU A 115 -11.80 0.34 -3.82
N LEU A 116 -11.12 0.74 -2.74
CA LEU A 116 -10.96 2.15 -2.43
C LEU A 116 -10.28 2.88 -3.57
N ARG A 117 -9.26 2.24 -4.15
CA ARG A 117 -8.54 2.83 -5.27
C ARG A 117 -9.44 2.94 -6.49
N ARG A 118 -10.29 1.93 -6.67
CA ARG A 118 -11.23 1.91 -7.79
C ARG A 118 -12.22 3.07 -7.66
N LEU A 119 -12.60 3.36 -6.41
CA LEU A 119 -13.53 4.44 -6.13
C LEU A 119 -12.86 5.80 -6.34
N MET A 120 -11.54 5.83 -6.22
CA MET A 120 -10.78 7.08 -6.42
C MET A 120 -10.83 7.50 -7.87
N MET A 121 -11.00 6.52 -8.76
CA MET A 121 -11.07 6.79 -10.19
C MET A 121 -12.53 6.94 -10.63
N SER A 122 -13.42 7.01 -9.66
CA SER A 122 -14.84 7.17 -9.94
C SER A 122 -15.14 8.63 -10.23
N LYS A 123 -16.16 8.86 -11.04
CA LYS A 123 -16.58 10.21 -11.44
C LYS A 123 -16.79 11.15 -10.25
N GLU A 124 -17.37 10.63 -9.18
CA GLU A 124 -17.68 11.43 -8.01
C GLU A 124 -16.46 11.67 -7.10
N ASN A 125 -15.30 11.12 -7.45
CA ASN A 125 -14.11 11.28 -6.63
C ASN A 125 -12.91 11.79 -7.42
N MET A 126 -12.79 11.32 -8.67
CA MET A 126 -11.68 11.67 -9.55
C MET A 126 -11.43 13.18 -9.68
N LYS A 127 -12.45 13.99 -9.42
CA LYS A 127 -12.29 15.44 -9.54
C LYS A 127 -12.63 16.15 -8.23
N LEU A 128 -12.52 15.45 -7.12
CA LEU A 128 -12.79 16.05 -5.82
C LEU A 128 -11.60 16.89 -5.36
N PRO A 129 -11.84 18.14 -4.93
CA PRO A 129 -10.77 19.04 -4.46
C PRO A 129 -9.99 18.42 -3.31
N GLN A 130 -8.71 18.19 -3.52
CA GLN A 130 -7.86 17.59 -2.51
C GLN A 130 -7.17 18.65 -1.65
N PRO A 131 -7.15 18.43 -0.32
CA PRO A 131 -6.51 19.35 0.61
C PRO A 131 -4.98 19.29 0.48
N PRO A 132 -4.25 20.24 1.12
CA PRO A 132 -2.79 20.28 1.07
C PRO A 132 -2.16 18.91 1.34
N GLU A 133 -1.24 18.53 0.47
CA GLU A 133 -0.58 17.24 0.55
C GLU A 133 0.32 17.18 1.78
N GLY A 134 0.26 16.05 2.47
CA GLY A 134 1.09 15.86 3.65
C GLY A 134 0.30 15.94 4.94
N GLN A 135 -0.81 16.67 4.91
CA GLN A 135 -1.65 16.83 6.09
C GLN A 135 -2.27 15.49 6.49
N THR A 136 -2.26 15.21 7.78
CA THR A 136 -2.82 13.97 8.28
C THR A 136 -3.92 14.26 9.29
N TYR A 137 -4.79 13.27 9.52
CA TYR A 137 -5.88 13.43 10.46
C TYR A 137 -5.36 13.41 11.89
N ASN A 138 -4.15 12.88 12.06
CA ASN A 138 -3.49 12.81 13.34
C ASN A 138 -2.14 13.49 13.25
N ASN A 139 -1.77 14.23 14.29
CA ASN A 139 -0.48 14.94 14.36
C ASN A 139 -0.29 15.84 13.14
N MET B 1 21.18 -11.29 -2.26
CA MET B 1 19.87 -11.97 -2.26
C MET B 1 19.07 -11.58 -3.50
N GLN B 2 18.22 -12.48 -3.95
CA GLN B 2 17.40 -12.24 -5.12
C GLN B 2 16.09 -11.58 -4.74
N ILE B 3 15.87 -10.38 -5.26
CA ILE B 3 14.63 -9.64 -5.01
C ILE B 3 13.91 -9.42 -6.33
N PHE B 4 12.66 -9.02 -6.27
CA PHE B 4 11.88 -8.78 -7.47
C PHE B 4 11.30 -7.38 -7.45
N VAL B 5 11.48 -6.67 -8.56
CA VAL B 5 10.95 -5.33 -8.69
C VAL B 5 9.79 -5.34 -9.69
N LYS B 6 8.61 -4.96 -9.23
CA LYS B 6 7.44 -4.94 -10.07
C LYS B 6 6.94 -3.53 -10.31
N THR B 7 6.84 -3.17 -11.58
CA THR B 7 6.36 -1.85 -11.97
C THR B 7 4.83 -1.82 -11.98
N LEU B 8 4.26 -0.63 -12.10
CA LEU B 8 2.80 -0.48 -12.12
C LEU B 8 2.21 -1.17 -13.35
N THR B 9 3.04 -1.37 -14.36
CA THR B 9 2.61 -2.01 -15.59
C THR B 9 2.44 -3.51 -15.40
N GLY B 10 3.03 -4.02 -14.31
CA GLY B 10 2.95 -5.44 -14.01
C GLY B 10 4.25 -6.15 -14.32
N LYS B 11 5.16 -5.42 -14.96
CA LYS B 11 6.47 -5.97 -15.32
C LYS B 11 7.24 -6.34 -14.06
N THR B 12 7.76 -7.57 -14.04
CA THR B 12 8.52 -8.04 -12.90
C THR B 12 9.96 -8.36 -13.28
N ILE B 13 10.89 -7.63 -12.70
CA ILE B 13 12.31 -7.84 -12.99
C ILE B 13 13.03 -8.44 -11.79
N THR B 14 14.10 -9.15 -12.06
CA THR B 14 14.89 -9.77 -11.01
C THR B 14 16.10 -8.91 -10.69
N LEU B 15 16.43 -8.76 -9.41
CA LEU B 15 17.57 -7.97 -9.02
C LEU B 15 18.34 -8.64 -7.90
N GLU B 16 19.66 -8.62 -8.00
CA GLU B 16 20.51 -9.21 -6.99
C GLU B 16 21.24 -8.15 -6.19
N VAL B 17 20.83 -7.97 -4.95
CA VAL B 17 21.43 -6.98 -4.07
C VAL B 17 21.55 -7.55 -2.66
N GLU B 18 22.34 -6.90 -1.83
CA GLU B 18 22.51 -7.35 -0.46
C GLU B 18 21.72 -6.45 0.48
N PRO B 19 21.36 -6.93 1.67
CA PRO B 19 20.62 -6.12 2.65
C PRO B 19 21.34 -4.84 3.02
N SER B 20 22.67 -4.87 2.88
CA SER B 20 23.52 -3.73 3.19
C SER B 20 23.52 -2.71 2.05
N ASP B 21 22.83 -3.02 0.96
CA ASP B 21 22.74 -2.11 -0.18
C ASP B 21 21.66 -1.07 0.06
N THR B 22 21.93 0.16 -0.31
CA THR B 22 20.98 1.24 -0.14
C THR B 22 20.03 1.32 -1.33
N ILE B 23 18.88 1.94 -1.11
CA ILE B 23 17.87 2.11 -2.16
C ILE B 23 18.48 2.82 -3.38
N GLU B 24 19.36 3.77 -3.10
CA GLU B 24 20.05 4.52 -4.14
C GLU B 24 20.84 3.59 -5.06
N ASN B 25 21.55 2.64 -4.46
CA ASN B 25 22.35 1.69 -5.22
C ASN B 25 21.45 0.72 -5.97
N VAL B 26 20.32 0.38 -5.37
CA VAL B 26 19.35 -0.52 -5.97
C VAL B 26 18.83 0.08 -7.28
N LYS B 27 18.53 1.37 -7.24
CA LYS B 27 18.02 2.08 -8.41
C LYS B 27 19.04 2.06 -9.54
N ALA B 28 20.33 2.09 -9.18
CA ALA B 28 21.41 2.08 -10.16
C ALA B 28 21.41 0.79 -10.96
N LYS B 29 21.17 -0.32 -10.27
CA LYS B 29 21.13 -1.63 -10.92
C LYS B 29 19.91 -1.73 -11.84
N ILE B 30 18.82 -1.12 -11.41
CA ILE B 30 17.60 -1.13 -12.20
C ILE B 30 17.78 -0.30 -13.47
N GLN B 31 18.46 0.83 -13.34
CA GLN B 31 18.72 1.72 -14.47
C GLN B 31 19.64 1.06 -15.49
N ASP B 32 20.48 0.15 -15.01
CA ASP B 32 21.42 -0.56 -15.87
C ASP B 32 20.73 -1.53 -16.82
N LYS B 33 19.75 -2.27 -16.31
CA LYS B 33 19.04 -3.25 -17.13
C LYS B 33 17.75 -2.71 -17.73
N GLU B 34 17.01 -1.91 -16.98
CA GLU B 34 15.74 -1.37 -17.47
C GLU B 34 15.92 -0.05 -18.20
N GLY B 35 16.94 0.70 -17.83
CA GLY B 35 17.18 1.98 -18.46
C GLY B 35 16.33 3.09 -17.88
N ILE B 36 15.62 2.78 -16.80
CA ILE B 36 14.75 3.75 -16.14
C ILE B 36 15.55 4.62 -15.18
N PRO B 37 15.56 5.95 -15.39
CA PRO B 37 16.28 6.89 -14.52
C PRO B 37 15.80 6.81 -13.07
N PRO B 38 16.75 6.76 -12.11
CA PRO B 38 16.44 6.68 -10.67
C PRO B 38 15.47 7.76 -10.18
N ASP B 39 15.48 8.90 -10.87
CA ASP B 39 14.59 10.01 -10.51
C ASP B 39 13.12 9.61 -10.69
N GLN B 40 12.87 8.81 -11.70
CA GLN B 40 11.51 8.36 -12.00
C GLN B 40 11.21 7.07 -11.26
N GLN B 41 12.14 6.64 -10.41
CA GLN B 41 11.98 5.43 -9.64
C GLN B 41 11.53 5.75 -8.22
N ARG B 42 10.64 4.92 -7.68
CA ARG B 42 10.14 5.07 -6.33
C ARG B 42 9.66 3.72 -5.83
N LEU B 43 10.34 3.17 -4.85
CA LEU B 43 9.98 1.86 -4.34
C LEU B 43 9.04 1.96 -3.14
N ILE B 44 8.00 1.13 -3.19
CA ILE B 44 7.00 1.07 -2.14
C ILE B 44 7.00 -0.33 -1.54
N PHE B 45 7.09 -0.42 -0.21
CA PHE B 45 7.08 -1.71 0.45
C PHE B 45 6.55 -1.58 1.88
N ALA B 46 5.89 -2.65 2.35
CA ALA B 46 5.32 -2.70 3.70
C ALA B 46 4.26 -1.62 3.93
N GLY B 47 3.79 -1.01 2.85
CA GLY B 47 2.79 0.03 2.95
C GLY B 47 3.40 1.40 3.19
N ARG B 48 4.69 1.53 2.91
CA ARG B 48 5.40 2.80 3.11
C ARG B 48 6.37 3.06 1.97
N GLN B 49 6.76 4.31 1.82
CA GLN B 49 7.70 4.71 0.76
C GLN B 49 9.13 4.48 1.23
N LEU B 50 9.94 3.87 0.37
CA LEU B 50 11.33 3.59 0.70
C LEU B 50 12.21 4.79 0.34
N GLU B 51 12.78 5.42 1.37
CA GLU B 51 13.64 6.57 1.17
C GLU B 51 14.94 6.13 0.50
N ASP B 52 15.39 6.92 -0.47
CA ASP B 52 16.59 6.63 -1.25
C ASP B 52 17.85 6.49 -0.38
N GLY B 53 17.91 7.19 0.73
CA GLY B 53 19.07 7.13 1.58
C GLY B 53 18.95 6.09 2.68
N ARG B 54 18.14 5.08 2.46
CA ARG B 54 17.95 4.02 3.44
C ARG B 54 18.43 2.69 2.89
N THR B 55 18.66 1.75 3.78
CA THR B 55 19.11 0.42 3.41
C THR B 55 17.93 -0.51 3.24
N LEU B 56 18.14 -1.65 2.58
CA LEU B 56 17.07 -2.61 2.36
C LEU B 56 16.56 -3.16 3.69
N SER B 57 17.48 -3.35 4.63
CA SER B 57 17.13 -3.87 5.95
C SER B 57 16.31 -2.87 6.76
N ASP B 58 16.36 -1.59 6.37
CA ASP B 58 15.63 -0.54 7.06
C ASP B 58 14.12 -0.74 6.94
N TYR B 59 13.71 -1.53 5.97
CA TYR B 59 12.30 -1.80 5.74
C TYR B 59 12.01 -3.30 5.81
N ASN B 60 12.97 -4.04 6.38
CA ASN B 60 12.85 -5.50 6.54
C ASN B 60 12.70 -6.19 5.20
N ILE B 61 13.32 -5.62 4.17
CA ILE B 61 13.27 -6.20 2.83
C ILE B 61 14.19 -7.40 2.74
N GLN B 62 13.64 -8.53 2.35
CA GLN B 62 14.42 -9.76 2.23
C GLN B 62 14.31 -10.34 0.83
N LYS B 63 14.82 -11.56 0.67
CA LYS B 63 14.79 -12.24 -0.62
C LYS B 63 13.36 -12.60 -1.03
N GLU B 64 13.15 -12.69 -2.34
CA GLU B 64 11.85 -13.03 -2.93
C GLU B 64 10.80 -11.94 -2.69
N SER B 65 11.20 -10.84 -2.07
CA SER B 65 10.29 -9.75 -1.80
C SER B 65 10.09 -8.91 -3.06
N THR B 66 8.84 -8.72 -3.43
CA THR B 66 8.51 -7.94 -4.62
C THR B 66 8.28 -6.48 -4.28
N LEU B 67 9.26 -5.65 -4.63
CA LEU B 67 9.17 -4.23 -4.38
C LEU B 67 8.32 -3.57 -5.46
N HIS B 68 7.52 -2.59 -5.07
CA HIS B 68 6.65 -1.90 -6.00
C HIS B 68 7.34 -0.67 -6.55
N LEU B 69 7.61 -0.67 -7.85
CA LEU B 69 8.27 0.46 -8.49
C LEU B 69 7.23 1.41 -9.06
N VAL B 70 6.94 2.46 -8.31
CA VAL B 70 5.97 3.46 -8.73
C VAL B 70 6.67 4.59 -9.47
N LEU B 71 6.45 4.64 -10.78
CA LEU B 71 7.06 5.66 -11.62
C LEU B 71 6.74 7.07 -11.13
N ARG B 72 7.76 7.91 -11.07
CA ARG B 72 7.61 9.28 -10.63
C ARG B 72 7.70 10.23 -11.83
N LEU B 73 6.54 10.61 -12.34
CA LEU B 73 6.47 11.51 -13.49
C LEU B 73 6.57 12.96 -13.04
N ARG B 74 7.51 13.69 -13.63
CA ARG B 74 7.68 15.10 -13.30
C ARG B 74 7.23 15.97 -14.47
N GLY B 75 6.29 16.86 -14.21
CA GLY B 75 5.80 17.73 -15.24
C GLY B 75 4.31 17.56 -15.47
N GLY B 76 3.63 18.67 -15.66
CA GLY B 76 2.21 18.64 -15.88
C GLY B 76 1.61 20.01 -15.76
N VAL A 1 -5.93 -19.71 20.86
CA VAL A 1 -5.42 -18.99 19.66
C VAL A 1 -6.02 -19.57 18.40
N LYS A 2 -6.71 -18.73 17.64
CA LYS A 2 -7.34 -19.16 16.39
C LYS A 2 -6.28 -19.47 15.34
N VAL A 3 -5.96 -20.74 15.19
CA VAL A 3 -4.95 -21.19 14.24
C VAL A 3 -5.25 -20.73 12.81
N PRO A 4 -6.46 -20.98 12.26
CA PRO A 4 -6.80 -20.56 10.90
C PRO A 4 -6.65 -19.06 10.69
N ARG A 5 -7.11 -18.29 11.67
CA ARG A 5 -7.02 -16.83 11.60
C ARG A 5 -5.57 -16.37 11.70
N ASN A 6 -4.84 -16.94 12.64
CA ASN A 6 -3.43 -16.60 12.85
C ASN A 6 -2.63 -16.93 11.59
N PHE A 7 -2.85 -18.11 11.04
CA PHE A 7 -2.15 -18.54 9.84
C PHE A 7 -2.48 -17.60 8.68
N ARG A 8 -3.76 -17.21 8.58
CA ARG A 8 -4.21 -16.31 7.53
C ARG A 8 -3.46 -14.98 7.63
N LEU A 9 -3.34 -14.46 8.85
CA LEU A 9 -2.64 -13.21 9.08
C LEU A 9 -1.17 -13.34 8.69
N LEU A 10 -0.59 -14.51 8.95
CA LEU A 10 0.79 -14.78 8.61
C LEU A 10 0.95 -14.86 7.09
N GLU A 11 -0.07 -15.41 6.43
CA GLU A 11 -0.05 -15.55 4.98
C GLU A 11 -0.11 -14.17 4.33
N GLU A 12 -1.08 -13.36 4.75
CA GLU A 12 -1.25 -12.02 4.21
C GLU A 12 -0.03 -11.14 4.55
N LEU A 13 0.62 -11.45 5.67
CA LEU A 13 1.81 -10.71 6.08
C LEU A 13 2.91 -10.90 5.05
N GLU A 14 3.09 -12.15 4.62
CA GLU A 14 4.09 -12.49 3.62
C GLU A 14 3.71 -11.87 2.28
N GLU A 15 2.41 -11.83 2.01
CA GLU A 15 1.89 -11.26 0.78
C GLU A 15 2.16 -9.76 0.72
N GLY A 16 2.29 -9.15 1.89
CA GLY A 16 2.56 -7.72 1.97
C GLY A 16 3.98 -7.41 1.55
N GLN A 17 4.82 -8.42 1.55
CA GLN A 17 6.22 -8.28 1.17
C GLN A 17 6.40 -8.58 -0.31
N LYS A 18 5.28 -8.88 -0.98
CA LYS A 18 5.30 -9.18 -2.40
C LYS A 18 4.30 -8.32 -3.16
N GLY A 19 3.23 -7.94 -2.49
CA GLY A 19 2.20 -7.13 -3.12
C GLY A 19 1.34 -7.96 -4.05
N VAL A 20 0.86 -9.08 -3.52
CA VAL A 20 0.01 -9.99 -4.29
C VAL A 20 -1.39 -9.43 -4.42
N GLY A 21 -1.70 -8.86 -5.58
CA GLY A 21 -3.01 -8.30 -5.82
C GLY A 21 -3.09 -7.60 -7.15
N ASP A 22 -3.68 -6.42 -7.16
CA ASP A 22 -3.83 -5.64 -8.40
C ASP A 22 -2.48 -5.11 -8.87
N GLY A 23 -1.57 -4.86 -7.94
CA GLY A 23 -0.25 -4.39 -8.31
C GLY A 23 0.08 -3.01 -7.77
N THR A 24 -0.93 -2.24 -7.41
CA THR A 24 -0.72 -0.89 -6.90
C THR A 24 -0.89 -0.83 -5.39
N VAL A 25 -1.79 -1.63 -4.86
CA VAL A 25 -2.07 -1.66 -3.44
C VAL A 25 -0.96 -2.36 -2.65
N SER A 26 -0.70 -1.88 -1.45
CA SER A 26 0.31 -2.46 -0.57
C SER A 26 -0.12 -2.35 0.87
N TRP A 27 0.15 -3.37 1.66
CA TRP A 27 -0.23 -3.39 3.07
C TRP A 27 0.92 -3.90 3.93
N GLY A 28 0.76 -3.77 5.24
CA GLY A 28 1.77 -4.22 6.17
C GLY A 28 1.31 -4.02 7.60
N LEU A 29 2.18 -4.27 8.56
CA LEU A 29 1.82 -4.09 9.97
C LEU A 29 1.84 -2.62 10.36
N GLU A 30 0.98 -2.26 11.29
CA GLU A 30 0.90 -0.87 11.75
C GLU A 30 1.80 -0.66 12.96
N ASP A 31 1.45 -1.31 14.06
CA ASP A 31 2.21 -1.19 15.31
C ASP A 31 3.53 -1.93 15.21
N ASP A 32 3.52 -3.05 14.47
CA ASP A 32 4.71 -3.88 14.27
C ASP A 32 5.04 -4.70 15.52
N GLU A 33 5.13 -4.04 16.67
CA GLU A 33 5.44 -4.71 17.92
C GLU A 33 4.21 -5.43 18.49
N ASP A 34 3.04 -4.83 18.30
CA ASP A 34 1.80 -5.41 18.78
C ASP A 34 1.53 -6.76 18.11
N MET A 35 1.64 -7.84 18.87
CA MET A 35 1.46 -9.19 18.36
C MET A 35 -0.01 -9.54 18.17
N THR A 36 -0.90 -8.60 18.46
CA THR A 36 -2.33 -8.83 18.31
C THR A 36 -2.72 -8.95 16.83
N LEU A 37 -1.92 -8.33 15.97
CA LEU A 37 -2.14 -8.34 14.53
C LEU A 37 -3.51 -7.77 14.19
N THR A 38 -3.98 -6.86 15.03
CA THR A 38 -5.28 -6.25 14.84
C THR A 38 -5.19 -4.99 13.98
N ARG A 39 -4.10 -4.26 14.08
CA ARG A 39 -3.95 -3.03 13.32
C ARG A 39 -2.94 -3.20 12.18
N TRP A 40 -3.41 -2.96 10.97
CA TRP A 40 -2.58 -3.08 9.77
C TRP A 40 -2.52 -1.74 9.04
N THR A 41 -1.44 -1.54 8.30
CA THR A 41 -1.25 -0.31 7.54
C THR A 41 -1.59 -0.53 6.07
N GLY A 42 -2.40 0.35 5.52
CA GLY A 42 -2.78 0.24 4.12
C GLY A 42 -2.30 1.44 3.33
N MET A 43 -1.54 1.21 2.28
CA MET A 43 -1.04 2.29 1.47
C MET A 43 -1.67 2.26 0.08
N ILE A 44 -2.21 3.39 -0.34
CA ILE A 44 -2.85 3.50 -1.63
C ILE A 44 -2.26 4.65 -2.43
N ILE A 45 -1.78 4.34 -3.62
CA ILE A 45 -1.21 5.34 -4.51
C ILE A 45 -2.30 5.90 -5.40
N GLY A 46 -2.49 7.21 -5.36
CA GLY A 46 -3.51 7.86 -6.16
C GLY A 46 -3.40 7.53 -7.64
N PRO A 47 -4.52 7.19 -8.28
CA PRO A 47 -4.55 6.84 -9.71
C PRO A 47 -4.25 8.06 -10.60
N PRO A 48 -3.67 7.81 -11.79
CA PRO A 48 -3.33 8.89 -12.73
C PRO A 48 -4.54 9.62 -13.27
N ARG A 49 -4.30 10.85 -13.75
CA ARG A 49 -5.33 11.71 -14.33
C ARG A 49 -6.46 12.04 -13.36
N THR A 50 -6.14 12.05 -12.06
CA THR A 50 -7.13 12.37 -11.05
C THR A 50 -6.58 13.42 -10.09
N ASN A 51 -7.38 13.79 -9.10
CA ASN A 51 -6.95 14.75 -8.10
C ASN A 51 -6.11 14.06 -7.03
N TYR A 52 -5.97 12.74 -7.17
CA TYR A 52 -5.18 11.95 -6.23
C TYR A 52 -3.90 11.48 -6.91
N GLU A 53 -3.76 11.85 -8.17
CA GLU A 53 -2.61 11.47 -9.00
C GLU A 53 -1.29 11.85 -8.32
N ASN A 54 -0.38 10.87 -8.26
CA ASN A 54 0.95 11.03 -7.67
C ASN A 54 0.89 11.27 -6.16
N ARG A 55 -0.25 11.00 -5.55
CA ARG A 55 -0.41 11.21 -4.12
C ARG A 55 -0.40 9.87 -3.39
N ILE A 56 0.42 9.77 -2.37
CA ILE A 56 0.51 8.56 -1.57
C ILE A 56 -0.26 8.74 -0.26
N TYR A 57 -1.34 7.98 -0.12
CA TYR A 57 -2.16 8.09 1.09
C TYR A 57 -1.95 6.91 2.01
N SER A 58 -1.96 7.20 3.31
CA SER A 58 -1.79 6.19 4.33
C SER A 58 -3.11 5.91 5.05
N LEU A 59 -3.45 4.64 5.16
CA LEU A 59 -4.68 4.23 5.81
C LEU A 59 -4.40 3.24 6.92
N LYS A 60 -5.37 3.09 7.81
CA LYS A 60 -5.25 2.15 8.91
C LYS A 60 -6.42 1.16 8.87
N VAL A 61 -6.11 -0.12 8.81
CA VAL A 61 -7.12 -1.16 8.74
C VAL A 61 -7.07 -2.02 10.00
N GLU A 62 -8.19 -2.08 10.71
CA GLU A 62 -8.27 -2.85 11.94
C GLU A 62 -9.04 -4.15 11.72
N CYS A 63 -8.31 -5.25 11.69
CA CYS A 63 -8.90 -6.56 11.52
C CYS A 63 -9.40 -7.08 12.87
N GLY A 64 -10.72 -7.01 13.05
CA GLY A 64 -11.32 -7.45 14.29
C GLY A 64 -11.17 -8.94 14.54
N PRO A 65 -11.61 -9.43 15.71
CA PRO A 65 -11.51 -10.85 16.07
C PRO A 65 -12.35 -11.73 15.14
N LYS A 66 -13.35 -11.13 14.49
CA LYS A 66 -14.23 -11.88 13.60
C LYS A 66 -13.72 -11.85 12.16
N TYR A 67 -12.56 -11.23 11.95
CA TYR A 67 -11.96 -11.16 10.61
C TYR A 67 -11.73 -12.57 10.07
N PRO A 68 -12.05 -12.85 8.79
CA PRO A 68 -12.60 -11.88 7.86
C PRO A 68 -14.12 -11.99 7.69
N GLU A 69 -14.79 -12.58 8.67
CA GLU A 69 -16.24 -12.73 8.62
C GLU A 69 -16.92 -11.37 8.79
N ALA A 70 -16.31 -10.51 9.58
CA ALA A 70 -16.83 -9.18 9.84
C ALA A 70 -15.97 -8.13 9.15
N PRO A 71 -16.60 -7.07 8.62
CA PRO A 71 -15.89 -5.99 7.92
C PRO A 71 -14.93 -5.24 8.85
N PRO A 72 -13.63 -5.18 8.47
CA PRO A 72 -12.62 -4.50 9.26
C PRO A 72 -12.79 -2.98 9.25
N SER A 73 -12.33 -2.33 10.31
CA SER A 73 -12.44 -0.89 10.44
C SER A 73 -11.35 -0.21 9.60
N VAL A 74 -11.75 0.73 8.75
CA VAL A 74 -10.81 1.43 7.89
C VAL A 74 -10.92 2.95 8.06
N ARG A 75 -9.78 3.60 8.17
CA ARG A 75 -9.75 5.06 8.33
C ARG A 75 -8.53 5.65 7.63
N PHE A 76 -8.69 6.86 7.11
CA PHE A 76 -7.61 7.55 6.41
C PHE A 76 -6.81 8.39 7.42
N VAL A 77 -5.50 8.39 7.27
CA VAL A 77 -4.66 9.17 8.16
C VAL A 77 -4.37 10.53 7.53
N THR A 78 -4.07 10.51 6.24
CA THR A 78 -3.79 11.72 5.49
C THR A 78 -5.10 12.40 5.07
N LYS A 79 -5.09 13.73 4.99
CA LYS A 79 -6.29 14.48 4.61
C LYS A 79 -6.69 14.20 3.16
N ILE A 80 -7.91 13.71 2.98
CA ILE A 80 -8.43 13.40 1.65
C ILE A 80 -9.92 13.70 1.56
N ASN A 81 -10.32 14.40 0.52
CA ASN A 81 -11.72 14.73 0.32
C ASN A 81 -12.34 13.72 -0.63
N MET A 82 -12.91 12.68 -0.05
CA MET A 82 -13.53 11.62 -0.81
C MET A 82 -14.93 11.35 -0.26
N ASN A 83 -15.88 11.06 -1.15
CA ASN A 83 -17.25 10.81 -0.73
C ASN A 83 -17.34 9.56 0.13
N GLY A 84 -17.73 9.75 1.39
CA GLY A 84 -17.83 8.63 2.31
C GLY A 84 -16.76 8.67 3.38
N ILE A 85 -15.78 9.54 3.20
CA ILE A 85 -14.69 9.68 4.15
C ILE A 85 -14.92 10.90 5.04
N ASN A 86 -14.88 10.68 6.35
CA ASN A 86 -15.06 11.77 7.31
C ASN A 86 -13.96 12.80 7.16
N ASN A 87 -14.35 14.07 7.14
CA ASN A 87 -13.41 15.18 6.94
C ASN A 87 -12.71 15.59 8.24
N SER A 88 -13.03 14.96 9.35
CA SER A 88 -12.41 15.30 10.61
C SER A 88 -11.54 14.17 11.14
N SER A 89 -12.13 12.99 11.27
CA SER A 89 -11.41 11.83 11.78
C SER A 89 -10.80 11.01 10.65
N GLY A 90 -11.39 11.12 9.46
CA GLY A 90 -10.89 10.36 8.32
C GLY A 90 -11.50 8.98 8.25
N MET A 91 -12.49 8.73 9.11
CA MET A 91 -13.15 7.44 9.16
C MET A 91 -13.98 7.21 7.90
N VAL A 92 -13.86 6.02 7.33
CA VAL A 92 -14.59 5.68 6.13
C VAL A 92 -15.94 5.07 6.50
N ASP A 93 -16.99 5.51 5.81
CA ASP A 93 -18.34 5.01 6.04
C ASP A 93 -18.52 3.67 5.35
N ALA A 94 -18.97 2.68 6.11
CA ALA A 94 -19.15 1.33 5.60
C ALA A 94 -20.22 1.24 4.51
N ARG A 95 -21.32 2.00 4.63
CA ARG A 95 -22.39 1.93 3.64
C ARG A 95 -22.02 2.69 2.38
N SER A 96 -20.93 3.45 2.41
CA SER A 96 -20.48 4.19 1.25
C SER A 96 -19.61 3.30 0.37
N ILE A 97 -19.00 2.29 0.98
CA ILE A 97 -18.14 1.37 0.26
C ILE A 97 -18.89 0.07 -0.03
N PRO A 98 -19.00 -0.32 -1.31
CA PRO A 98 -19.70 -1.53 -1.73
C PRO A 98 -19.21 -2.79 -1.02
N VAL A 99 -17.89 -3.00 -0.99
CA VAL A 99 -17.33 -4.19 -0.35
C VAL A 99 -17.50 -4.19 1.16
N LEU A 100 -17.75 -3.03 1.74
CA LEU A 100 -17.95 -2.93 3.19
C LEU A 100 -19.42 -3.12 3.53
N ALA A 101 -20.29 -2.49 2.75
CA ALA A 101 -21.72 -2.62 2.95
C ALA A 101 -22.15 -4.05 2.69
N LYS A 102 -21.61 -4.62 1.63
CA LYS A 102 -21.89 -6.00 1.26
C LYS A 102 -20.61 -6.80 1.43
N TRP A 103 -20.14 -6.85 2.67
CA TRP A 103 -18.91 -7.53 3.00
C TRP A 103 -19.08 -9.05 2.99
N GLN A 104 -18.13 -9.71 2.36
CA GLN A 104 -18.12 -11.15 2.27
C GLN A 104 -16.85 -11.66 2.95
N ASN A 105 -16.90 -12.84 3.54
CA ASN A 105 -15.74 -13.40 4.23
C ASN A 105 -14.63 -13.79 3.25
N SER A 106 -14.90 -13.62 1.96
CA SER A 106 -13.93 -13.93 0.92
C SER A 106 -13.10 -12.69 0.57
N TYR A 107 -13.30 -11.63 1.35
CA TYR A 107 -12.58 -10.38 1.13
C TYR A 107 -11.49 -10.22 2.18
N SER A 108 -10.64 -9.22 2.00
CA SER A 108 -9.55 -8.97 2.92
C SER A 108 -9.09 -7.52 2.82
N ILE A 109 -8.00 -7.20 3.52
CA ILE A 109 -7.42 -5.86 3.50
C ILE A 109 -7.12 -5.44 2.06
N LYS A 110 -6.59 -6.38 1.30
CA LYS A 110 -6.23 -6.16 -0.10
C LYS A 110 -7.45 -5.70 -0.90
N VAL A 111 -8.57 -6.40 -0.74
CA VAL A 111 -9.80 -6.08 -1.45
C VAL A 111 -10.28 -4.68 -1.10
N VAL A 112 -10.21 -4.34 0.19
CA VAL A 112 -10.64 -3.03 0.66
C VAL A 112 -9.82 -1.92 0.00
N LEU A 113 -8.50 -2.09 0.01
CA LEU A 113 -7.60 -1.10 -0.59
C LEU A 113 -7.86 -0.94 -2.08
N GLN A 114 -8.07 -2.05 -2.78
CA GLN A 114 -8.33 -2.03 -4.21
C GLN A 114 -9.66 -1.33 -4.50
N GLU A 115 -10.65 -1.58 -3.65
CA GLU A 115 -11.96 -0.99 -3.80
C GLU A 115 -11.88 0.52 -3.62
N LEU A 116 -11.20 0.94 -2.57
CA LEU A 116 -11.05 2.36 -2.26
C LEU A 116 -10.43 3.10 -3.44
N ARG A 117 -9.41 2.51 -4.03
CA ARG A 117 -8.73 3.12 -5.17
C ARG A 117 -9.65 3.16 -6.39
N ARG A 118 -10.47 2.13 -6.55
CA ARG A 118 -11.40 2.08 -7.66
C ARG A 118 -12.41 3.22 -7.56
N LEU A 119 -12.88 3.47 -6.35
CA LEU A 119 -13.84 4.53 -6.10
C LEU A 119 -13.19 5.91 -6.24
N MET A 120 -11.86 5.94 -6.24
CA MET A 120 -11.11 7.17 -6.38
C MET A 120 -11.05 7.58 -7.85
N MET A 121 -11.23 6.60 -8.73
CA MET A 121 -11.21 6.84 -10.16
C MET A 121 -12.59 7.24 -10.64
N SER A 122 -13.56 7.16 -9.75
CA SER A 122 -14.93 7.51 -10.05
C SER A 122 -15.08 9.02 -10.21
N LYS A 123 -15.90 9.44 -11.15
CA LYS A 123 -16.13 10.84 -11.44
C LYS A 123 -16.60 11.63 -10.21
N GLU A 124 -17.31 10.96 -9.31
CA GLU A 124 -17.82 11.60 -8.10
C GLU A 124 -16.72 11.83 -7.06
N ASN A 125 -15.52 11.34 -7.33
CA ASN A 125 -14.41 11.50 -6.38
C ASN A 125 -13.16 12.05 -7.05
N MET A 126 -12.86 11.53 -8.24
CA MET A 126 -11.66 11.92 -9.00
C MET A 126 -11.55 13.42 -9.22
N LYS A 127 -12.68 14.13 -9.24
CA LYS A 127 -12.67 15.56 -9.48
C LYS A 127 -13.09 16.36 -8.24
N LEU A 128 -12.82 15.81 -7.07
CA LEU A 128 -13.16 16.48 -5.82
C LEU A 128 -11.97 17.31 -5.34
N PRO A 129 -12.21 18.57 -4.94
CA PRO A 129 -11.16 19.46 -4.43
C PRO A 129 -10.43 18.83 -3.25
N GLN A 130 -9.11 18.72 -3.35
CA GLN A 130 -8.32 18.10 -2.29
C GLN A 130 -7.61 19.14 -1.42
N PRO A 131 -7.46 18.83 -0.12
CA PRO A 131 -6.79 19.71 0.83
C PRO A 131 -5.27 19.63 0.68
N PRO A 132 -4.52 20.53 1.37
CA PRO A 132 -3.06 20.56 1.29
C PRO A 132 -2.42 19.19 1.51
N GLU A 133 -1.75 18.70 0.48
CA GLU A 133 -1.09 17.40 0.52
C GLU A 133 -0.03 17.36 1.61
N GLY A 134 -0.01 16.28 2.38
CA GLY A 134 0.95 16.15 3.44
C GLY A 134 0.33 16.30 4.80
N GLN A 135 -0.82 16.96 4.84
CA GLN A 135 -1.55 17.17 6.08
C GLN A 135 -2.26 15.90 6.51
N THR A 136 -2.32 15.67 7.80
CA THR A 136 -2.97 14.50 8.36
C THR A 136 -4.14 14.91 9.23
N TYR A 137 -5.04 13.97 9.49
CA TYR A 137 -6.20 14.25 10.34
C TYR A 137 -5.78 14.30 11.80
N ASN A 138 -4.67 13.64 12.09
CA ASN A 138 -4.14 13.59 13.44
C ASN A 138 -2.63 13.77 13.40
N ASN A 139 -2.10 14.60 14.28
CA ASN A 139 -0.67 14.88 14.36
C ASN A 139 -0.15 15.38 13.02
N MET B 1 21.44 -11.59 -2.26
CA MET B 1 20.18 -12.36 -2.40
C MET B 1 19.44 -11.93 -3.66
N GLN B 2 18.54 -12.79 -4.11
CA GLN B 2 17.75 -12.51 -5.31
C GLN B 2 16.38 -11.95 -4.92
N ILE B 3 16.06 -10.79 -5.46
CA ILE B 3 14.77 -10.16 -5.19
C ILE B 3 14.04 -9.89 -6.50
N PHE B 4 12.78 -9.51 -6.41
CA PHE B 4 11.98 -9.24 -7.59
C PHE B 4 11.47 -7.80 -7.58
N VAL B 5 11.64 -7.12 -8.69
CA VAL B 5 11.19 -5.75 -8.84
C VAL B 5 10.00 -5.72 -9.81
N LYS B 6 8.82 -5.46 -9.28
CA LYS B 6 7.61 -5.44 -10.09
C LYS B 6 7.15 -4.01 -10.32
N THR B 7 6.96 -3.65 -11.57
CA THR B 7 6.50 -2.33 -11.93
C THR B 7 4.97 -2.30 -11.92
N LEU B 8 4.38 -1.12 -12.09
CA LEU B 8 2.94 -1.00 -12.11
C LEU B 8 2.38 -1.50 -13.43
N THR B 9 3.28 -1.84 -14.34
CA THR B 9 2.93 -2.35 -15.64
C THR B 9 2.86 -3.88 -15.63
N GLY B 10 3.48 -4.47 -14.60
CA GLY B 10 3.48 -5.91 -14.48
C GLY B 10 4.86 -6.50 -14.67
N LYS B 11 5.73 -5.78 -15.38
CA LYS B 11 7.08 -6.23 -15.64
C LYS B 11 7.83 -6.49 -14.33
N THR B 12 8.11 -7.75 -14.06
CA THR B 12 8.83 -8.14 -12.87
C THR B 12 10.22 -8.61 -13.22
N ILE B 13 11.22 -7.84 -12.83
CA ILE B 13 12.60 -8.16 -13.11
C ILE B 13 13.29 -8.70 -11.87
N THR B 14 14.36 -9.46 -12.08
CA THR B 14 15.13 -10.01 -10.99
C THR B 14 16.30 -9.09 -10.67
N LEU B 15 16.67 -9.01 -9.41
CA LEU B 15 17.78 -8.17 -8.99
C LEU B 15 18.59 -8.87 -7.92
N GLU B 16 19.91 -8.71 -7.99
CA GLU B 16 20.81 -9.31 -7.01
C GLU B 16 21.46 -8.25 -6.16
N VAL B 17 21.04 -8.18 -4.90
CA VAL B 17 21.57 -7.23 -3.95
C VAL B 17 21.61 -7.85 -2.56
N GLU B 18 22.31 -7.22 -1.65
CA GLU B 18 22.40 -7.72 -0.29
C GLU B 18 21.52 -6.86 0.62
N PRO B 19 21.05 -7.41 1.75
CA PRO B 19 20.20 -6.68 2.69
C PRO B 19 20.83 -5.37 3.18
N SER B 20 22.16 -5.36 3.22
CA SER B 20 22.90 -4.19 3.66
C SER B 20 22.98 -3.11 2.58
N ASP B 21 22.51 -3.42 1.38
CA ASP B 21 22.56 -2.46 0.27
C ASP B 21 21.49 -1.38 0.44
N THR B 22 21.85 -0.16 0.08
CA THR B 22 20.94 0.97 0.17
C THR B 22 19.93 0.98 -0.95
N ILE B 23 18.77 1.58 -0.70
CA ILE B 23 17.71 1.67 -1.70
C ILE B 23 18.21 2.43 -2.94
N GLU B 24 19.02 3.45 -2.70
CA GLU B 24 19.58 4.25 -3.78
C GLU B 24 20.44 3.36 -4.68
N ASN B 25 21.19 2.44 -4.08
CA ASN B 25 22.04 1.53 -4.81
C ASN B 25 21.18 0.55 -5.62
N VAL B 26 20.08 0.13 -5.02
CA VAL B 26 19.15 -0.78 -5.66
C VAL B 26 18.61 -0.14 -6.94
N LYS B 27 18.25 1.13 -6.85
CA LYS B 27 17.74 1.88 -8.00
C LYS B 27 18.79 1.96 -9.10
N ALA B 28 20.04 2.16 -8.69
CA ALA B 28 21.15 2.26 -9.62
C ALA B 28 21.32 0.95 -10.40
N LYS B 29 21.13 -0.17 -9.72
CA LYS B 29 21.27 -1.47 -10.37
C LYS B 29 20.14 -1.69 -11.37
N ILE B 30 18.97 -1.11 -11.07
CA ILE B 30 17.82 -1.22 -11.96
C ILE B 30 18.06 -0.39 -13.21
N GLN B 31 18.63 0.80 -13.03
CA GLN B 31 18.92 1.70 -14.15
C GLN B 31 19.94 1.09 -15.10
N ASP B 32 20.82 0.24 -14.54
CA ASP B 32 21.86 -0.40 -15.34
C ASP B 32 21.30 -1.45 -16.28
N LYS B 33 20.21 -2.11 -15.90
CA LYS B 33 19.62 -3.14 -16.74
C LYS B 33 18.38 -2.67 -17.48
N GLU B 34 17.51 -1.92 -16.79
CA GLU B 34 16.28 -1.45 -17.40
C GLU B 34 16.48 -0.11 -18.11
N GLY B 35 17.32 0.75 -17.54
CA GLY B 35 17.56 2.04 -18.13
C GLY B 35 16.55 3.08 -17.69
N ILE B 36 16.13 2.97 -16.44
CA ILE B 36 15.16 3.91 -15.88
C ILE B 36 15.84 4.82 -14.86
N PRO B 37 15.80 6.14 -15.07
CA PRO B 37 16.41 7.11 -14.15
C PRO B 37 15.90 6.96 -12.73
N PRO B 38 16.83 6.93 -11.74
CA PRO B 38 16.48 6.79 -10.32
C PRO B 38 15.48 7.85 -9.86
N ASP B 39 15.53 9.01 -10.51
CA ASP B 39 14.63 10.12 -10.20
C ASP B 39 13.16 9.72 -10.38
N GLN B 40 12.91 8.89 -11.37
CA GLN B 40 11.55 8.45 -11.66
C GLN B 40 11.26 7.12 -10.97
N GLN B 41 12.26 6.61 -10.26
CA GLN B 41 12.13 5.34 -9.55
C GLN B 41 11.60 5.57 -8.14
N ARG B 42 10.58 4.82 -7.77
CA ARG B 42 9.97 4.91 -6.46
C ARG B 42 9.54 3.52 -6.02
N LEU B 43 10.19 2.99 -5.00
CA LEU B 43 9.89 1.66 -4.51
C LEU B 43 8.95 1.68 -3.32
N ILE B 44 7.94 0.82 -3.38
CA ILE B 44 6.96 0.69 -2.32
C ILE B 44 7.06 -0.69 -1.68
N PHE B 45 7.04 -0.74 -0.35
CA PHE B 45 7.14 -2.01 0.37
C PHE B 45 6.52 -1.88 1.76
N ALA B 46 5.85 -2.95 2.21
CA ALA B 46 5.21 -3.00 3.54
C ALA B 46 4.21 -1.86 3.73
N GLY B 47 3.61 -1.41 2.64
CA GLY B 47 2.64 -0.34 2.70
C GLY B 47 3.29 1.00 3.02
N ARG B 48 4.47 1.23 2.48
CA ARG B 48 5.19 2.47 2.70
C ARG B 48 6.21 2.70 1.58
N GLN B 49 6.71 3.92 1.50
CA GLN B 49 7.69 4.27 0.47
C GLN B 49 9.11 4.05 0.99
N LEU B 50 9.95 3.45 0.16
CA LEU B 50 11.33 3.17 0.53
C LEU B 50 12.19 4.42 0.36
N GLU B 51 12.93 4.78 1.39
CA GLU B 51 13.81 5.94 1.34
C GLU B 51 15.14 5.57 0.71
N ASP B 52 15.60 6.40 -0.21
CA ASP B 52 16.85 6.18 -0.94
C ASP B 52 18.05 6.02 0.00
N GLY B 53 18.05 6.76 1.10
CA GLY B 53 19.14 6.68 2.05
C GLY B 53 19.07 5.49 2.98
N ARG B 54 17.96 4.76 2.93
CA ARG B 54 17.79 3.60 3.81
C ARG B 54 18.26 2.32 3.13
N THR B 55 18.30 1.24 3.90
CA THR B 55 18.73 -0.05 3.38
C THR B 55 17.55 -1.02 3.34
N LEU B 56 17.78 -2.20 2.78
CA LEU B 56 16.74 -3.22 2.68
C LEU B 56 16.32 -3.70 4.07
N SER B 57 17.30 -3.84 4.96
CA SER B 57 17.04 -4.30 6.32
C SER B 57 16.24 -3.27 7.12
N ASP B 58 16.20 -2.04 6.62
CA ASP B 58 15.48 -0.95 7.30
C ASP B 58 13.98 -1.13 7.16
N TYR B 59 13.56 -1.96 6.21
CA TYR B 59 12.14 -2.20 5.99
C TYR B 59 11.81 -3.68 6.11
N ASN B 60 12.73 -4.43 6.72
CA ASN B 60 12.56 -5.88 6.92
C ASN B 60 12.42 -6.60 5.57
N ILE B 61 13.15 -6.13 4.58
CA ILE B 61 13.10 -6.72 3.25
C ILE B 61 14.04 -7.93 3.19
N GLN B 62 13.46 -9.10 2.99
CA GLN B 62 14.24 -10.33 2.90
C GLN B 62 14.44 -10.71 1.44
N LYS B 63 14.83 -11.96 1.19
CA LYS B 63 15.03 -12.42 -0.16
C LYS B 63 13.70 -12.79 -0.80
N GLU B 64 13.68 -12.82 -2.13
CA GLU B 64 12.47 -13.16 -2.90
C GLU B 64 11.35 -12.15 -2.66
N SER B 65 11.72 -10.97 -2.16
CA SER B 65 10.75 -9.92 -1.91
C SER B 65 10.40 -9.23 -3.22
N THR B 66 9.17 -8.77 -3.34
CA THR B 66 8.75 -8.12 -4.57
C THR B 66 8.48 -6.65 -4.35
N LEU B 67 9.44 -5.82 -4.72
CA LEU B 67 9.33 -4.38 -4.57
C LEU B 67 8.46 -3.84 -5.69
N HIS B 68 7.63 -2.86 -5.38
CA HIS B 68 6.75 -2.27 -6.38
C HIS B 68 7.29 -0.92 -6.81
N LEU B 69 7.61 -0.80 -8.10
CA LEU B 69 8.14 0.43 -8.65
C LEU B 69 7.02 1.31 -9.17
N VAL B 70 6.74 2.38 -8.44
CA VAL B 70 5.71 3.33 -8.82
C VAL B 70 6.36 4.53 -9.49
N LEU B 71 6.32 4.52 -10.82
CA LEU B 71 6.92 5.59 -11.63
C LEU B 71 6.45 6.97 -11.18
N ARG B 72 7.36 7.92 -11.13
CA ARG B 72 7.04 9.28 -10.73
C ARG B 72 6.66 10.10 -11.95
N LEU B 73 5.36 10.33 -12.10
CA LEU B 73 4.85 11.10 -13.22
C LEU B 73 5.39 12.52 -13.19
N ARG B 74 6.02 12.94 -14.28
CA ARG B 74 6.59 14.28 -14.36
C ARG B 74 5.95 15.06 -15.51
N GLY B 75 5.09 14.39 -16.27
CA GLY B 75 4.42 15.04 -17.37
C GLY B 75 2.99 14.59 -17.50
N GLY B 76 2.10 15.52 -17.81
CA GLY B 76 0.70 15.18 -17.95
C GLY B 76 -0.06 16.23 -18.73
N VAL A 1 -7.14 -20.67 19.68
CA VAL A 1 -6.65 -19.60 18.80
C VAL A 1 -7.44 -19.57 17.50
N LYS A 2 -7.79 -18.38 17.04
CA LYS A 2 -8.54 -18.21 15.80
C LYS A 2 -7.62 -18.48 14.61
N VAL A 3 -7.52 -19.76 14.23
CA VAL A 3 -6.68 -20.17 13.12
C VAL A 3 -7.05 -19.48 11.80
N PRO A 4 -8.34 -19.49 11.38
CA PRO A 4 -8.75 -18.85 10.12
C PRO A 4 -8.30 -17.39 10.03
N ARG A 5 -8.57 -16.63 11.09
CA ARG A 5 -8.18 -15.23 11.13
C ARG A 5 -6.67 -15.07 11.05
N ASN A 6 -5.97 -15.82 11.89
CA ASN A 6 -4.51 -15.76 11.94
C ASN A 6 -3.88 -16.13 10.59
N PHE A 7 -4.29 -17.26 10.04
CA PHE A 7 -3.75 -17.73 8.77
C PHE A 7 -4.09 -16.75 7.63
N ARG A 8 -5.30 -16.21 7.65
CA ARG A 8 -5.73 -15.26 6.63
C ARG A 8 -4.81 -14.05 6.64
N LEU A 9 -4.58 -13.52 7.83
CA LEU A 9 -3.73 -12.36 8.00
C LEU A 9 -2.28 -12.68 7.64
N LEU A 10 -1.88 -13.93 7.88
CA LEU A 10 -0.52 -14.36 7.53
C LEU A 10 -0.35 -14.32 6.02
N GLU A 11 -1.41 -14.68 5.31
CA GLU A 11 -1.40 -14.65 3.86
C GLU A 11 -1.37 -13.21 3.38
N GLU A 12 -2.20 -12.37 3.99
CA GLU A 12 -2.27 -10.96 3.64
C GLU A 12 -0.91 -10.29 3.83
N LEU A 13 -0.18 -10.76 4.83
CA LEU A 13 1.16 -10.24 5.12
C LEU A 13 2.06 -10.44 3.90
N GLU A 14 1.98 -11.61 3.32
CA GLU A 14 2.78 -11.95 2.15
C GLU A 14 2.20 -11.26 0.92
N GLU A 15 0.88 -11.13 0.87
CA GLU A 15 0.21 -10.48 -0.25
C GLU A 15 0.72 -9.07 -0.44
N GLY A 16 0.96 -8.37 0.66
CA GLY A 16 1.44 -7.00 0.61
C GLY A 16 2.89 -6.92 0.16
N GLN A 17 3.59 -8.05 0.24
CA GLN A 17 4.99 -8.11 -0.18
C GLN A 17 5.10 -8.58 -1.62
N LYS A 18 3.96 -8.91 -2.21
CA LYS A 18 3.91 -9.38 -3.59
C LYS A 18 3.10 -8.41 -4.45
N GLY A 19 1.86 -8.17 -4.05
CA GLY A 19 1.00 -7.27 -4.80
C GLY A 19 0.12 -8.02 -5.77
N VAL A 20 -0.48 -9.10 -5.30
CA VAL A 20 -1.35 -9.91 -6.14
C VAL A 20 -2.69 -9.19 -6.36
N GLY A 21 -2.92 -8.79 -7.60
CA GLY A 21 -4.13 -8.08 -7.93
C GLY A 21 -3.86 -6.94 -8.89
N ASP A 22 -4.16 -5.74 -8.45
CA ASP A 22 -3.93 -4.55 -9.26
C ASP A 22 -2.43 -4.34 -9.48
N GLY A 23 -1.67 -4.50 -8.42
CA GLY A 23 -0.23 -4.35 -8.51
C GLY A 23 0.27 -3.10 -7.80
N THR A 24 -0.60 -2.11 -7.68
CA THR A 24 -0.25 -0.86 -7.02
C THR A 24 -0.39 -0.96 -5.51
N VAL A 25 -1.46 -1.59 -5.07
CA VAL A 25 -1.74 -1.76 -3.65
C VAL A 25 -0.59 -2.43 -2.89
N SER A 26 -0.14 -1.77 -1.84
CA SER A 26 0.96 -2.27 -1.02
C SER A 26 0.62 -2.06 0.45
N TRP A 27 0.80 -3.08 1.26
CA TRP A 27 0.50 -2.98 2.68
C TRP A 27 1.37 -3.94 3.48
N GLY A 28 1.32 -3.79 4.80
CA GLY A 28 2.09 -4.65 5.67
C GLY A 28 1.71 -4.45 7.13
N LEU A 29 2.41 -5.13 8.02
CA LEU A 29 2.14 -5.02 9.45
C LEU A 29 2.58 -3.66 9.98
N GLU A 30 1.74 -3.04 10.79
CA GLU A 30 2.06 -1.74 11.37
C GLU A 30 3.06 -1.91 12.51
N ASP A 31 2.76 -2.85 13.39
CA ASP A 31 3.62 -3.11 14.53
C ASP A 31 4.86 -3.89 14.12
N ASP A 32 4.67 -4.80 13.17
CA ASP A 32 5.74 -5.66 12.64
C ASP A 32 6.14 -6.74 13.64
N GLU A 33 6.40 -6.33 14.87
CA GLU A 33 6.79 -7.26 15.92
C GLU A 33 5.58 -8.01 16.47
N ASP A 34 4.52 -7.27 16.75
CA ASP A 34 3.28 -7.87 17.27
C ASP A 34 2.68 -8.82 16.23
N MET A 35 2.65 -10.09 16.58
CA MET A 35 2.15 -11.13 15.68
C MET A 35 0.63 -11.30 15.77
N THR A 36 -0.04 -10.39 16.46
CA THR A 36 -1.50 -10.48 16.57
C THR A 36 -2.15 -10.17 15.23
N LEU A 37 -1.41 -9.43 14.40
CA LEU A 37 -1.87 -9.03 13.06
C LEU A 37 -3.16 -8.22 13.17
N THR A 38 -3.25 -7.41 14.22
CA THR A 38 -4.42 -6.58 14.44
C THR A 38 -4.30 -5.21 13.80
N ARG A 39 -3.08 -4.65 13.80
CA ARG A 39 -2.85 -3.33 13.22
C ARG A 39 -2.06 -3.44 11.93
N TRP A 40 -2.63 -2.94 10.85
CA TRP A 40 -1.99 -2.99 9.53
C TRP A 40 -1.80 -1.60 8.94
N THR A 41 -0.82 -1.50 8.06
CA THR A 41 -0.52 -0.25 7.36
C THR A 41 -0.76 -0.43 5.87
N GLY A 42 -1.81 0.18 5.36
CA GLY A 42 -2.11 0.08 3.95
C GLY A 42 -1.75 1.34 3.21
N MET A 43 -1.05 1.21 2.10
CA MET A 43 -0.65 2.37 1.33
C MET A 43 -1.25 2.32 -0.06
N ILE A 44 -2.00 3.35 -0.41
CA ILE A 44 -2.64 3.43 -1.71
C ILE A 44 -2.03 4.55 -2.54
N ILE A 45 -1.43 4.18 -3.67
CA ILE A 45 -0.83 5.16 -4.56
C ILE A 45 -1.88 5.71 -5.51
N GLY A 46 -2.05 7.02 -5.51
CA GLY A 46 -3.02 7.65 -6.36
C GLY A 46 -2.70 7.47 -7.84
N PRO A 47 -3.69 7.05 -8.64
CA PRO A 47 -3.49 6.83 -10.07
C PRO A 47 -3.29 8.14 -10.83
N PRO A 48 -2.40 8.14 -11.83
CA PRO A 48 -2.13 9.34 -12.64
C PRO A 48 -3.36 9.79 -13.41
N ARG A 49 -3.32 11.06 -13.86
CA ARG A 49 -4.40 11.66 -14.63
C ARG A 49 -5.66 11.89 -13.79
N THR A 50 -5.49 11.96 -12.48
CA THR A 50 -6.62 12.19 -11.57
C THR A 50 -6.22 13.19 -10.50
N ASN A 51 -7.15 13.50 -9.60
CA ASN A 51 -6.89 14.46 -8.53
C ASN A 51 -6.00 13.82 -7.45
N TYR A 52 -5.73 12.53 -7.62
CA TYR A 52 -4.89 11.79 -6.67
C TYR A 52 -3.58 11.37 -7.33
N GLU A 53 -3.32 11.89 -8.51
CA GLU A 53 -2.12 11.56 -9.27
C GLU A 53 -0.83 11.72 -8.46
N ASN A 54 -0.08 10.62 -8.34
CA ASN A 54 1.22 10.59 -7.65
C ASN A 54 1.08 10.66 -6.12
N ARG A 55 -0.11 10.99 -5.64
CA ARG A 55 -0.33 11.11 -4.20
C ARG A 55 -0.19 9.79 -3.47
N ILE A 56 0.36 9.85 -2.27
CA ILE A 56 0.55 8.66 -1.44
C ILE A 56 -0.38 8.74 -0.23
N TYR A 57 -1.37 7.85 -0.19
CA TYR A 57 -2.32 7.85 0.91
C TYR A 57 -2.06 6.69 1.85
N SER A 58 -1.85 7.02 3.12
CA SER A 58 -1.59 6.02 4.15
C SER A 58 -2.90 5.68 4.87
N LEU A 59 -3.16 4.40 5.04
CA LEU A 59 -4.37 3.93 5.70
C LEU A 59 -4.05 3.02 6.87
N LYS A 60 -4.90 3.07 7.89
CA LYS A 60 -4.74 2.23 9.06
C LYS A 60 -5.89 1.25 9.15
N VAL A 61 -5.59 -0.03 8.98
CA VAL A 61 -6.62 -1.06 9.03
C VAL A 61 -6.48 -1.90 10.30
N GLU A 62 -7.56 -2.03 11.03
CA GLU A 62 -7.57 -2.81 12.27
C GLU A 62 -8.58 -3.95 12.18
N CYS A 63 -8.07 -5.17 12.25
CA CYS A 63 -8.92 -6.35 12.19
C CYS A 63 -9.12 -6.93 13.58
N GLY A 64 -10.34 -6.87 14.08
CA GLY A 64 -10.63 -7.36 15.41
C GLY A 64 -10.77 -8.87 15.47
N PRO A 65 -11.26 -9.40 16.61
CA PRO A 65 -11.43 -10.85 16.82
C PRO A 65 -12.57 -11.45 16.00
N LYS A 66 -13.40 -10.61 15.41
CA LYS A 66 -14.52 -11.09 14.61
C LYS A 66 -14.10 -11.30 13.16
N TYR A 67 -12.87 -10.92 12.85
CA TYR A 67 -12.32 -11.07 11.50
C TYR A 67 -12.09 -12.56 11.22
N PRO A 68 -12.30 -13.03 9.97
CA PRO A 68 -12.74 -12.21 8.85
C PRO A 68 -14.25 -12.28 8.62
N GLU A 69 -14.99 -12.75 9.62
CA GLU A 69 -16.44 -12.86 9.50
C GLU A 69 -17.09 -11.47 9.51
N ALA A 70 -16.53 -10.59 10.32
CA ALA A 70 -17.05 -9.23 10.43
C ALA A 70 -16.08 -8.25 9.75
N PRO A 71 -16.59 -7.09 9.31
CA PRO A 71 -15.78 -6.08 8.63
C PRO A 71 -14.77 -5.42 9.59
N PRO A 72 -13.57 -5.11 9.09
CA PRO A 72 -12.52 -4.48 9.89
C PRO A 72 -12.70 -2.97 9.98
N SER A 73 -11.83 -2.32 10.72
CA SER A 73 -11.88 -0.87 10.88
C SER A 73 -10.87 -0.22 9.95
N VAL A 74 -11.33 0.70 9.11
CA VAL A 74 -10.47 1.37 8.16
C VAL A 74 -10.55 2.89 8.30
N ARG A 75 -9.40 3.53 8.42
CA ARG A 75 -9.33 4.98 8.54
C ARG A 75 -8.12 5.52 7.78
N PHE A 76 -8.29 6.69 7.20
CA PHE A 76 -7.22 7.33 6.42
C PHE A 76 -6.33 8.17 7.33
N VAL A 77 -5.05 8.20 6.99
CA VAL A 77 -4.09 9.00 7.74
C VAL A 77 -3.94 10.36 7.07
N THR A 78 -3.71 10.34 5.78
CA THR A 78 -3.55 11.54 4.99
C THR A 78 -4.93 12.13 4.67
N LYS A 79 -5.06 13.44 4.74
CA LYS A 79 -6.33 14.11 4.47
C LYS A 79 -6.77 13.88 3.03
N ILE A 80 -7.98 13.39 2.86
CA ILE A 80 -8.53 13.11 1.54
C ILE A 80 -10.03 13.41 1.50
N ASN A 81 -10.47 14.07 0.44
CA ASN A 81 -11.87 14.39 0.28
C ASN A 81 -12.52 13.40 -0.66
N MET A 82 -12.92 12.27 -0.10
CA MET A 82 -13.54 11.19 -0.88
C MET A 82 -14.88 10.79 -0.27
N ASN A 83 -15.84 10.48 -1.13
CA ASN A 83 -17.18 10.07 -0.71
C ASN A 83 -17.11 8.83 0.17
N GLY A 84 -17.47 8.99 1.44
CA GLY A 84 -17.45 7.87 2.37
C GLY A 84 -16.45 8.07 3.49
N ILE A 85 -15.59 9.07 3.37
CA ILE A 85 -14.58 9.33 4.38
C ILE A 85 -14.94 10.58 5.18
N ASN A 86 -14.80 10.49 6.50
CA ASN A 86 -15.09 11.62 7.38
C ASN A 86 -13.99 12.67 7.26
N ASN A 87 -14.38 13.93 7.19
CA ASN A 87 -13.43 15.04 7.04
C ASN A 87 -12.73 15.42 8.34
N SER A 88 -13.22 14.91 9.46
CA SER A 88 -12.62 15.24 10.74
C SER A 88 -11.72 14.10 11.25
N SER A 89 -12.31 12.93 11.45
CA SER A 89 -11.57 11.78 11.95
C SER A 89 -10.79 11.09 10.83
N GLY A 90 -11.38 11.06 9.65
CA GLY A 90 -10.74 10.42 8.52
C GLY A 90 -11.13 8.97 8.41
N MET A 91 -12.08 8.55 9.24
CA MET A 91 -12.53 7.16 9.23
C MET A 91 -13.43 6.91 8.03
N VAL A 92 -13.37 5.69 7.51
CA VAL A 92 -14.16 5.31 6.35
C VAL A 92 -15.51 4.74 6.78
N ASP A 93 -16.57 5.18 6.12
CA ASP A 93 -17.91 4.70 6.43
C ASP A 93 -18.19 3.41 5.67
N ALA A 94 -18.31 2.31 6.40
CA ALA A 94 -18.55 1.00 5.82
C ALA A 94 -19.83 0.96 4.99
N ARG A 95 -20.85 1.70 5.44
CA ARG A 95 -22.14 1.75 4.75
C ARG A 95 -22.01 2.34 3.35
N SER A 96 -20.97 3.14 3.12
CA SER A 96 -20.75 3.78 1.84
C SER A 96 -19.71 3.02 1.00
N ILE A 97 -19.24 1.89 1.51
CA ILE A 97 -18.26 1.09 0.79
C ILE A 97 -18.83 -0.30 0.52
N PRO A 98 -18.97 -0.66 -0.77
CA PRO A 98 -19.54 -1.96 -1.20
C PRO A 98 -18.99 -3.18 -0.45
N VAL A 99 -17.67 -3.31 -0.37
CA VAL A 99 -17.06 -4.47 0.29
C VAL A 99 -17.19 -4.43 1.81
N LEU A 100 -17.48 -3.27 2.36
CA LEU A 100 -17.62 -3.15 3.81
C LEU A 100 -19.09 -3.28 4.21
N ALA A 101 -19.98 -2.72 3.40
CA ALA A 101 -21.41 -2.80 3.66
C ALA A 101 -21.87 -4.25 3.57
N LYS A 102 -21.52 -4.89 2.47
CA LYS A 102 -21.86 -6.29 2.25
C LYS A 102 -20.59 -7.13 2.38
N TRP A 103 -19.99 -7.05 3.55
CA TRP A 103 -18.75 -7.76 3.84
C TRP A 103 -18.96 -9.27 3.93
N GLN A 104 -18.06 -10.00 3.31
CA GLN A 104 -18.11 -11.45 3.31
C GLN A 104 -16.79 -11.98 3.86
N ASN A 105 -16.81 -13.15 4.47
CA ASN A 105 -15.59 -13.73 5.05
C ASN A 105 -14.58 -14.10 3.96
N SER A 106 -15.02 -14.03 2.71
CA SER A 106 -14.15 -14.32 1.58
C SER A 106 -13.32 -13.10 1.21
N TYR A 107 -13.62 -11.97 1.82
CA TYR A 107 -12.90 -10.74 1.56
C TYR A 107 -11.62 -10.67 2.39
N SER A 108 -10.88 -9.59 2.20
CA SER A 108 -9.63 -9.38 2.91
C SER A 108 -9.25 -7.91 2.86
N ILE A 109 -8.16 -7.55 3.52
CA ILE A 109 -7.68 -6.17 3.52
C ILE A 109 -7.28 -5.78 2.10
N LYS A 110 -6.72 -6.76 1.40
CA LYS A 110 -6.29 -6.58 0.02
C LYS A 110 -7.46 -6.10 -0.84
N VAL A 111 -8.62 -6.69 -0.62
CA VAL A 111 -9.82 -6.35 -1.37
C VAL A 111 -10.28 -4.93 -1.00
N VAL A 112 -10.23 -4.60 0.28
CA VAL A 112 -10.64 -3.28 0.75
C VAL A 112 -9.81 -2.18 0.10
N LEU A 113 -8.49 -2.34 0.13
CA LEU A 113 -7.58 -1.35 -0.44
C LEU A 113 -7.83 -1.16 -1.94
N GLN A 114 -8.04 -2.28 -2.65
CA GLN A 114 -8.27 -2.22 -4.09
C GLN A 114 -9.63 -1.60 -4.38
N GLU A 115 -10.62 -1.89 -3.54
CA GLU A 115 -11.95 -1.34 -3.72
C GLU A 115 -11.94 0.17 -3.52
N LEU A 116 -11.26 0.61 -2.48
CA LEU A 116 -11.16 2.04 -2.17
C LEU A 116 -10.48 2.77 -3.31
N ARG A 117 -9.41 2.19 -3.86
CA ARG A 117 -8.68 2.80 -4.96
C ARG A 117 -9.58 2.91 -6.20
N ARG A 118 -10.42 1.90 -6.40
CA ARG A 118 -11.33 1.91 -7.55
C ARG A 118 -12.35 3.03 -7.38
N LEU A 119 -12.82 3.21 -6.15
CA LEU A 119 -13.80 4.25 -5.84
C LEU A 119 -13.18 5.64 -5.99
N MET A 120 -11.87 5.73 -5.80
CA MET A 120 -11.16 7.00 -5.95
C MET A 120 -11.17 7.43 -7.41
N MET A 121 -11.22 6.45 -8.30
CA MET A 121 -11.25 6.71 -9.73
C MET A 121 -12.67 6.82 -10.24
N SER A 122 -13.64 6.76 -9.32
CA SER A 122 -15.04 6.86 -9.69
C SER A 122 -15.37 8.31 -10.04
N LYS A 123 -16.37 8.49 -10.90
CA LYS A 123 -16.77 9.82 -11.36
C LYS A 123 -17.08 10.78 -10.20
N GLU A 124 -17.63 10.27 -9.11
CA GLU A 124 -17.98 11.11 -7.97
C GLU A 124 -16.82 11.32 -7.01
N ASN A 125 -15.62 10.86 -7.37
CA ASN A 125 -14.45 11.01 -6.48
C ASN A 125 -13.22 11.51 -7.23
N MET A 126 -13.07 11.09 -8.47
CA MET A 126 -11.91 11.46 -9.28
C MET A 126 -11.84 12.95 -9.57
N LYS A 127 -12.96 13.66 -9.41
CA LYS A 127 -12.98 15.10 -9.67
C LYS A 127 -13.42 15.87 -8.43
N LEU A 128 -12.94 15.45 -7.27
CA LEU A 128 -13.26 16.12 -6.02
C LEU A 128 -12.08 16.95 -5.53
N PRO A 129 -12.34 18.20 -5.10
CA PRO A 129 -11.29 19.10 -4.59
C PRO A 129 -10.56 18.48 -3.41
N GLN A 130 -9.27 18.21 -3.57
CA GLN A 130 -8.48 17.60 -2.52
C GLN A 130 -7.72 18.65 -1.72
N PRO A 131 -7.63 18.45 -0.40
CA PRO A 131 -6.92 19.36 0.51
C PRO A 131 -5.42 19.34 0.26
N PRO A 132 -4.68 20.34 0.81
CA PRO A 132 -3.23 20.45 0.66
C PRO A 132 -2.51 19.12 0.91
N GLU A 133 -1.69 18.72 -0.05
CA GLU A 133 -0.94 17.48 0.04
C GLU A 133 0.06 17.52 1.20
N GLY A 134 0.03 16.49 2.03
CA GLY A 134 0.95 16.42 3.15
C GLY A 134 0.24 16.59 4.47
N GLN A 135 -1.02 16.98 4.43
CA GLN A 135 -1.80 17.18 5.64
C GLN A 135 -2.36 15.86 6.17
N THR A 136 -2.30 15.69 7.47
CA THR A 136 -2.80 14.49 8.11
C THR A 136 -4.00 14.83 9.00
N TYR A 137 -4.82 13.83 9.29
CA TYR A 137 -5.99 14.04 10.13
C TYR A 137 -5.59 14.30 11.57
N ASN A 138 -4.53 13.63 11.99
CA ASN A 138 -4.00 13.78 13.34
C ASN A 138 -2.57 14.28 13.25
N ASN A 139 -2.01 14.69 14.39
CA ASN A 139 -0.63 15.20 14.44
C ASN A 139 -0.47 16.39 13.51
N MET B 1 21.63 -11.53 -2.42
CA MET B 1 20.35 -12.29 -2.47
C MET B 1 19.54 -11.85 -3.67
N GLN B 2 18.64 -12.72 -4.12
CA GLN B 2 17.80 -12.43 -5.28
C GLN B 2 16.45 -11.85 -4.86
N ILE B 3 16.07 -10.75 -5.51
CA ILE B 3 14.79 -10.10 -5.27
C ILE B 3 14.11 -9.80 -6.61
N PHE B 4 12.85 -9.40 -6.56
CA PHE B 4 12.11 -9.10 -7.77
C PHE B 4 11.51 -7.69 -7.69
N VAL B 5 11.59 -6.97 -8.78
CA VAL B 5 11.05 -5.62 -8.83
C VAL B 5 9.87 -5.58 -9.80
N LYS B 6 8.69 -5.32 -9.26
CA LYS B 6 7.48 -5.27 -10.06
C LYS B 6 7.16 -3.83 -10.41
N THR B 7 7.23 -3.51 -11.69
CA THR B 7 6.94 -2.17 -12.16
C THR B 7 5.43 -1.98 -12.32
N LEU B 8 4.99 -0.74 -12.43
CA LEU B 8 3.57 -0.46 -12.62
C LEU B 8 3.15 -0.91 -14.02
N THR B 9 4.12 -1.03 -14.90
CA THR B 9 3.90 -1.48 -16.26
C THR B 9 3.57 -2.97 -16.29
N GLY B 10 4.26 -3.73 -15.44
CA GLY B 10 4.01 -5.16 -15.37
C GLY B 10 5.29 -5.97 -15.50
N LYS B 11 6.34 -5.35 -16.03
CA LYS B 11 7.61 -6.02 -16.21
C LYS B 11 8.26 -6.32 -14.87
N THR B 12 8.32 -7.59 -14.52
CA THR B 12 8.94 -8.02 -13.27
C THR B 12 10.39 -8.37 -13.52
N ILE B 13 11.29 -7.50 -13.08
CA ILE B 13 12.71 -7.73 -13.28
C ILE B 13 13.36 -8.39 -12.06
N THR B 14 14.53 -8.97 -12.28
CA THR B 14 15.25 -9.62 -11.21
C THR B 14 16.43 -8.74 -10.78
N LEU B 15 16.76 -8.77 -9.50
CA LEU B 15 17.87 -7.97 -9.00
C LEU B 15 18.62 -8.69 -7.90
N GLU B 16 19.91 -8.43 -7.80
CA GLU B 16 20.75 -9.04 -6.79
C GLU B 16 21.26 -7.97 -5.84
N VAL B 17 20.76 -7.98 -4.62
CA VAL B 17 21.17 -7.01 -3.61
C VAL B 17 21.46 -7.70 -2.29
N GLU B 18 22.17 -7.00 -1.43
CA GLU B 18 22.51 -7.51 -0.11
C GLU B 18 21.63 -6.84 0.93
N PRO B 19 21.40 -7.47 2.08
CA PRO B 19 20.56 -6.89 3.15
C PRO B 19 21.03 -5.52 3.60
N SER B 20 22.34 -5.27 3.49
CA SER B 20 22.92 -4.00 3.90
C SER B 20 22.92 -2.98 2.76
N ASP B 21 22.34 -3.35 1.62
CA ASP B 21 22.29 -2.46 0.48
C ASP B 21 21.26 -1.37 0.69
N THR B 22 21.57 -0.16 0.23
CA THR B 22 20.66 0.96 0.37
C THR B 22 19.72 1.03 -0.82
N ILE B 23 18.55 1.62 -0.61
CA ILE B 23 17.56 1.75 -1.66
C ILE B 23 18.10 2.56 -2.84
N GLU B 24 18.98 3.51 -2.54
CA GLU B 24 19.59 4.34 -3.58
C GLU B 24 20.41 3.48 -4.53
N ASN B 25 21.18 2.56 -3.96
CA ASN B 25 22.01 1.67 -4.75
C ASN B 25 21.12 0.71 -5.54
N VAL B 26 20.01 0.33 -4.93
CA VAL B 26 19.06 -0.56 -5.58
C VAL B 26 18.54 0.09 -6.86
N LYS B 27 18.18 1.36 -6.76
CA LYS B 27 17.69 2.11 -7.90
C LYS B 27 18.76 2.21 -8.98
N ALA B 28 20.00 2.39 -8.55
CA ALA B 28 21.14 2.49 -9.46
C ALA B 28 21.31 1.19 -10.24
N LYS B 29 21.15 0.07 -9.55
CA LYS B 29 21.28 -1.23 -10.19
C LYS B 29 20.20 -1.42 -11.25
N ILE B 30 19.00 -0.94 -10.95
CA ILE B 30 17.88 -1.02 -11.88
C ILE B 30 18.16 -0.16 -13.10
N GLN B 31 18.77 1.00 -12.88
CA GLN B 31 19.10 1.93 -13.95
C GLN B 31 20.21 1.36 -14.84
N ASP B 32 20.99 0.45 -14.27
CA ASP B 32 22.10 -0.16 -15.01
C ASP B 32 21.59 -1.17 -16.04
N LYS B 33 20.59 -1.96 -15.67
CA LYS B 33 20.07 -2.97 -16.57
C LYS B 33 18.82 -2.50 -17.33
N GLU B 34 17.91 -1.81 -16.64
CA GLU B 34 16.69 -1.34 -17.29
C GLU B 34 16.87 0.04 -17.91
N GLY B 35 17.60 0.90 -17.21
CA GLY B 35 17.83 2.24 -17.72
C GLY B 35 16.88 3.27 -17.11
N ILE B 36 16.09 2.83 -16.14
CA ILE B 36 15.13 3.70 -15.47
C ILE B 36 15.85 4.63 -14.50
N PRO B 37 15.76 5.96 -14.71
CA PRO B 37 16.40 6.93 -13.83
C PRO B 37 15.85 6.86 -12.40
N PRO B 38 16.73 6.80 -11.39
CA PRO B 38 16.33 6.73 -9.97
C PRO B 38 15.34 7.82 -9.56
N ASP B 39 15.40 8.95 -10.24
CA ASP B 39 14.52 10.07 -9.96
C ASP B 39 13.06 9.67 -10.20
N GLN B 40 12.84 8.85 -11.21
CA GLN B 40 11.51 8.40 -11.57
C GLN B 40 11.21 7.05 -10.91
N GLN B 41 12.10 6.63 -10.04
CA GLN B 41 11.96 5.36 -9.35
C GLN B 41 11.46 5.57 -7.93
N ARG B 42 10.24 5.14 -7.66
CA ARG B 42 9.66 5.25 -6.33
C ARG B 42 9.24 3.87 -5.87
N LEU B 43 10.11 3.24 -5.09
CA LEU B 43 9.86 1.89 -4.60
C LEU B 43 8.98 1.88 -3.36
N ILE B 44 7.91 1.11 -3.43
CA ILE B 44 6.98 0.96 -2.32
C ILE B 44 6.97 -0.49 -1.86
N PHE B 45 7.15 -0.72 -0.56
CA PHE B 45 7.14 -2.07 -0.02
C PHE B 45 6.57 -2.06 1.38
N ALA B 46 5.78 -3.10 1.69
CA ALA B 46 5.16 -3.25 3.02
C ALA B 46 4.28 -2.04 3.35
N GLY B 47 3.80 -1.35 2.32
CA GLY B 47 2.95 -0.20 2.53
C GLY B 47 3.72 1.02 3.01
N ARG B 48 5.00 1.08 2.68
CA ARG B 48 5.83 2.19 3.08
C ARG B 48 6.76 2.61 1.94
N GLN B 49 7.14 3.88 1.95
CA GLN B 49 8.01 4.42 0.92
C GLN B 49 9.47 4.11 1.27
N LEU B 50 10.16 3.44 0.37
CA LEU B 50 11.55 3.07 0.60
C LEU B 50 12.47 4.27 0.35
N GLU B 51 12.98 4.85 1.43
CA GLU B 51 13.87 6.01 1.32
C GLU B 51 15.23 5.57 0.75
N ASP B 52 15.73 6.36 -0.19
CA ASP B 52 17.00 6.08 -0.87
C ASP B 52 18.15 5.81 0.11
N GLY B 53 18.26 6.67 1.12
CA GLY B 53 19.33 6.53 2.10
C GLY B 53 19.12 5.39 3.07
N ARG B 54 17.95 4.79 3.08
CA ARG B 54 17.66 3.69 3.99
C ARG B 54 18.10 2.36 3.39
N THR B 55 18.24 1.36 4.25
CA THR B 55 18.66 0.04 3.81
C THR B 55 17.47 -0.90 3.69
N LEU B 56 17.67 -2.01 2.99
CA LEU B 56 16.62 -3.00 2.82
C LEU B 56 16.21 -3.59 4.18
N SER B 57 17.15 -3.58 5.12
CA SER B 57 16.90 -4.10 6.46
C SER B 57 16.09 -3.11 7.31
N ASP B 58 15.83 -1.92 6.77
CA ASP B 58 15.07 -0.90 7.50
C ASP B 58 13.58 -1.06 7.27
N TYR B 59 13.21 -1.86 6.27
CA TYR B 59 11.79 -2.06 5.95
C TYR B 59 11.43 -3.53 5.99
N ASN B 60 12.27 -4.32 6.67
CA ASN B 60 12.05 -5.77 6.79
C ASN B 60 11.94 -6.41 5.41
N ILE B 61 12.84 -6.02 4.51
CA ILE B 61 12.85 -6.57 3.16
C ILE B 61 13.78 -7.76 3.10
N GLN B 62 13.26 -8.89 2.63
CA GLN B 62 14.05 -10.10 2.54
C GLN B 62 14.19 -10.54 1.09
N LYS B 63 14.69 -11.76 0.90
CA LYS B 63 14.86 -12.30 -0.44
C LYS B 63 13.51 -12.69 -1.03
N GLU B 64 13.44 -12.78 -2.35
CA GLU B 64 12.22 -13.15 -3.07
C GLU B 64 11.10 -12.11 -2.91
N SER B 65 11.41 -10.97 -2.32
CA SER B 65 10.43 -9.92 -2.12
C SER B 65 10.14 -9.21 -3.43
N THR B 66 8.90 -8.78 -3.61
CA THR B 66 8.51 -8.08 -4.82
C THR B 66 8.29 -6.60 -4.53
N LEU B 67 9.31 -5.80 -4.82
CA LEU B 67 9.23 -4.36 -4.62
C LEU B 67 8.37 -3.73 -5.70
N HIS B 68 7.52 -2.78 -5.32
CA HIS B 68 6.65 -2.12 -6.27
C HIS B 68 7.28 -0.82 -6.73
N LEU B 69 7.62 -0.74 -8.01
CA LEU B 69 8.23 0.44 -8.57
C LEU B 69 7.18 1.37 -9.18
N VAL B 70 6.89 2.46 -8.48
CA VAL B 70 5.92 3.44 -8.94
C VAL B 70 6.60 4.44 -9.87
N LEU B 71 6.64 4.11 -11.15
CA LEU B 71 7.27 4.96 -12.15
C LEU B 71 6.44 6.21 -12.40
N ARG B 72 7.12 7.34 -12.44
CA ARG B 72 6.46 8.62 -12.68
C ARG B 72 6.93 9.21 -14.00
N LEU B 73 6.11 9.06 -15.04
CA LEU B 73 6.45 9.56 -16.35
C LEU B 73 6.15 11.05 -16.44
N ARG B 74 7.03 11.79 -17.11
CA ARG B 74 6.86 13.23 -17.24
C ARG B 74 6.67 13.62 -18.70
N GLY B 75 5.71 14.49 -18.95
CA GLY B 75 5.45 14.93 -20.30
C GLY B 75 4.04 14.62 -20.74
N GLY B 76 3.31 15.65 -21.14
CA GLY B 76 1.94 15.46 -21.58
C GLY B 76 0.97 16.23 -20.73
#